data_8WDA
#
_entry.id   8WDA
#
_cell.length_a   1.00
_cell.length_b   1.00
_cell.length_c   1.00
_cell.angle_alpha   90.00
_cell.angle_beta   90.00
_cell.angle_gamma   90.00
#
_symmetry.space_group_name_H-M   'P 1'
#
loop_
_entity.id
_entity.type
_entity.pdbx_description
1 polymer 'Probable periplasmic dipeptide-binding lipoprotein DppA'
2 polymer 'Probable dipeptide-transport integral membrane protein ABC transporter DppB'
3 polymer 'Probable dipeptide-transport integral membrane protein ABC transporter DppC'
4 polymer tetrapeptide
5 polymer 'Probable dipeptide-transport ATP-binding protein ABC transporter DppD'
6 non-polymer 'PALMITIC ACID'
7 non-polymer '(2S)-1-(hexadecanoyloxy)propan-2-yl (10S)-10-methyloctadecanoate'
#
loop_
_entity_poly.entity_id
_entity_poly.type
_entity_poly.pdbx_seq_one_letter_code
_entity_poly.pdbx_strand_id
1 'polypeptide(L)'
;CGGGVLSPDVVLVNGGEPPNPLIPTGTNDSNGGRIIDRLFAGLMSYDAVGKPSLEVAQSIESADNVNYRITVKPGWKFTD
GSPVTAHSFVDAWNYGALSTNAQLQQHFFSPIEGFDDVAGAPGDKSRTTMSGLRVVNDLEFTVRLKAPTIDFTLRLGHSS
FYPLPDSAFRDMAAFGRNPIGNGPYKLADGPAGPAWEHNVRIDLVPNPDYHGNRKPRNKGLRFEFYANLDTAYADLLSGN
LDVLDTIPPSALTVYQRDLGDHATSGPAAINQTLDTPLRLPHFGGEEGRLRRLALSAAINRPQICQQIFAGTRSPARDFT
ARSLPGFDPNLPGNEVLDYDPQRARRLWAQADAISPWSGRYAIAYNADAGHRDWVDAVANSIKNVLGIDAVAAPQPTFAG
FRTQITNRAIDSAFRAGWRGDYPSMIEFLAPLFTAGAGSNDVGYINPEFDAALAAAEAAPTLTESHELVNDAQRILFHDM
PVVPLWDYISVVGWSSQVSNVTVTWNGLPDYENIVKA
;
A
2 'polypeptide(L)'
;MGWYVARRVAVMVPVFLGATLLIYGMVFLLPGDPVAALAGDRPLTPAVAAQLRSHYHLDDPFLVQYLRYLGGILHGDLGR
AYSGLPVSAVLAHAFPVTIRLALIALAVEAVLGIGFGVIAGLRQGGIFDSAVLVTGLVIIAIPIFVLGFLAQFLFGVQLE
IAPVTVGERASVGRLLLPGIVLGAMSFAYVVRLTRSAVAANAHADYVRTATAKGLSRPRVVTVHILRNSLIPVVTFLGAD
LGALMGGAIVTEGIFNIHGVGGVLYQAVTRQETPTVVSIVTVLVLIYLITNLLVDLLYAALDPRIRYG
;
B
3 'polypeptide(L)'
;MAEHTGFWLDAWRGLRRRPKFVIAAALILLILVVAAFPSLFTAADPTYADPSQSMLAPSAAHWFGTDLQGHDIYSRTVYG
ARASVTVGLGATLAVFVVGGALGALAGFYGSWIDAVVSRVTDVFLGLPLLLAAIVLMQVMHHRTVWTVIAILALFGWPQV
ARIARGAVLEVRASDYVLAAKALGLNRFQILLRHALPNAVGPVIAVATVALGIFIVTEATLSYLGVGLPTSVVSWGGDIN
VAQTRLRSGSPILFYPAGALAITVLAFMMMGDALRDALDPASRAWRA
;
C
4 'polypeptide(L)' AVAA E
5 'polypeptide(L)'
;MSVPAAPLLSVEGLEVTFGTDAPAVCGVDLAVRSGQTVAVVGESGSGKSTTAAAILGLLPAGGRITAGRVVFDGRDITGA
DAKRLRSIRGREIGYVPQDPMTNLNPVWKVGFQVTEALRANTDGRAARRRAVELLAEAGLPDPAKQAGRYPHQLSGGMCQ
RALIAIGLAGRPRLLIADEPTSALDVTVQRQVLDHLQGLTDELGTALLLITHDLALAAQRAEAVVVVRRGVVVESGAAQS
ILQSPQHEYTRRLVAAAPSLTARSRRPPESRSRATTQAGDILVVSELTKIYRESRGAPWRRVESRAVDGVSFRLPRASTL
AIVGESGSGKSTLARMVLGLLQPTSGTVVFDGTYDVGALARDQVLAFRRRVQPVFQNPYSSLDPMYSVFRAIEEPLRVHH
VGDRRQRQRAVRELVDQVALPSSILGRRPRELSGGQRQRVAIARALALRPEVLVCDEAVSALDVLVQAQILDLLADLQAD
LGLTYLFISHDLAVIRQIADDVLVMRAGRVVEHASTEEVFSRPRHEYTRQLLQAIPGAPSAPRKVGNL
;
D
#
loop_
_chem_comp.id
_chem_comp.type
_chem_comp.name
_chem_comp.formula
9XX non-polymer '(2S)-1-(hexadecanoyloxy)propan-2-yl (10S)-10-methyloctadecanoate' 'C38 H74 O4'
PLM non-polymer 'PALMITIC ACID' 'C16 H32 O2'
#
# COMPACT_ATOMS: atom_id res chain seq x y z
N CYS A 1 -24.62 -15.13 -12.32
CA CYS A 1 -23.35 -14.69 -12.90
C CYS A 1 -22.24 -15.71 -12.64
N GLY A 2 -22.55 -16.70 -11.82
CA GLY A 2 -21.57 -17.72 -11.49
C GLY A 2 -22.07 -18.59 -10.35
N GLY A 3 -21.18 -19.48 -9.92
CA GLY A 3 -21.50 -20.40 -8.84
C GLY A 3 -20.65 -21.64 -8.84
N GLY A 4 -21.26 -22.77 -8.47
CA GLY A 4 -20.57 -24.04 -8.40
C GLY A 4 -21.18 -25.06 -9.34
N VAL A 5 -20.48 -26.18 -9.48
CA VAL A 5 -20.89 -27.25 -10.39
C VAL A 5 -21.51 -28.43 -9.66
N LEU A 6 -21.29 -28.57 -8.36
CA LEU A 6 -21.89 -29.68 -7.62
C LEU A 6 -23.41 -29.55 -7.64
N SER A 7 -24.08 -30.70 -7.65
CA SER A 7 -25.54 -30.69 -7.70
C SER A 7 -26.11 -30.19 -6.37
N PRO A 8 -27.25 -29.51 -6.41
CA PRO A 8 -27.92 -29.15 -5.15
C PRO A 8 -28.61 -30.34 -4.51
N ASP A 9 -27.93 -31.48 -4.47
CA ASP A 9 -28.44 -32.68 -3.83
C ASP A 9 -27.41 -33.36 -2.95
N VAL A 10 -26.15 -32.91 -2.97
CA VAL A 10 -25.14 -33.40 -2.06
C VAL A 10 -25.34 -32.73 -0.71
N VAL A 11 -25.18 -33.50 0.36
CA VAL A 11 -25.42 -33.01 1.72
C VAL A 11 -24.10 -32.54 2.32
N LEU A 12 -23.92 -31.24 2.41
CA LEU A 12 -22.68 -30.67 2.93
C LEU A 12 -22.63 -30.82 4.45
N VAL A 13 -21.54 -31.41 4.95
CA VAL A 13 -21.32 -31.59 6.37
C VAL A 13 -19.94 -31.04 6.68
N ASN A 14 -19.69 -30.78 7.96
CA ASN A 14 -18.37 -30.34 8.38
C ASN A 14 -17.48 -31.54 8.70
N GLY A 15 -16.18 -31.28 8.83
CA GLY A 15 -15.26 -32.34 9.13
C GLY A 15 -13.90 -31.81 9.50
N GLY A 16 -12.89 -32.64 9.26
CA GLY A 16 -11.51 -32.27 9.53
C GLY A 16 -10.57 -33.19 8.80
N GLU A 17 -9.33 -32.75 8.69
CA GLU A 17 -8.35 -33.52 7.92
C GLU A 17 -7.86 -34.71 8.74
N PRO A 18 -7.86 -35.91 8.19
CA PRO A 18 -7.33 -37.07 8.92
C PRO A 18 -5.83 -36.98 9.07
N PRO A 19 -5.31 -37.10 10.29
CA PRO A 19 -3.85 -37.09 10.46
C PRO A 19 -3.15 -38.33 9.97
N ASN A 20 -3.88 -39.38 9.62
CA ASN A 20 -3.32 -40.65 9.19
C ASN A 20 -4.02 -41.12 7.93
N PRO A 21 -3.36 -41.95 7.12
CA PRO A 21 -4.01 -42.47 5.92
C PRO A 21 -5.25 -43.29 6.25
N LEU A 22 -6.12 -43.44 5.25
CA LEU A 22 -7.42 -44.07 5.45
C LEU A 22 -7.26 -45.60 5.41
N ILE A 23 -6.72 -46.13 6.50
CA ILE A 23 -6.59 -47.56 6.72
C ILE A 23 -7.34 -47.87 8.02
N PRO A 24 -8.20 -48.91 8.05
CA PRO A 24 -9.01 -49.16 9.24
C PRO A 24 -8.21 -49.30 10.53
N THR A 25 -7.22 -50.19 10.54
CA THR A 25 -6.42 -50.43 11.74
C THR A 25 -5.29 -49.44 11.91
N GLY A 26 -5.35 -48.29 11.24
CA GLY A 26 -4.29 -47.31 11.36
C GLY A 26 -4.78 -45.96 11.84
N THR A 27 -6.09 -45.82 11.97
CA THR A 27 -6.71 -44.58 12.40
C THR A 27 -7.18 -44.73 13.85
N ASN A 28 -6.90 -43.71 14.67
CA ASN A 28 -7.39 -43.66 16.03
C ASN A 28 -8.01 -42.30 16.35
N ASP A 29 -8.60 -41.64 15.36
CA ASP A 29 -9.21 -40.33 15.55
C ASP A 29 -10.58 -40.31 14.90
N SER A 30 -11.44 -39.42 15.41
CA SER A 30 -12.80 -39.30 14.88
C SER A 30 -12.80 -38.64 13.52
N ASN A 31 -11.85 -37.74 13.26
CA ASN A 31 -11.77 -37.07 11.96
C ASN A 31 -11.58 -38.06 10.82
N GLY A 32 -11.02 -39.23 11.10
CA GLY A 32 -10.87 -40.26 10.08
C GLY A 32 -11.89 -41.36 10.25
N GLY A 33 -12.34 -41.56 11.49
CA GLY A 33 -13.39 -42.54 11.72
C GLY A 33 -14.69 -42.20 11.03
N ARG A 34 -15.07 -40.92 11.06
CA ARG A 34 -16.33 -40.51 10.44
C ARG A 34 -16.29 -40.59 8.92
N ILE A 35 -15.20 -41.07 8.33
CA ILE A 35 -15.13 -41.40 6.92
C ILE A 35 -14.92 -42.88 6.68
N ILE A 36 -14.08 -43.51 7.51
CA ILE A 36 -13.89 -44.96 7.40
C ILE A 36 -15.22 -45.68 7.63
N ASP A 37 -16.00 -45.25 8.61
CA ASP A 37 -17.28 -45.88 8.88
C ASP A 37 -18.27 -45.68 7.73
N ARG A 38 -18.11 -44.63 6.94
CA ARG A 38 -18.92 -44.47 5.74
C ARG A 38 -18.45 -45.41 4.63
N LEU A 39 -17.13 -45.58 4.51
CA LEU A 39 -16.59 -46.30 3.37
C LEU A 39 -16.74 -47.82 3.52
N PHE A 40 -16.54 -48.36 4.71
CA PHE A 40 -16.50 -49.79 4.91
C PHE A 40 -17.78 -50.30 5.58
N ALA A 41 -17.82 -51.61 5.81
CA ALA A 41 -18.95 -52.25 6.47
C ALA A 41 -18.48 -53.57 7.06
N GLY A 42 -18.49 -53.68 8.38
CA GLY A 42 -17.90 -54.80 9.07
C GLY A 42 -18.91 -55.88 9.43
N LEU A 43 -18.53 -56.72 10.39
CA LEU A 43 -19.36 -57.86 10.77
C LEU A 43 -20.64 -57.46 11.48
N MET A 44 -20.69 -56.25 12.04
CA MET A 44 -21.86 -55.81 12.78
C MET A 44 -22.00 -54.30 12.63
N SER A 45 -23.23 -53.82 12.64
CA SER A 45 -23.53 -52.41 12.46
C SER A 45 -24.20 -51.87 13.72
N TYR A 46 -23.88 -50.64 14.06
CA TYR A 46 -24.44 -49.95 15.22
C TYR A 46 -25.48 -48.95 14.73
N ASP A 47 -26.67 -48.99 15.35
CA ASP A 47 -27.68 -47.99 15.06
C ASP A 47 -27.43 -46.74 15.91
N ALA A 48 -28.42 -45.84 15.94
CA ALA A 48 -28.24 -44.58 16.65
C ALA A 48 -28.04 -44.79 18.13
N VAL A 49 -28.79 -45.71 18.74
CA VAL A 49 -28.70 -45.90 20.18
C VAL A 49 -27.42 -46.65 20.56
N GLY A 50 -26.89 -47.46 19.66
CA GLY A 50 -25.66 -48.19 19.90
C GLY A 50 -25.80 -49.69 20.05
N LYS A 51 -26.86 -50.29 19.55
CA LYS A 51 -27.08 -51.72 19.69
C LYS A 51 -26.66 -52.44 18.42
N PRO A 52 -25.83 -53.48 18.50
CA PRO A 52 -25.25 -54.07 17.29
C PRO A 52 -26.19 -55.08 16.64
N SER A 53 -26.22 -55.05 15.31
CA SER A 53 -26.98 -55.99 14.52
C SER A 53 -26.09 -56.61 13.45
N LEU A 54 -26.43 -57.83 13.04
CA LEU A 54 -25.60 -58.56 12.09
C LEU A 54 -25.61 -57.88 10.73
N GLU A 55 -24.43 -57.45 10.28
CA GLU A 55 -24.29 -56.73 9.01
C GLU A 55 -23.81 -57.62 7.87
N VAL A 56 -22.63 -58.24 8.02
CA VAL A 56 -22.08 -59.10 6.99
C VAL A 56 -22.13 -60.55 7.48
N ALA A 57 -21.90 -60.75 8.76
CA ALA A 57 -21.92 -62.09 9.33
C ALA A 57 -23.31 -62.68 9.24
N GLN A 58 -23.38 -63.98 8.96
CA GLN A 58 -24.65 -64.68 8.95
C GLN A 58 -25.00 -65.26 10.31
N SER A 59 -24.00 -65.69 11.07
CA SER A 59 -24.22 -66.18 12.42
C SER A 59 -22.92 -66.07 13.19
N ILE A 60 -23.03 -65.72 14.47
CA ILE A 60 -21.89 -65.63 15.39
C ILE A 60 -22.26 -66.46 16.60
N GLU A 61 -21.86 -67.73 16.60
CA GLU A 61 -22.28 -68.67 17.63
C GLU A 61 -21.12 -69.01 18.55
N SER A 62 -21.47 -69.58 19.70
CA SER A 62 -20.51 -69.95 20.73
C SER A 62 -21.20 -70.91 21.70
N ALA A 63 -20.38 -71.57 22.52
CA ALA A 63 -20.87 -72.51 23.51
C ALA A 63 -20.52 -72.11 24.94
N ASP A 64 -19.33 -71.55 25.17
CA ASP A 64 -18.93 -71.13 26.50
C ASP A 64 -18.19 -69.79 26.48
N ASN A 65 -18.41 -68.96 25.47
CA ASN A 65 -17.91 -67.59 25.38
C ASN A 65 -16.39 -67.51 25.30
N VAL A 66 -15.72 -68.59 24.92
CA VAL A 66 -14.28 -68.54 24.69
C VAL A 66 -14.00 -69.05 23.28
N ASN A 67 -14.91 -69.85 22.75
CA ASN A 67 -14.80 -70.41 21.40
C ASN A 67 -15.91 -69.82 20.55
N TYR A 68 -15.54 -69.10 19.49
CA TYR A 68 -16.51 -68.45 18.64
C TYR A 68 -16.43 -68.99 17.22
N ARG A 69 -17.58 -69.09 16.57
CA ARG A 69 -17.67 -69.54 15.19
C ARG A 69 -18.49 -68.52 14.41
N ILE A 70 -17.91 -67.97 13.35
CA ILE A 70 -18.53 -66.90 12.57
C ILE A 70 -18.70 -67.36 11.14
N THR A 71 -19.88 -67.12 10.59
CA THR A 71 -20.19 -67.41 9.21
C THR A 71 -20.40 -66.10 8.47
N VAL A 72 -20.39 -66.14 7.14
CA VAL A 72 -20.43 -64.94 6.32
C VAL A 72 -21.54 -65.08 5.27
N LYS A 73 -22.32 -64.02 5.11
CA LYS A 73 -23.37 -63.99 4.09
C LYS A 73 -22.73 -64.05 2.70
N PRO A 74 -23.08 -65.03 1.88
CA PRO A 74 -22.48 -65.12 0.55
C PRO A 74 -23.12 -64.12 -0.41
N GLY A 75 -22.30 -63.34 -1.09
CA GLY A 75 -22.79 -62.44 -2.11
C GLY A 75 -22.38 -61.00 -1.93
N TRP A 76 -21.38 -60.75 -1.10
CA TRP A 76 -20.87 -59.40 -0.90
C TRP A 76 -19.69 -59.14 -1.81
N LYS A 77 -19.34 -57.86 -1.96
CA LYS A 77 -18.32 -57.45 -2.90
C LYS A 77 -17.74 -56.11 -2.47
N PHE A 78 -16.42 -55.98 -2.61
CA PHE A 78 -15.81 -54.67 -2.52
C PHE A 78 -16.18 -53.87 -3.77
N THR A 79 -15.95 -52.55 -3.71
CA THR A 79 -16.24 -51.75 -4.90
C THR A 79 -15.14 -51.86 -5.94
N ASP A 80 -14.70 -53.10 -6.20
CA ASP A 80 -13.71 -53.40 -7.22
C ASP A 80 -14.05 -54.65 -8.01
N GLY A 81 -14.94 -55.52 -7.52
CA GLY A 81 -15.29 -56.78 -8.16
C GLY A 81 -14.92 -57.99 -7.34
N SER A 82 -13.98 -57.85 -6.42
CA SER A 82 -13.49 -59.00 -5.65
C SER A 82 -14.42 -59.27 -4.47
N PRO A 83 -14.76 -60.54 -4.23
CA PRO A 83 -15.77 -60.86 -3.21
C PRO A 83 -15.24 -60.62 -1.80
N VAL A 84 -16.16 -60.75 -0.85
CA VAL A 84 -15.84 -60.68 0.57
C VAL A 84 -15.93 -62.08 1.14
N THR A 85 -14.85 -62.55 1.73
CA THR A 85 -14.83 -63.90 2.30
C THR A 85 -14.17 -63.89 3.68
N ALA A 86 -13.92 -65.07 4.23
CA ALA A 86 -13.29 -65.17 5.53
C ALA A 86 -11.84 -64.72 5.49
N HIS A 87 -11.19 -64.86 4.34
CA HIS A 87 -9.79 -64.45 4.23
C HIS A 87 -9.66 -62.94 4.36
N SER A 88 -10.62 -62.18 3.82
CA SER A 88 -10.55 -60.73 3.91
C SER A 88 -10.63 -60.24 5.35
N PHE A 89 -11.21 -61.03 6.24
CA PHE A 89 -11.25 -60.69 7.66
C PHE A 89 -10.02 -61.20 8.39
N VAL A 90 -9.68 -62.46 8.17
CA VAL A 90 -8.56 -63.08 8.88
C VAL A 90 -7.25 -62.38 8.56
N ASP A 91 -7.00 -62.12 7.27
CA ASP A 91 -5.75 -61.49 6.88
C ASP A 91 -5.67 -60.05 7.37
N ALA A 92 -6.81 -59.34 7.37
CA ALA A 92 -6.80 -57.97 7.87
C ALA A 92 -6.53 -57.92 9.36
N TRP A 93 -7.11 -58.85 10.13
CA TRP A 93 -6.84 -58.88 11.55
C TRP A 93 -5.38 -59.25 11.83
N ASN A 94 -4.86 -60.24 11.10
CA ASN A 94 -3.47 -60.64 11.29
C ASN A 94 -2.52 -59.51 10.92
N TYR A 95 -2.86 -58.71 9.92
CA TYR A 95 -2.02 -57.56 9.58
C TYR A 95 -2.14 -56.46 10.62
N GLY A 96 -3.33 -56.28 11.20
CA GLY A 96 -3.49 -55.25 12.21
C GLY A 96 -2.80 -55.58 13.52
N ALA A 97 -2.71 -56.87 13.86
CA ALA A 97 -2.16 -57.30 15.15
C ALA A 97 -0.70 -57.73 15.04
N LEU A 98 0.08 -57.09 14.18
CA LEU A 98 1.50 -57.41 14.02
C LEU A 98 2.35 -56.31 14.62
N SER A 99 3.47 -56.70 15.23
CA SER A 99 4.35 -55.73 15.87
C SER A 99 5.20 -54.97 14.85
N THR A 100 5.50 -55.60 13.71
CA THR A 100 6.39 -54.96 12.74
C THR A 100 5.69 -53.82 12.02
N ASN A 101 4.40 -53.97 11.74
CA ASN A 101 3.67 -52.95 10.98
C ASN A 101 3.40 -51.70 11.82
N ALA A 102 3.40 -51.82 13.14
CA ALA A 102 3.25 -50.67 14.04
C ALA A 102 1.95 -49.92 13.79
N GLN A 103 0.83 -50.61 14.02
CA GLN A 103 -0.48 -49.99 13.88
C GLN A 103 -0.93 -49.38 15.21
N LEU A 104 -1.84 -48.41 15.11
CA LEU A 104 -2.30 -47.69 16.29
C LEU A 104 -3.45 -48.39 16.99
N GLN A 105 -4.22 -49.21 16.27
CA GLN A 105 -5.34 -49.95 16.85
C GLN A 105 -5.00 -51.43 17.00
N GLN A 106 -3.76 -51.71 17.38
CA GLN A 106 -3.28 -53.08 17.50
C GLN A 106 -3.79 -53.75 18.77
N HIS A 107 -3.72 -53.04 19.90
CA HIS A 107 -4.11 -53.61 21.18
C HIS A 107 -5.53 -54.18 21.16
N PHE A 108 -6.39 -53.68 20.28
CA PHE A 108 -7.76 -54.17 20.19
C PHE A 108 -7.83 -55.66 19.95
N PHE A 109 -6.77 -56.26 19.40
CA PHE A 109 -6.74 -57.69 19.15
C PHE A 109 -6.12 -58.48 20.29
N SER A 110 -6.17 -57.94 21.52
CA SER A 110 -5.55 -58.58 22.67
C SER A 110 -6.31 -59.80 23.17
N PRO A 111 -7.65 -59.80 23.23
CA PRO A 111 -8.35 -61.00 23.74
C PRO A 111 -8.09 -62.27 22.96
N ILE A 112 -7.61 -62.18 21.72
CA ILE A 112 -7.48 -63.35 20.87
C ILE A 112 -6.27 -64.16 21.30
N GLU A 113 -6.45 -65.48 21.41
CA GLU A 113 -5.35 -66.38 21.74
C GLU A 113 -4.24 -66.26 20.70
N GLY A 114 -3.00 -66.40 21.15
CA GLY A 114 -1.87 -66.24 20.25
C GLY A 114 -1.54 -64.81 19.92
N PHE A 115 -1.83 -63.88 20.83
CA PHE A 115 -1.50 -62.48 20.61
C PHE A 115 -0.13 -62.11 21.16
N ASP A 116 0.29 -62.76 22.26
CA ASP A 116 1.59 -62.45 22.84
C ASP A 116 2.73 -62.82 21.90
N ASP A 117 2.61 -63.94 21.21
CA ASP A 117 3.66 -64.43 20.31
C ASP A 117 3.58 -63.84 18.92
N VAL A 118 2.68 -62.89 18.68
CA VAL A 118 2.63 -62.16 17.42
C VAL A 118 2.93 -60.69 17.62
N ALA A 119 2.50 -60.11 18.74
CA ALA A 119 2.75 -58.71 19.07
C ALA A 119 3.69 -58.64 20.26
N GLY A 120 4.78 -57.89 20.12
CA GLY A 120 5.74 -57.76 21.19
C GLY A 120 7.16 -57.65 20.69
N ALA A 121 8.04 -58.52 21.16
CA ALA A 121 9.41 -58.44 20.66
C ALA A 121 9.55 -59.26 19.38
N PRO A 122 10.37 -58.80 18.45
CA PRO A 122 10.55 -59.56 17.20
C PRO A 122 11.60 -60.65 17.34
N GLY A 123 11.98 -60.97 18.57
CA GLY A 123 12.99 -61.98 18.81
C GLY A 123 12.51 -62.98 19.84
N ASP A 124 13.14 -64.16 19.79
CA ASP A 124 12.98 -65.29 20.71
C ASP A 124 11.65 -66.02 20.53
N LYS A 125 10.72 -65.47 19.74
CA LYS A 125 9.49 -66.17 19.38
C LYS A 125 8.90 -65.51 18.15
N SER A 126 8.92 -66.21 17.01
CA SER A 126 8.60 -65.57 15.73
C SER A 126 7.63 -66.45 14.95
N ARG A 127 6.34 -66.14 15.06
CA ARG A 127 5.33 -66.60 14.12
C ARG A 127 4.54 -65.39 13.65
N THR A 128 4.32 -65.31 12.34
CA THR A 128 3.78 -64.09 11.75
C THR A 128 2.28 -63.96 11.93
N THR A 129 1.57 -65.03 12.28
CA THR A 129 0.12 -65.02 12.34
C THR A 129 -0.35 -65.53 13.71
N MET A 130 -1.50 -65.01 14.14
CA MET A 130 -2.09 -65.45 15.39
C MET A 130 -2.58 -66.89 15.27
N SER A 131 -2.63 -67.57 16.41
CA SER A 131 -3.07 -68.96 16.47
C SER A 131 -4.47 -69.09 17.05
N GLY A 132 -5.27 -68.02 16.94
CA GLY A 132 -6.65 -68.07 17.38
C GLY A 132 -7.61 -67.96 16.21
N LEU A 133 -7.14 -67.38 15.12
CA LEU A 133 -7.96 -67.22 13.91
C LEU A 133 -7.70 -68.40 12.99
N ARG A 134 -8.70 -69.27 12.82
CA ARG A 134 -8.61 -70.37 11.89
C ARG A 134 -9.74 -70.26 10.88
N VAL A 135 -9.48 -70.68 9.64
CA VAL A 135 -10.45 -70.56 8.56
C VAL A 135 -10.91 -71.96 8.20
N VAL A 136 -12.20 -72.26 8.40
CA VAL A 136 -12.69 -73.61 8.15
C VAL A 136 -12.82 -73.87 6.66
N ASN A 137 -13.59 -73.03 5.98
CA ASN A 137 -13.74 -73.11 4.53
C ASN A 137 -13.75 -71.67 4.01
N ASP A 138 -14.17 -71.49 2.76
CA ASP A 138 -14.06 -70.17 2.13
C ASP A 138 -14.83 -69.11 2.90
N LEU A 139 -15.83 -69.52 3.70
CA LEU A 139 -16.73 -68.56 4.33
C LEU A 139 -16.60 -68.49 5.85
N GLU A 140 -16.64 -69.61 6.57
CA GLU A 140 -16.71 -69.54 8.02
C GLU A 140 -15.33 -69.69 8.66
N PHE A 141 -15.19 -69.09 9.84
CA PHE A 141 -13.92 -69.15 10.55
C PHE A 141 -14.17 -69.12 12.05
N THR A 142 -13.21 -69.67 12.78
CA THR A 142 -13.29 -69.83 14.22
C THR A 142 -12.25 -68.98 14.93
N VAL A 143 -12.61 -68.53 16.13
CA VAL A 143 -11.83 -67.60 16.92
C VAL A 143 -11.72 -68.12 18.34
N ARG A 144 -10.51 -68.12 18.89
CA ARG A 144 -10.25 -68.55 20.25
C ARG A 144 -9.81 -67.35 21.09
N LEU A 145 -10.24 -67.33 22.35
CA LEU A 145 -9.90 -66.26 23.27
C LEU A 145 -9.04 -66.80 24.41
N LYS A 146 -8.24 -65.91 24.99
CA LYS A 146 -7.46 -66.28 26.17
C LYS A 146 -8.36 -66.65 27.33
N ALA A 147 -9.17 -65.69 27.78
CA ALA A 147 -10.12 -65.86 28.87
C ALA A 147 -11.48 -65.35 28.41
N PRO A 148 -12.57 -65.87 28.97
CA PRO A 148 -13.90 -65.49 28.47
C PRO A 148 -14.18 -64.01 28.63
N THR A 149 -14.24 -63.29 27.52
CA THR A 149 -14.50 -61.86 27.53
C THR A 149 -15.99 -61.61 27.38
N ILE A 150 -16.52 -60.70 28.21
CA ILE A 150 -17.96 -60.45 28.19
C ILE A 150 -18.35 -59.66 26.94
N ASP A 151 -17.68 -58.53 26.69
CA ASP A 151 -18.03 -57.66 25.57
C ASP A 151 -17.09 -57.92 24.39
N PHE A 152 -17.26 -59.09 23.78
CA PHE A 152 -16.57 -59.39 22.53
C PHE A 152 -17.49 -59.23 21.33
N THR A 153 -18.69 -59.81 21.38
CA THR A 153 -19.64 -59.65 20.28
C THR A 153 -20.05 -58.21 20.09
N LEU A 154 -19.95 -57.38 21.13
CA LEU A 154 -20.36 -55.98 21.02
C LEU A 154 -19.36 -55.14 20.25
N ARG A 155 -18.08 -55.49 20.29
CA ARG A 155 -17.03 -54.69 19.68
C ARG A 155 -16.77 -55.05 18.23
N LEU A 156 -17.37 -56.12 17.71
CA LEU A 156 -17.09 -56.56 16.35
C LEU A 156 -17.51 -55.54 15.30
N GLY A 157 -18.32 -54.56 15.66
CA GLY A 157 -18.68 -53.49 14.75
C GLY A 157 -17.70 -52.34 14.71
N HIS A 158 -16.58 -52.44 15.42
CA HIS A 158 -15.62 -51.35 15.45
C HIS A 158 -14.92 -51.22 14.11
N SER A 159 -14.32 -50.05 13.88
CA SER A 159 -13.67 -49.76 12.61
C SER A 159 -12.30 -50.40 12.48
N SER A 160 -11.89 -51.24 13.42
CA SER A 160 -10.64 -51.98 13.30
C SER A 160 -10.85 -53.43 12.89
N PHE A 161 -12.09 -53.88 12.83
CA PHE A 161 -12.42 -55.25 12.42
C PHE A 161 -13.00 -55.29 11.02
N TYR A 162 -12.64 -54.31 10.18
CA TYR A 162 -13.14 -54.20 8.83
C TYR A 162 -12.32 -55.06 7.87
N PRO A 163 -12.94 -55.59 6.83
CA PRO A 163 -12.20 -56.39 5.84
C PRO A 163 -11.44 -55.48 4.88
N LEU A 164 -10.39 -56.05 4.29
CA LEU A 164 -9.57 -55.33 3.34
C LEU A 164 -9.42 -56.12 2.05
N PRO A 165 -9.41 -55.46 0.90
CA PRO A 165 -9.34 -56.17 -0.38
C PRO A 165 -8.00 -56.88 -0.53
N ASP A 166 -8.02 -57.93 -1.36
CA ASP A 166 -6.80 -58.66 -1.65
C ASP A 166 -5.73 -57.71 -2.19
N SER A 167 -6.11 -56.86 -3.13
CA SER A 167 -5.16 -55.92 -3.72
C SER A 167 -4.69 -54.87 -2.76
N ALA A 168 -5.08 -54.94 -1.48
CA ALA A 168 -4.47 -54.06 -0.48
C ALA A 168 -3.25 -54.69 0.15
N PHE A 169 -3.19 -56.01 0.22
CA PHE A 169 -2.07 -56.71 0.85
C PHE A 169 -0.84 -56.78 -0.05
N ARG A 170 -0.85 -56.11 -1.19
CA ARG A 170 0.32 -56.02 -2.06
C ARG A 170 0.96 -54.63 -2.04
N ASP A 171 0.17 -53.58 -1.82
CA ASP A 171 0.71 -52.24 -1.65
C ASP A 171 -0.22 -51.48 -0.70
N MET A 172 0.12 -51.48 0.58
CA MET A 172 -0.66 -50.76 1.58
C MET A 172 -0.30 -49.29 1.65
N ALA A 173 0.63 -48.83 0.82
CA ALA A 173 1.00 -47.42 0.79
C ALA A 173 0.16 -46.61 -0.19
N ALA A 174 -0.39 -47.26 -1.21
CA ALA A 174 -1.33 -46.60 -2.11
C ALA A 174 -2.77 -46.73 -1.65
N PHE A 175 -3.09 -47.82 -0.94
CA PHE A 175 -4.43 -48.01 -0.41
C PHE A 175 -4.84 -46.84 0.48
N GLY A 176 -3.96 -46.46 1.41
CA GLY A 176 -4.23 -45.33 2.27
C GLY A 176 -4.45 -44.03 1.53
N ARG A 177 -4.13 -43.97 0.24
CA ARG A 177 -4.36 -42.78 -0.57
C ARG A 177 -5.56 -42.93 -1.49
N ASN A 178 -6.12 -44.14 -1.61
CA ASN A 178 -7.28 -44.40 -2.45
C ASN A 178 -7.95 -45.69 -1.99
N PRO A 179 -8.71 -45.65 -0.92
CA PRO A 179 -9.29 -46.89 -0.37
C PRO A 179 -10.41 -47.43 -1.25
N ILE A 180 -10.61 -48.74 -1.15
CA ILE A 180 -11.63 -49.47 -1.91
C ILE A 180 -12.39 -50.31 -0.90
N GLY A 181 -13.52 -49.80 -0.41
CA GLY A 181 -14.31 -50.47 0.60
C GLY A 181 -15.45 -51.28 0.03
N ASN A 182 -16.36 -51.67 0.92
CA ASN A 182 -17.58 -52.36 0.54
C ASN A 182 -18.80 -51.87 1.31
N GLY A 183 -18.80 -50.61 1.73
CA GLY A 183 -19.86 -50.10 2.57
C GLY A 183 -20.88 -49.28 1.81
N PRO A 184 -21.61 -48.44 2.53
CA PRO A 184 -22.72 -47.70 1.89
C PRO A 184 -22.25 -46.66 0.88
N TYR A 185 -21.12 -46.00 1.11
CA TYR A 185 -20.65 -44.95 0.22
C TYR A 185 -19.38 -45.40 -0.48
N LYS A 186 -18.85 -44.50 -1.31
CA LYS A 186 -17.62 -44.75 -2.05
C LYS A 186 -17.03 -43.41 -2.44
N LEU A 187 -15.71 -43.37 -2.55
CA LEU A 187 -15.04 -42.15 -2.94
C LEU A 187 -15.37 -41.82 -4.39
N ALA A 188 -15.88 -40.62 -4.61
CA ALA A 188 -16.33 -40.21 -5.94
C ALA A 188 -15.14 -40.10 -6.87
N ASP A 189 -15.01 -41.04 -7.80
CA ASP A 189 -13.91 -40.99 -8.75
C ASP A 189 -14.03 -39.75 -9.63
N GLY A 190 -13.16 -38.77 -9.37
CA GLY A 190 -13.30 -37.46 -9.97
C GLY A 190 -12.71 -37.36 -11.36
N PRO A 191 -13.55 -37.12 -12.36
CA PRO A 191 -13.03 -36.83 -13.70
C PRO A 191 -12.49 -35.42 -13.84
N ALA A 192 -12.86 -34.50 -12.95
CA ALA A 192 -12.41 -33.12 -12.97
C ALA A 192 -11.50 -32.81 -11.78
N GLY A 193 -10.66 -33.77 -11.41
CA GLY A 193 -9.77 -33.62 -10.29
C GLY A 193 -9.89 -34.78 -9.31
N PRO A 194 -9.13 -34.74 -8.23
CA PRO A 194 -9.16 -35.83 -7.26
C PRO A 194 -10.37 -35.72 -6.35
N ALA A 195 -10.72 -36.87 -5.75
CA ALA A 195 -11.81 -36.89 -4.80
C ALA A 195 -11.42 -36.24 -3.49
N TRP A 196 -10.24 -36.59 -2.98
CA TRP A 196 -9.75 -36.11 -1.69
C TRP A 196 -8.76 -34.99 -1.95
N GLU A 197 -9.11 -33.78 -1.55
CA GLU A 197 -8.23 -32.62 -1.64
C GLU A 197 -7.79 -32.30 -0.22
N HIS A 198 -6.54 -32.65 0.09
CA HIS A 198 -6.02 -32.52 1.44
C HIS A 198 -6.21 -31.11 1.98
N ASN A 199 -6.71 -31.04 3.22
CA ASN A 199 -6.96 -29.78 3.91
C ASN A 199 -8.00 -28.90 3.19
N VAL A 200 -8.81 -29.47 2.31
CA VAL A 200 -9.84 -28.69 1.64
C VAL A 200 -11.21 -29.33 1.81
N ARG A 201 -11.37 -30.56 1.34
CA ARG A 201 -12.67 -31.22 1.36
C ARG A 201 -12.51 -32.67 0.90
N ILE A 202 -13.59 -33.43 1.05
CA ILE A 202 -13.66 -34.79 0.52
C ILE A 202 -15.12 -35.18 0.34
N ASP A 203 -15.47 -35.73 -0.82
CA ASP A 203 -16.86 -36.01 -1.13
C ASP A 203 -17.05 -37.47 -1.54
N LEU A 204 -18.18 -38.02 -1.14
CA LEU A 204 -18.54 -39.42 -1.33
C LEU A 204 -19.86 -39.52 -2.07
N VAL A 205 -20.05 -40.64 -2.77
CA VAL A 205 -21.29 -40.92 -3.48
C VAL A 205 -21.76 -42.33 -3.14
N PRO A 206 -23.06 -42.63 -3.21
CA PRO A 206 -23.54 -43.95 -2.79
C PRO A 206 -22.93 -45.08 -3.60
N ASN A 207 -22.97 -46.27 -3.02
CA ASN A 207 -22.39 -47.47 -3.61
C ASN A 207 -23.49 -48.36 -4.17
N PRO A 208 -23.64 -48.46 -5.49
CA PRO A 208 -24.77 -49.21 -6.05
C PRO A 208 -24.78 -50.69 -5.72
N ASP A 209 -23.73 -51.23 -5.11
CA ASP A 209 -23.68 -52.65 -4.78
C ASP A 209 -24.20 -52.95 -3.38
N TYR A 210 -24.33 -51.94 -2.53
CA TYR A 210 -24.61 -52.15 -1.11
C TYR A 210 -26.05 -52.56 -0.92
N HIS A 211 -26.27 -53.68 -0.23
CA HIS A 211 -27.58 -54.11 0.22
C HIS A 211 -27.44 -54.56 1.67
N GLY A 212 -27.58 -53.61 2.61
CA GLY A 212 -27.36 -53.90 4.01
C GLY A 212 -28.30 -53.20 4.95
N ASN A 213 -27.76 -52.72 6.07
CA ASN A 213 -28.56 -52.11 7.13
C ASN A 213 -28.51 -50.58 7.13
N ARG A 214 -27.57 -49.97 6.42
CA ARG A 214 -27.38 -48.53 6.44
C ARG A 214 -27.41 -47.97 5.03
N LYS A 215 -28.42 -48.36 4.26
CA LYS A 215 -28.58 -47.83 2.91
C LYS A 215 -28.80 -46.32 2.98
N PRO A 216 -28.07 -45.54 2.17
CA PRO A 216 -28.21 -44.08 2.25
C PRO A 216 -29.50 -43.59 1.62
N ARG A 217 -30.10 -42.58 2.25
CA ARG A 217 -31.29 -41.94 1.73
C ARG A 217 -31.01 -40.66 0.97
N ASN A 218 -29.85 -40.05 1.20
CA ASN A 218 -29.40 -38.91 0.41
C ASN A 218 -28.68 -39.41 -0.83
N LYS A 219 -28.02 -38.50 -1.54
CA LYS A 219 -27.34 -38.85 -2.78
C LYS A 219 -25.90 -38.36 -2.79
N GLY A 220 -25.17 -38.60 -1.71
CA GLY A 220 -23.78 -38.20 -1.65
C GLY A 220 -23.52 -37.21 -0.54
N LEU A 221 -22.33 -37.26 0.04
CA LEU A 221 -21.95 -36.35 1.10
C LEU A 221 -20.71 -35.57 0.68
N ARG A 222 -20.45 -34.47 1.37
CA ARG A 222 -19.22 -33.71 1.14
C ARG A 222 -18.78 -33.11 2.48
N PHE A 223 -17.74 -33.71 3.06
CA PHE A 223 -17.14 -33.14 4.26
C PHE A 223 -16.24 -31.99 3.86
N GLU A 224 -16.40 -30.86 4.54
CA GLU A 224 -15.66 -29.64 4.26
C GLU A 224 -14.79 -29.30 5.45
N PHE A 225 -13.48 -29.27 5.24
CA PHE A 225 -12.53 -29.04 6.33
C PHE A 225 -12.42 -27.55 6.59
N TYR A 226 -13.02 -27.10 7.71
CA TYR A 226 -13.06 -25.69 8.03
C TYR A 226 -11.88 -25.30 8.92
N ALA A 227 -11.57 -24.00 8.92
CA ALA A 227 -10.47 -23.49 9.71
C ALA A 227 -10.90 -22.95 11.07
N ASN A 228 -12.18 -22.61 11.24
CA ASN A 228 -12.68 -22.24 12.55
C ASN A 228 -14.20 -22.36 12.58
N LEU A 229 -14.72 -22.68 13.75
CA LEU A 229 -16.15 -22.89 13.90
C LEU A 229 -16.93 -21.58 13.80
N ASP A 230 -16.27 -20.43 13.95
CA ASP A 230 -16.96 -19.17 13.68
C ASP A 230 -17.36 -19.08 12.22
N THR A 231 -16.42 -19.37 11.31
CA THR A 231 -16.75 -19.42 9.89
C THR A 231 -17.72 -20.55 9.59
N ALA A 232 -17.56 -21.69 10.26
CA ALA A 232 -18.51 -22.79 10.07
C ALA A 232 -19.94 -22.34 10.40
N TYR A 233 -20.12 -21.63 11.51
CA TYR A 233 -21.45 -21.19 11.92
C TYR A 233 -21.99 -20.10 11.00
N ALA A 234 -21.13 -19.16 10.60
CA ALA A 234 -21.56 -18.15 9.63
C ALA A 234 -22.02 -18.80 8.33
N ASP A 235 -21.33 -19.85 7.88
CA ASP A 235 -21.75 -20.55 6.68
C ASP A 235 -23.07 -21.28 6.91
N LEU A 236 -23.23 -21.92 8.07
CA LEU A 236 -24.49 -22.59 8.37
C LEU A 236 -25.66 -21.61 8.32
N LEU A 237 -25.46 -20.40 8.83
CA LEU A 237 -26.53 -19.41 8.81
C LEU A 237 -26.75 -18.84 7.42
N SER A 238 -25.69 -18.73 6.62
CA SER A 238 -25.79 -18.12 5.30
C SER A 238 -26.37 -19.06 4.25
N GLY A 239 -26.55 -20.34 4.57
CA GLY A 239 -27.08 -21.29 3.62
C GLY A 239 -26.04 -22.09 2.86
N ASN A 240 -24.79 -22.05 3.28
CA ASN A 240 -23.70 -22.75 2.59
C ASN A 240 -23.32 -24.05 3.26
N LEU A 241 -24.05 -24.49 4.27
CA LEU A 241 -23.72 -25.69 5.00
C LEU A 241 -25.02 -26.30 5.53
N ASP A 242 -25.10 -27.62 5.52
CA ASP A 242 -26.36 -28.29 5.82
C ASP A 242 -26.44 -28.85 7.23
N VAL A 243 -25.33 -29.31 7.81
CA VAL A 243 -25.32 -29.86 9.16
C VAL A 243 -24.04 -29.41 9.84
N LEU A 244 -24.17 -28.68 10.94
CA LEU A 244 -23.03 -28.28 11.76
C LEU A 244 -22.99 -29.17 12.99
N ASP A 245 -21.90 -29.91 13.17
CA ASP A 245 -21.83 -30.91 14.23
C ASP A 245 -21.70 -30.25 15.60
N THR A 246 -20.74 -29.34 15.76
CA THR A 246 -20.45 -28.73 17.05
C THR A 246 -20.58 -27.22 16.94
N ILE A 247 -21.53 -26.66 17.66
CA ILE A 247 -21.72 -25.21 17.68
C ILE A 247 -20.58 -24.57 18.47
N PRO A 248 -19.97 -23.49 17.97
CA PRO A 248 -18.86 -22.88 18.71
C PRO A 248 -19.34 -22.25 20.00
N PRO A 249 -18.53 -22.28 21.06
CA PRO A 249 -18.97 -21.73 22.35
C PRO A 249 -19.31 -20.25 22.31
N SER A 250 -18.89 -19.53 21.28
CA SER A 250 -19.24 -18.11 21.16
C SER A 250 -20.62 -17.88 20.58
N ALA A 251 -21.40 -18.94 20.35
CA ALA A 251 -22.75 -18.82 19.82
C ALA A 251 -23.75 -19.68 20.57
N LEU A 252 -23.47 -20.03 21.82
CA LEU A 252 -24.36 -20.91 22.58
C LEU A 252 -25.51 -20.17 23.24
N THR A 253 -25.44 -18.85 23.35
CA THR A 253 -26.51 -18.07 23.96
C THR A 253 -27.38 -17.36 22.92
N VAL A 254 -27.19 -17.66 21.64
CA VAL A 254 -27.95 -16.99 20.59
C VAL A 254 -28.52 -18.02 19.63
N TYR A 255 -28.03 -19.26 19.73
CA TYR A 255 -28.42 -20.27 18.75
C TYR A 255 -29.90 -20.60 18.85
N GLN A 256 -30.48 -20.54 20.05
CA GLN A 256 -31.88 -20.87 20.24
C GLN A 256 -32.79 -20.01 19.36
N ARG A 257 -32.39 -18.78 19.06
CA ARG A 257 -33.15 -17.92 18.16
C ARG A 257 -32.55 -17.81 16.77
N ASP A 258 -31.27 -18.09 16.61
CA ASP A 258 -30.67 -18.08 15.27
C ASP A 258 -31.16 -19.26 14.44
N LEU A 259 -31.11 -20.46 15.02
CA LEU A 259 -31.55 -21.67 14.32
C LEU A 259 -33.06 -21.87 14.49
N GLY A 260 -33.53 -21.94 15.73
CA GLY A 260 -34.96 -21.88 15.95
C GLY A 260 -35.74 -23.08 15.47
N ASP A 261 -35.64 -24.20 16.20
CA ASP A 261 -36.27 -25.50 15.92
C ASP A 261 -35.46 -26.27 14.90
N HIS A 262 -34.28 -25.78 14.52
CA HIS A 262 -33.33 -26.52 13.70
C HIS A 262 -32.08 -26.90 14.47
N ALA A 263 -32.25 -27.33 15.72
CA ALA A 263 -31.14 -27.77 16.55
C ALA A 263 -31.65 -28.80 17.55
N THR A 264 -30.72 -29.43 18.25
CA THR A 264 -31.07 -30.36 19.31
C THR A 264 -29.90 -30.47 20.27
N SER A 265 -30.19 -30.90 21.49
CA SER A 265 -29.17 -30.99 22.53
C SER A 265 -29.49 -32.15 23.44
N GLY A 266 -28.47 -32.96 23.73
CA GLY A 266 -28.61 -34.07 24.62
C GLY A 266 -27.27 -34.59 25.08
N PRO A 267 -27.27 -35.52 26.02
CA PRO A 267 -26.00 -36.10 26.50
C PRO A 267 -25.27 -36.83 25.39
N ALA A 268 -23.95 -36.89 25.53
CA ALA A 268 -23.10 -37.60 24.59
C ALA A 268 -22.01 -38.33 25.35
N ALA A 269 -21.41 -39.32 24.71
CA ALA A 269 -20.33 -40.10 25.32
C ALA A 269 -18.97 -39.57 24.87
N ILE A 270 -18.70 -38.33 25.25
CA ILE A 270 -17.43 -37.67 25.01
C ILE A 270 -16.96 -37.06 26.33
N ASN A 271 -15.65 -36.84 26.44
CA ASN A 271 -15.08 -36.18 27.60
C ASN A 271 -13.89 -35.35 27.17
N GLN A 272 -13.36 -34.58 28.10
CA GLN A 272 -12.26 -33.67 27.87
C GLN A 272 -11.24 -33.84 28.99
N THR A 273 -9.95 -33.86 28.64
CA THR A 273 -8.91 -34.05 29.63
C THR A 273 -7.71 -33.18 29.28
N LEU A 274 -6.87 -32.97 30.28
CA LEU A 274 -5.61 -32.25 30.14
C LEU A 274 -4.49 -33.21 30.50
N ASP A 275 -3.58 -33.44 29.57
CA ASP A 275 -2.52 -34.43 29.74
C ASP A 275 -1.17 -33.75 29.77
N THR A 276 -0.21 -34.42 30.42
CA THR A 276 1.18 -34.00 30.45
C THR A 276 2.06 -35.25 30.52
N PRO A 277 2.96 -35.43 29.57
CA PRO A 277 3.74 -36.67 29.50
C PRO A 277 4.58 -36.89 30.75
N LEU A 278 4.92 -38.15 30.98
CA LEU A 278 5.77 -38.55 32.09
C LEU A 278 7.26 -38.48 31.74
N ARG A 279 7.59 -37.77 30.67
CA ARG A 279 8.97 -37.63 30.21
C ARG A 279 9.44 -36.18 30.24
N LEU A 280 8.74 -35.33 30.98
CA LEU A 280 9.05 -33.92 31.05
C LEU A 280 9.92 -33.63 32.26
N PRO A 281 10.52 -32.44 32.33
CA PRO A 281 11.22 -32.06 33.55
C PRO A 281 10.23 -31.76 34.67
N HIS A 282 10.55 -32.23 35.86
CA HIS A 282 9.78 -32.04 37.09
C HIS A 282 8.44 -32.77 37.07
N PHE A 283 8.18 -33.61 36.09
CA PHE A 283 6.89 -34.27 35.94
C PHE A 283 7.06 -35.78 35.84
N GLY A 284 7.86 -36.35 36.74
CA GLY A 284 8.04 -37.79 36.75
C GLY A 284 8.43 -38.33 38.11
N GLY A 285 7.81 -39.42 38.53
CA GLY A 285 8.10 -40.04 39.81
C GLY A 285 7.00 -39.77 40.81
N GLU A 286 7.37 -39.24 41.97
CA GLU A 286 6.38 -38.75 42.94
C GLU A 286 6.09 -37.27 42.71
N GLU A 287 7.13 -36.44 42.73
CA GLU A 287 6.96 -35.08 42.25
C GLU A 287 6.69 -35.14 40.76
N GLY A 288 5.45 -34.90 40.39
CA GLY A 288 4.90 -35.30 39.10
C GLY A 288 3.61 -36.06 39.23
N ARG A 289 3.40 -36.73 40.36
CA ARG A 289 2.08 -37.14 40.80
C ARG A 289 1.48 -36.15 41.77
N LEU A 290 2.29 -35.62 42.69
CA LEU A 290 1.87 -34.46 43.46
C LEU A 290 1.63 -33.26 42.55
N ARG A 291 2.48 -33.09 41.53
CA ARG A 291 2.33 -32.00 40.59
C ARG A 291 1.20 -32.21 39.59
N ARG A 292 0.45 -33.31 39.70
CA ARG A 292 -0.78 -33.49 38.96
C ARG A 292 -2.01 -33.46 39.86
N LEU A 293 -1.91 -34.02 41.07
CA LEU A 293 -2.95 -33.82 42.06
C LEU A 293 -3.06 -32.35 42.47
N ALA A 294 -2.02 -31.55 42.22
CA ALA A 294 -2.12 -30.12 42.47
C ALA A 294 -2.84 -29.41 41.33
N LEU A 295 -2.51 -29.76 40.09
CA LEU A 295 -3.20 -29.16 38.95
C LEU A 295 -4.68 -29.56 38.92
N SER A 296 -5.01 -30.73 39.43
CA SER A 296 -6.40 -31.17 39.43
C SER A 296 -7.25 -30.45 40.47
N ALA A 297 -6.63 -29.88 41.50
CA ALA A 297 -7.34 -29.22 42.58
C ALA A 297 -7.25 -27.70 42.49
N ALA A 298 -6.89 -27.16 41.33
CA ALA A 298 -6.76 -25.72 41.14
C ALA A 298 -7.51 -25.24 39.91
N ILE A 299 -8.51 -25.99 39.46
CA ILE A 299 -9.31 -25.62 38.29
C ILE A 299 -10.77 -25.61 38.71
N ASN A 300 -11.46 -24.50 38.42
CA ASN A 300 -12.84 -24.32 38.85
C ASN A 300 -13.75 -24.76 37.70
N ARG A 301 -13.97 -26.08 37.65
CA ARG A 301 -14.82 -26.64 36.60
C ARG A 301 -16.25 -26.11 36.64
N PRO A 302 -16.92 -26.03 37.79
CA PRO A 302 -18.28 -25.49 37.78
C PRO A 302 -18.36 -24.06 37.29
N GLN A 303 -17.32 -23.27 37.48
CA GLN A 303 -17.34 -21.90 37.00
C GLN A 303 -17.04 -21.83 35.51
N ILE A 304 -16.12 -22.66 35.02
CA ILE A 304 -15.82 -22.67 33.59
C ILE A 304 -17.03 -23.16 32.80
N CYS A 305 -17.64 -24.26 33.25
CA CYS A 305 -18.77 -24.87 32.57
C CYS A 305 -20.05 -24.11 32.73
N GLN A 306 -19.96 -22.90 33.27
CA GLN A 306 -21.09 -22.00 33.41
C GLN A 306 -20.84 -20.65 32.78
N GLN A 307 -19.61 -20.15 32.83
CA GLN A 307 -19.29 -18.86 32.24
C GLN A 307 -18.82 -18.95 30.80
N ILE A 308 -18.38 -20.13 30.34
CA ILE A 308 -17.84 -20.26 29.00
C ILE A 308 -18.72 -21.16 28.12
N PHE A 309 -19.22 -22.26 28.66
CA PHE A 309 -20.04 -23.18 27.89
C PHE A 309 -21.53 -22.99 28.12
N ALA A 310 -21.92 -21.92 28.80
CA ALA A 310 -23.32 -21.56 29.02
C ALA A 310 -24.13 -22.69 29.64
N GLY A 311 -23.46 -23.65 30.27
CA GLY A 311 -24.15 -24.74 30.93
C GLY A 311 -24.30 -26.01 30.11
N THR A 312 -23.59 -26.13 29.00
CA THR A 312 -23.69 -27.31 28.14
C THR A 312 -22.52 -28.26 28.32
N ARG A 313 -21.99 -28.34 29.55
CA ARG A 313 -21.00 -29.33 29.92
C ARG A 313 -21.31 -29.80 31.32
N SER A 314 -20.64 -30.86 31.76
CA SER A 314 -20.85 -31.40 33.10
C SER A 314 -19.49 -31.63 33.75
N PRO A 315 -19.21 -31.01 34.90
CA PRO A 315 -17.93 -31.26 35.57
C PRO A 315 -17.71 -32.75 35.80
N ALA A 316 -16.49 -33.19 35.50
CA ALA A 316 -16.18 -34.62 35.55
C ALA A 316 -16.28 -35.16 36.97
N ARG A 317 -16.78 -36.39 37.09
CA ARG A 317 -16.83 -37.08 38.36
C ARG A 317 -16.01 -38.37 38.36
N ASP A 318 -15.49 -38.79 37.22
CA ASP A 318 -14.59 -39.93 37.11
C ASP A 318 -13.95 -39.87 35.72
N PHE A 319 -13.19 -40.90 35.40
CA PHE A 319 -12.39 -40.91 34.17
C PHE A 319 -13.17 -41.36 32.94
N THR A 320 -14.49 -41.45 33.01
CA THR A 320 -15.32 -41.85 31.88
C THR A 320 -16.41 -40.79 31.65
N ALA A 321 -17.35 -41.12 30.77
CA ALA A 321 -18.44 -40.21 30.47
C ALA A 321 -19.65 -40.52 31.35
N ARG A 322 -20.70 -39.70 31.22
CA ARG A 322 -21.85 -39.81 32.10
C ARG A 322 -23.01 -40.59 31.49
N SER A 323 -23.06 -40.72 30.17
CA SER A 323 -24.17 -41.39 29.50
C SER A 323 -23.91 -42.87 29.25
N LEU A 324 -22.96 -43.46 29.96
CA LEU A 324 -22.66 -44.87 29.74
C LEU A 324 -23.36 -45.73 30.78
N PRO A 325 -23.65 -46.99 30.44
CA PRO A 325 -24.29 -47.88 31.42
C PRO A 325 -23.36 -48.19 32.58
N GLY A 326 -23.95 -48.32 33.77
CA GLY A 326 -23.20 -48.66 34.96
C GLY A 326 -22.39 -47.54 35.55
N PHE A 327 -22.44 -46.33 34.98
CA PHE A 327 -21.69 -45.21 35.52
C PHE A 327 -22.19 -44.84 36.91
N ASP A 328 -21.26 -44.53 37.80
CA ASP A 328 -21.57 -44.17 39.18
C ASP A 328 -21.01 -42.78 39.47
N PRO A 329 -21.82 -41.83 39.95
CA PRO A 329 -21.30 -40.49 40.27
C PRO A 329 -20.86 -40.31 41.72
N ASN A 330 -20.78 -41.37 42.52
CA ASN A 330 -20.49 -41.26 43.95
C ASN A 330 -19.42 -42.26 44.38
N LEU A 331 -18.33 -42.32 43.63
CA LEU A 331 -17.24 -43.20 44.02
C LEU A 331 -16.53 -42.65 45.25
N PRO A 332 -16.05 -43.51 46.14
CA PRO A 332 -15.16 -43.05 47.21
C PRO A 332 -13.84 -42.59 46.64
N GLY A 333 -13.25 -41.58 47.27
CA GLY A 333 -12.03 -40.99 46.78
C GLY A 333 -12.21 -40.00 45.66
N ASN A 334 -13.46 -39.67 45.30
CA ASN A 334 -13.71 -38.73 44.23
C ASN A 334 -13.34 -37.30 44.60
N GLU A 335 -13.24 -36.99 45.89
CA GLU A 335 -12.96 -35.62 46.28
C GLU A 335 -11.49 -35.33 46.10
N VAL A 336 -10.97 -35.69 44.93
CA VAL A 336 -9.73 -35.18 44.38
C VAL A 336 -9.98 -34.42 43.10
N LEU A 337 -11.22 -34.40 42.61
CA LEU A 337 -11.58 -33.63 41.43
C LEU A 337 -12.29 -32.32 41.80
N ASP A 338 -12.21 -31.91 43.05
CA ASP A 338 -12.87 -30.69 43.51
C ASP A 338 -11.88 -29.53 43.56
N TYR A 339 -12.43 -28.32 43.47
CA TYR A 339 -11.64 -27.09 43.51
C TYR A 339 -11.23 -26.81 44.95
N ASP A 340 -9.92 -26.78 45.21
CA ASP A 340 -9.43 -26.50 46.55
C ASP A 340 -8.02 -25.90 46.47
N PRO A 341 -7.90 -24.58 46.56
CA PRO A 341 -6.57 -23.96 46.42
C PRO A 341 -5.69 -24.18 47.64
N GLN A 342 -6.30 -24.26 48.83
CA GLN A 342 -5.52 -24.51 50.04
C GLN A 342 -4.82 -25.87 49.99
N ARG A 343 -5.29 -26.78 49.14
CA ARG A 343 -4.66 -28.07 48.92
C ARG A 343 -3.77 -28.07 47.68
N ALA A 344 -4.18 -27.33 46.65
CA ALA A 344 -3.32 -27.15 45.49
C ALA A 344 -2.02 -26.47 45.85
N ARG A 345 -2.00 -25.71 46.94
CA ARG A 345 -0.78 -25.06 47.40
C ARG A 345 -0.03 -25.88 48.45
N ARG A 346 -0.65 -26.93 48.99
CA ARG A 346 0.08 -27.86 49.82
C ARG A 346 0.82 -28.90 48.97
N LEU A 347 0.17 -29.36 47.89
CA LEU A 347 0.81 -30.36 47.06
C LEU A 347 2.01 -29.79 46.30
N TRP A 348 1.90 -28.55 45.84
CA TRP A 348 3.05 -27.91 45.19
C TRP A 348 4.22 -27.80 46.14
N ALA A 349 3.97 -27.52 47.42
CA ALA A 349 5.06 -27.44 48.39
C ALA A 349 5.61 -28.82 48.68
N GLN A 350 4.75 -29.84 48.75
CA GLN A 350 5.22 -31.20 48.95
C GLN A 350 6.04 -31.71 47.77
N ALA A 351 5.84 -31.14 46.58
CA ALA A 351 6.67 -31.49 45.43
C ALA A 351 7.97 -30.68 45.38
N ASP A 352 7.91 -29.38 45.71
CA ASP A 352 9.12 -28.59 45.79
C ASP A 352 10.02 -29.04 46.92
N ALA A 353 9.48 -29.75 47.91
CA ALA A 353 10.33 -30.38 48.91
C ALA A 353 11.11 -31.56 48.35
N ILE A 354 10.78 -32.00 47.14
CA ILE A 354 11.57 -33.01 46.44
C ILE A 354 12.46 -32.39 45.37
N SER A 355 11.94 -31.40 44.65
CA SER A 355 12.74 -30.69 43.67
C SER A 355 12.10 -29.34 43.35
N PRO A 356 12.84 -28.24 43.45
CA PRO A 356 12.26 -26.93 43.15
C PRO A 356 11.76 -26.85 41.71
N TRP A 357 10.92 -25.85 41.46
CA TRP A 357 10.31 -25.65 40.15
C TRP A 357 10.98 -24.49 39.43
N SER A 358 11.12 -24.64 38.12
CA SER A 358 11.70 -23.58 37.29
C SER A 358 11.30 -23.81 35.85
N GLY A 359 10.72 -22.79 35.22
CA GLY A 359 10.34 -22.86 33.83
C GLY A 359 8.92 -22.39 33.63
N ARG A 360 8.42 -22.63 32.42
CA ARG A 360 7.09 -22.23 32.01
C ARG A 360 6.20 -23.46 31.88
N TYR A 361 4.88 -23.27 32.01
CA TYR A 361 3.93 -24.35 31.83
C TYR A 361 3.04 -24.03 30.64
N ALA A 362 3.20 -24.77 29.54
CA ALA A 362 2.47 -24.50 28.31
C ALA A 362 1.42 -25.57 28.06
N ILE A 363 0.23 -25.13 27.67
CA ILE A 363 -0.88 -26.01 27.35
C ILE A 363 -1.19 -25.84 25.88
N ALA A 364 -0.99 -26.89 25.09
CA ALA A 364 -1.11 -26.84 23.65
C ALA A 364 -2.47 -27.36 23.20
N TYR A 365 -3.03 -26.70 22.19
CA TYR A 365 -4.34 -27.07 21.66
C TYR A 365 -4.35 -26.80 20.17
N ASN A 366 -5.39 -27.31 19.50
CA ASN A 366 -5.62 -27.06 18.08
C ASN A 366 -6.68 -26.00 17.92
N ALA A 367 -6.36 -24.94 17.18
CA ALA A 367 -7.19 -23.74 17.16
C ALA A 367 -8.41 -23.85 16.27
N ASP A 368 -8.60 -24.96 15.55
CA ASP A 368 -9.68 -25.07 14.59
C ASP A 368 -10.94 -25.71 15.16
N ALA A 369 -11.15 -25.68 16.47
CA ALA A 369 -12.34 -26.26 17.07
C ALA A 369 -12.91 -25.42 18.20
N GLY A 370 -12.33 -24.25 18.48
CA GLY A 370 -12.87 -23.38 19.51
C GLY A 370 -12.49 -23.76 20.92
N HIS A 371 -11.19 -23.95 21.16
CA HIS A 371 -10.70 -24.29 22.49
C HIS A 371 -10.03 -23.13 23.20
N ARG A 372 -9.84 -22.00 22.51
CA ARG A 372 -9.07 -20.91 23.07
C ARG A 372 -9.66 -20.42 24.40
N ASP A 373 -10.99 -20.33 24.47
CA ASP A 373 -11.63 -19.77 25.65
C ASP A 373 -11.32 -20.59 26.89
N TRP A 374 -11.68 -21.87 26.88
CA TRP A 374 -11.49 -22.68 28.08
C TRP A 374 -10.02 -22.97 28.34
N VAL A 375 -9.19 -23.01 27.30
CA VAL A 375 -7.76 -23.21 27.52
C VAL A 375 -7.17 -22.02 28.26
N ASP A 376 -7.51 -20.81 27.81
CA ASP A 376 -7.02 -19.61 28.50
C ASP A 376 -7.58 -19.51 29.91
N ALA A 377 -8.84 -19.92 30.10
CA ALA A 377 -9.42 -19.89 31.44
C ALA A 377 -8.67 -20.83 32.38
N VAL A 378 -8.38 -22.04 31.91
CA VAL A 378 -7.63 -22.99 32.73
C VAL A 378 -6.24 -22.46 33.03
N ALA A 379 -5.59 -21.85 32.04
CA ALA A 379 -4.25 -21.33 32.25
C ALA A 379 -4.25 -20.20 33.28
N ASN A 380 -5.20 -19.27 33.17
CA ASN A 380 -5.28 -18.20 34.16
C ASN A 380 -5.58 -18.74 35.54
N SER A 381 -6.46 -19.74 35.64
CA SER A 381 -6.76 -20.29 36.95
C SER A 381 -5.53 -20.93 37.58
N ILE A 382 -4.79 -21.71 36.81
CA ILE A 382 -3.58 -22.35 37.32
C ILE A 382 -2.56 -21.30 37.74
N LYS A 383 -2.35 -20.28 36.90
CA LYS A 383 -1.43 -19.22 37.24
C LYS A 383 -1.81 -18.54 38.54
N ASN A 384 -3.06 -18.08 38.64
CA ASN A 384 -3.49 -17.36 39.84
C ASN A 384 -3.35 -18.22 41.08
N VAL A 385 -3.67 -19.51 40.99
CA VAL A 385 -3.69 -20.33 42.20
C VAL A 385 -2.28 -20.72 42.63
N LEU A 386 -1.43 -21.12 41.68
CA LEU A 386 -0.14 -21.69 42.05
C LEU A 386 1.00 -20.68 42.10
N GLY A 387 0.94 -19.62 41.30
CA GLY A 387 2.01 -18.66 41.22
C GLY A 387 2.92 -18.84 40.03
N ILE A 388 2.97 -20.04 39.45
CA ILE A 388 3.79 -20.32 38.29
C ILE A 388 3.20 -19.60 37.09
N ASP A 389 3.95 -19.53 36.00
CA ASP A 389 3.49 -18.92 34.76
C ASP A 389 3.07 -20.00 33.78
N ALA A 390 1.78 -20.04 33.47
CA ALA A 390 1.22 -20.95 32.48
C ALA A 390 0.63 -20.14 31.34
N VAL A 391 0.75 -20.69 30.13
CA VAL A 391 0.27 -20.04 28.93
C VAL A 391 -0.33 -21.08 28.00
N ALA A 392 -1.00 -20.58 26.95
CA ALA A 392 -1.59 -21.41 25.92
C ALA A 392 -0.74 -21.38 24.66
N ALA A 393 -0.79 -22.48 23.91
CA ALA A 393 -0.01 -22.64 22.69
C ALA A 393 -0.93 -23.19 21.60
N PRO A 394 -1.34 -22.36 20.65
CA PRO A 394 -2.23 -22.83 19.58
C PRO A 394 -1.47 -23.40 18.40
N GLN A 395 -2.06 -24.40 17.78
CA GLN A 395 -1.55 -24.98 16.56
C GLN A 395 -2.67 -25.00 15.54
N PRO A 396 -2.36 -24.82 14.26
CA PRO A 396 -3.42 -24.49 13.29
C PRO A 396 -4.33 -25.66 12.94
N THR A 397 -3.87 -26.89 13.07
CA THR A 397 -4.64 -28.03 12.57
C THR A 397 -4.55 -29.22 13.50
N PHE A 398 -5.68 -29.92 13.64
CA PHE A 398 -5.70 -31.19 14.35
C PHE A 398 -4.77 -32.20 13.71
N ALA A 399 -4.74 -32.23 12.38
CA ALA A 399 -3.82 -33.08 11.63
C ALA A 399 -2.49 -32.35 11.49
N GLY A 400 -1.67 -32.47 12.52
CA GLY A 400 -0.45 -31.70 12.64
C GLY A 400 -0.24 -31.33 14.09
N PHE A 401 -1.34 -31.32 14.83
CA PHE A 401 -1.29 -31.33 16.28
C PHE A 401 -1.24 -32.75 16.83
N ARG A 402 -1.81 -33.71 16.09
CA ARG A 402 -1.74 -35.10 16.51
C ARG A 402 -0.45 -35.78 16.08
N THR A 403 0.15 -35.34 14.99
CA THR A 403 1.39 -35.96 14.52
C THR A 403 2.59 -35.58 15.38
N GLN A 404 2.49 -34.50 16.15
CA GLN A 404 3.52 -34.19 17.12
C GLN A 404 3.38 -35.04 18.38
N ILE A 405 2.16 -35.36 18.77
CA ILE A 405 1.93 -36.17 19.95
C ILE A 405 2.22 -37.64 19.67
N THR A 406 1.85 -38.12 18.48
CA THR A 406 1.93 -39.55 18.20
C THR A 406 3.36 -40.06 18.21
N ASN A 407 4.32 -39.27 17.74
CA ASN A 407 5.72 -39.68 17.70
C ASN A 407 6.54 -38.97 18.77
N ARG A 408 5.91 -38.64 19.90
CA ARG A 408 6.60 -38.19 21.11
C ARG A 408 7.45 -36.95 20.87
N ALA A 409 7.06 -36.11 19.91
CA ALA A 409 7.83 -34.93 19.54
C ALA A 409 7.27 -33.64 20.12
N ILE A 410 6.51 -33.73 21.22
CA ILE A 410 5.96 -32.56 21.89
C ILE A 410 6.60 -32.44 23.27
N ASP A 411 6.75 -31.21 23.73
CA ASP A 411 7.45 -30.92 24.98
C ASP A 411 6.66 -29.93 25.83
N SER A 412 5.36 -30.19 25.98
CA SER A 412 4.49 -29.35 26.79
C SER A 412 3.21 -30.12 27.07
N ALA A 413 2.45 -29.63 28.04
CA ALA A 413 1.16 -30.26 28.31
C ALA A 413 0.22 -29.97 27.15
N PHE A 414 -0.75 -30.84 26.95
CA PHE A 414 -1.67 -30.68 25.82
C PHE A 414 -3.07 -31.11 26.20
N ARG A 415 -4.05 -30.53 25.52
CA ARG A 415 -5.42 -31.01 25.68
C ARG A 415 -5.59 -32.36 24.99
N ALA A 416 -6.65 -33.07 25.37
CA ALA A 416 -6.98 -34.33 24.71
C ALA A 416 -8.41 -34.71 25.07
N GLY A 417 -8.94 -35.71 24.38
CA GLY A 417 -10.30 -36.15 24.62
C GLY A 417 -10.47 -37.58 24.19
N TRP A 418 -11.73 -38.01 24.18
CA TRP A 418 -12.06 -39.36 23.74
C TRP A 418 -13.55 -39.43 23.44
N ARG A 419 -13.88 -39.89 22.24
CA ARG A 419 -15.26 -40.06 21.80
C ARG A 419 -15.53 -41.55 21.68
N GLY A 420 -16.51 -42.04 22.44
CA GLY A 420 -16.71 -43.47 22.56
C GLY A 420 -17.00 -44.14 21.24
N ASP A 421 -16.70 -45.43 21.18
CA ASP A 421 -16.94 -46.27 20.01
C ASP A 421 -18.12 -47.20 20.19
N TYR A 422 -18.13 -47.98 21.26
CA TYR A 422 -19.30 -48.77 21.64
C TYR A 422 -19.63 -48.50 23.10
N PRO A 423 -20.90 -48.54 23.46
CA PRO A 423 -21.31 -48.13 24.81
C PRO A 423 -20.82 -49.09 25.89
N SER A 424 -19.53 -49.04 26.21
CA SER A 424 -18.95 -49.85 27.26
C SER A 424 -17.91 -49.02 27.99
N MET A 425 -17.92 -49.09 29.33
CA MET A 425 -17.04 -48.24 30.12
C MET A 425 -15.58 -48.65 29.97
N ILE A 426 -15.31 -49.95 29.81
CA ILE A 426 -13.94 -50.42 29.66
C ILE A 426 -13.29 -49.87 28.41
N GLU A 427 -14.10 -49.48 27.42
CA GLU A 427 -13.56 -48.92 26.20
C GLU A 427 -13.04 -47.50 26.41
N PHE A 428 -13.50 -46.82 27.45
CA PHE A 428 -12.98 -45.50 27.79
C PHE A 428 -11.72 -45.58 28.63
N LEU A 429 -11.36 -46.75 29.14
CA LEU A 429 -10.24 -46.90 30.05
C LEU A 429 -9.08 -47.68 29.48
N ALA A 430 -9.34 -48.79 28.77
CA ALA A 430 -8.25 -49.63 28.30
C ALA A 430 -7.39 -48.92 27.25
N PRO A 431 -7.93 -48.44 26.12
CA PRO A 431 -7.07 -47.90 25.06
C PRO A 431 -6.28 -46.67 25.46
N LEU A 432 -6.54 -46.10 26.64
CA LEU A 432 -5.83 -44.91 27.09
C LEU A 432 -4.87 -45.18 28.23
N PHE A 433 -5.06 -46.26 28.99
CA PHE A 433 -4.28 -46.48 30.19
C PHE A 433 -3.63 -47.86 30.28
N THR A 434 -3.83 -48.74 29.30
CA THR A 434 -3.10 -50.01 29.34
C THR A 434 -1.62 -49.76 29.06
N ALA A 435 -0.84 -50.85 29.12
CA ALA A 435 0.61 -50.74 29.08
C ALA A 435 1.09 -50.14 27.76
N GLY A 436 0.84 -50.83 26.66
CA GLY A 436 1.36 -50.40 25.38
C GLY A 436 0.29 -50.05 24.36
N ALA A 437 -0.77 -49.39 24.80
CA ALA A 437 -1.83 -48.99 23.89
C ALA A 437 -1.32 -48.00 22.87
N GLY A 438 -2.04 -47.89 21.75
CA GLY A 438 -1.64 -46.98 20.70
C GLY A 438 -1.90 -45.52 21.04
N SER A 439 -2.96 -45.25 21.79
CA SER A 439 -3.34 -43.89 22.17
C SER A 439 -2.93 -43.56 23.60
N ASN A 440 -1.86 -44.18 24.10
CA ASN A 440 -1.35 -43.91 25.45
C ASN A 440 -0.26 -42.85 25.33
N ASP A 441 -0.68 -41.60 25.27
CA ASP A 441 0.22 -40.52 24.91
C ASP A 441 1.11 -40.07 26.06
N VAL A 442 0.61 -40.12 27.29
CA VAL A 442 1.41 -39.65 28.43
C VAL A 442 2.58 -40.58 28.69
N GLY A 443 2.33 -41.88 28.70
CA GLY A 443 3.38 -42.85 28.98
C GLY A 443 3.09 -43.64 30.24
N TYR A 444 1.82 -43.74 30.61
CA TYR A 444 1.43 -44.40 31.84
C TYR A 444 1.69 -45.89 31.77
N ILE A 445 2.22 -46.44 32.86
CA ILE A 445 2.52 -47.87 32.98
C ILE A 445 2.21 -48.29 34.41
N ASN A 446 1.23 -49.17 34.58
CA ASN A 446 0.85 -49.67 35.90
C ASN A 446 0.34 -51.10 35.75
N PRO A 447 1.16 -52.09 36.05
CA PRO A 447 0.71 -53.49 35.93
C PRO A 447 -0.44 -53.82 36.86
N GLU A 448 -0.49 -53.18 38.03
CA GLU A 448 -1.59 -53.41 38.96
C GLU A 448 -2.92 -53.01 38.32
N PHE A 449 -2.97 -51.84 37.69
CA PHE A 449 -4.18 -51.41 37.02
C PHE A 449 -4.50 -52.28 35.81
N ASP A 450 -3.46 -52.66 35.04
CA ASP A 450 -3.68 -53.53 33.90
C ASP A 450 -4.35 -54.84 34.33
N ALA A 451 -3.85 -55.45 35.40
CA ALA A 451 -4.44 -56.70 35.88
C ALA A 451 -5.81 -56.48 36.50
N ALA A 452 -6.01 -55.37 37.21
CA ALA A 452 -7.32 -55.11 37.81
C ALA A 452 -8.37 -54.83 36.76
N LEU A 453 -7.99 -54.43 35.55
CA LEU A 453 -8.93 -54.28 34.46
C LEU A 453 -9.11 -55.58 33.68
N ALA A 454 -8.04 -56.36 33.53
CA ALA A 454 -8.15 -57.66 32.88
C ALA A 454 -8.93 -58.65 33.73
N ALA A 455 -9.06 -58.40 35.04
CA ALA A 455 -9.92 -59.21 35.88
C ALA A 455 -11.37 -58.75 35.85
N ALA A 456 -11.63 -57.54 35.37
CA ALA A 456 -12.99 -57.06 35.14
C ALA A 456 -13.49 -57.43 33.76
N GLU A 457 -12.59 -57.58 32.79
CA GLU A 457 -12.98 -57.99 31.44
C GLU A 457 -13.35 -59.47 31.36
N ALA A 458 -13.45 -60.17 32.49
CA ALA A 458 -13.80 -61.58 32.48
C ALA A 458 -14.90 -61.94 33.48
N ALA A 459 -15.66 -60.96 33.95
CA ALA A 459 -16.70 -61.23 34.94
C ALA A 459 -17.81 -62.08 34.32
N PRO A 460 -18.47 -62.92 35.13
CA PRO A 460 -19.49 -63.83 34.58
C PRO A 460 -20.67 -63.10 33.97
N THR A 461 -21.32 -62.24 34.74
CA THR A 461 -22.49 -61.51 34.26
C THR A 461 -22.08 -60.09 33.89
N LEU A 462 -23.06 -59.25 33.56
CA LEU A 462 -22.78 -57.90 33.11
C LEU A 462 -22.83 -56.87 34.24
N THR A 463 -23.59 -57.14 35.30
CA THR A 463 -23.64 -56.21 36.41
C THR A 463 -22.46 -56.39 37.37
N GLU A 464 -21.87 -57.57 37.41
CA GLU A 464 -20.65 -57.78 38.19
C GLU A 464 -19.40 -57.37 37.44
N SER A 465 -19.55 -56.89 36.21
CA SER A 465 -18.43 -56.36 35.44
C SER A 465 -18.31 -54.85 35.52
N HIS A 466 -19.26 -54.19 36.18
CA HIS A 466 -19.22 -52.75 36.40
C HIS A 466 -18.66 -52.38 37.77
N GLU A 467 -19.00 -53.18 38.80
CA GLU A 467 -18.41 -52.96 40.11
C GLU A 467 -16.90 -53.09 40.05
N LEU A 468 -16.39 -54.03 39.24
CA LEU A 468 -14.95 -54.20 39.14
C LEU A 468 -14.30 -53.05 38.40
N VAL A 469 -15.00 -52.46 37.43
CA VAL A 469 -14.47 -51.26 36.78
C VAL A 469 -14.44 -50.10 37.77
N ASN A 470 -15.47 -49.97 38.59
CA ASN A 470 -15.49 -48.91 39.58
C ASN A 470 -14.40 -49.12 40.63
N ASP A 471 -14.06 -50.37 40.93
CA ASP A 471 -12.94 -50.63 41.83
C ASP A 471 -11.60 -50.37 41.15
N ALA A 472 -11.51 -50.60 39.84
CA ALA A 472 -10.27 -50.32 39.12
C ALA A 472 -10.03 -48.82 39.00
N GLN A 473 -11.10 -48.03 38.95
CA GLN A 473 -10.92 -46.57 38.90
C GLN A 473 -10.35 -46.01 40.20
N ARG A 474 -10.41 -46.78 41.29
CA ARG A 474 -9.84 -46.35 42.56
C ARG A 474 -8.32 -46.24 42.50
N ILE A 475 -7.68 -46.89 41.53
CA ILE A 475 -6.23 -46.75 41.36
C ILE A 475 -5.90 -45.53 40.53
N LEU A 476 -6.74 -45.22 39.54
CA LEU A 476 -6.56 -43.99 38.78
C LEU A 476 -6.81 -42.77 39.63
N PHE A 477 -7.73 -42.86 40.59
CA PHE A 477 -7.93 -41.73 41.50
C PHE A 477 -6.71 -41.49 42.39
N HIS A 478 -5.87 -42.50 42.60
CA HIS A 478 -4.67 -42.34 43.41
C HIS A 478 -3.45 -41.96 42.59
N ASP A 479 -3.40 -42.36 41.32
CA ASP A 479 -2.24 -42.04 40.48
C ASP A 479 -2.40 -40.74 39.70
N MET A 480 -3.60 -40.43 39.23
CA MET A 480 -3.90 -39.28 38.41
C MET A 480 -2.98 -39.21 37.20
N PRO A 481 -3.14 -40.11 36.22
CA PRO A 481 -2.32 -39.99 35.00
C PRO A 481 -2.68 -38.77 34.17
N VAL A 482 -3.98 -38.51 33.98
CA VAL A 482 -4.47 -37.35 33.25
C VAL A 482 -5.41 -36.59 34.16
N VAL A 483 -5.73 -35.36 33.77
CA VAL A 483 -6.62 -34.52 34.55
C VAL A 483 -7.96 -34.44 33.80
N PRO A 484 -9.01 -35.13 34.26
CA PRO A 484 -10.31 -35.02 33.59
C PRO A 484 -11.00 -33.71 33.93
N LEU A 485 -11.69 -33.14 32.94
CA LEU A 485 -12.28 -31.83 33.11
C LEU A 485 -13.81 -31.86 33.07
N TRP A 486 -14.41 -32.39 32.02
CA TRP A 486 -15.86 -32.34 31.91
C TRP A 486 -16.34 -33.30 30.83
N ASP A 487 -17.65 -33.52 30.82
CA ASP A 487 -18.34 -34.35 29.85
C ASP A 487 -19.24 -33.47 28.99
N TYR A 488 -19.49 -33.93 27.76
CA TYR A 488 -20.12 -33.11 26.74
C TYR A 488 -21.63 -33.18 26.80
N ILE A 489 -22.25 -32.15 26.22
CA ILE A 489 -23.68 -32.11 25.92
C ILE A 489 -23.77 -31.65 24.47
N SER A 490 -23.94 -32.59 23.55
CA SER A 490 -23.76 -32.30 22.14
C SER A 490 -24.94 -31.49 21.59
N VAL A 491 -24.61 -30.39 20.91
CA VAL A 491 -25.59 -29.55 20.23
C VAL A 491 -25.25 -29.53 18.75
N VAL A 492 -26.20 -29.93 17.91
CA VAL A 492 -26.02 -29.90 16.47
C VAL A 492 -27.10 -29.00 15.88
N GLY A 493 -26.85 -28.52 14.67
CA GLY A 493 -27.82 -27.69 13.99
C GLY A 493 -27.82 -27.88 12.49
N TRP A 494 -28.99 -27.97 11.89
CA TRP A 494 -29.12 -28.11 10.45
C TRP A 494 -29.81 -26.89 9.86
N SER A 495 -30.02 -26.93 8.55
CA SER A 495 -30.57 -25.81 7.80
C SER A 495 -31.98 -26.16 7.31
N SER A 496 -32.52 -25.28 6.47
CA SER A 496 -33.89 -25.48 5.97
C SER A 496 -33.94 -26.61 4.94
N GLN A 497 -32.97 -26.69 4.04
CA GLN A 497 -33.00 -27.68 2.98
C GLN A 497 -32.50 -29.03 3.46
N VAL A 498 -33.07 -29.52 4.55
CA VAL A 498 -32.75 -30.84 5.09
C VAL A 498 -33.82 -31.19 6.11
N SER A 499 -34.21 -32.47 6.15
CA SER A 499 -35.45 -32.82 6.82
C SER A 499 -35.41 -34.05 7.71
N ASN A 500 -34.30 -34.76 7.81
CA ASN A 500 -34.29 -35.98 8.61
C ASN A 500 -33.00 -36.11 9.41
N VAL A 501 -32.58 -35.03 10.07
CA VAL A 501 -31.36 -35.06 10.87
C VAL A 501 -31.67 -35.63 12.24
N THR A 502 -30.86 -36.59 12.68
CA THR A 502 -30.94 -37.14 14.03
C THR A 502 -29.53 -37.55 14.45
N VAL A 503 -29.24 -37.44 15.73
CA VAL A 503 -27.90 -37.67 16.25
C VAL A 503 -27.86 -39.01 16.97
N THR A 504 -26.67 -39.58 17.05
CA THR A 504 -26.44 -40.86 17.70
C THR A 504 -26.12 -40.66 19.17
N TRP A 505 -25.67 -41.75 19.81
CA TRP A 505 -25.38 -41.72 21.24
C TRP A 505 -24.07 -41.03 21.57
N ASN A 506 -23.20 -40.82 20.58
CA ASN A 506 -21.90 -40.20 20.82
C ASN A 506 -21.75 -38.86 20.10
N GLY A 507 -22.86 -38.21 19.78
CA GLY A 507 -22.83 -36.88 19.24
C GLY A 507 -22.68 -36.78 17.74
N LEU A 508 -22.40 -37.88 17.05
CA LEU A 508 -22.28 -37.69 15.62
C LEU A 508 -23.65 -37.81 14.95
N PRO A 509 -23.90 -37.04 13.89
CA PRO A 509 -25.15 -37.17 13.15
C PRO A 509 -25.28 -38.55 12.53
N ASP A 510 -26.50 -38.87 12.12
CA ASP A 510 -26.80 -40.18 11.54
C ASP A 510 -26.82 -40.04 10.02
N TYR A 511 -25.63 -39.94 9.43
CA TYR A 511 -25.52 -39.99 7.99
C TYR A 511 -26.16 -41.28 7.48
N GLU A 512 -26.47 -41.28 6.17
CA GLU A 512 -27.29 -42.31 5.54
C GLU A 512 -28.74 -42.18 5.98
N ASN A 513 -29.03 -41.26 6.91
CA ASN A 513 -30.42 -40.94 7.25
C ASN A 513 -30.83 -39.54 6.86
N ILE A 514 -29.87 -38.64 6.65
CA ILE A 514 -30.17 -37.27 6.27
C ILE A 514 -30.82 -37.23 4.90
N VAL A 515 -32.08 -36.80 4.85
CA VAL A 515 -32.79 -36.60 3.59
C VAL A 515 -32.78 -35.12 3.27
N LYS A 516 -32.25 -34.76 2.10
CA LYS A 516 -32.12 -33.36 1.74
C LYS A 516 -33.28 -32.82 0.91
N ALA A 517 -33.53 -33.41 -0.26
CA ALA A 517 -34.52 -32.87 -1.16
C ALA A 517 -35.90 -33.45 -0.87
N MET B 1 6.52 7.72 -29.93
CA MET B 1 5.80 6.65 -29.23
C MET B 1 6.41 5.30 -29.55
N GLY B 2 6.94 5.15 -30.76
CA GLY B 2 7.54 3.90 -31.17
C GLY B 2 8.83 3.61 -30.40
N TRP B 3 9.60 4.65 -30.10
CA TRP B 3 10.88 4.50 -29.42
C TRP B 3 10.75 4.63 -27.90
N TYR B 4 9.53 4.74 -27.38
CA TYR B 4 9.33 4.80 -25.94
C TYR B 4 9.19 3.41 -25.32
N VAL B 5 8.43 2.53 -25.96
CA VAL B 5 8.24 1.19 -25.43
C VAL B 5 9.53 0.38 -25.54
N ALA B 6 10.36 0.68 -26.53
CA ALA B 6 11.62 -0.03 -26.67
C ALA B 6 12.58 0.28 -25.53
N ARG B 7 12.32 1.37 -24.82
CA ARG B 7 13.13 1.79 -23.66
C ARG B 7 12.41 1.36 -22.39
N ARG B 8 11.09 1.28 -22.43
CA ARG B 8 10.32 0.84 -21.27
C ARG B 8 10.54 -0.65 -21.00
N VAL B 9 10.51 -1.49 -22.04
CA VAL B 9 10.70 -2.91 -21.80
C VAL B 9 12.15 -3.22 -21.45
N ALA B 10 13.09 -2.50 -22.05
CA ALA B 10 14.50 -2.69 -21.71
C ALA B 10 14.77 -2.30 -20.26
N VAL B 11 14.01 -1.36 -19.72
CA VAL B 11 14.12 -1.04 -18.30
C VAL B 11 13.39 -2.07 -17.46
N MET B 12 12.30 -2.63 -17.97
CA MET B 12 11.58 -3.66 -17.22
C MET B 12 12.43 -4.91 -17.02
N VAL B 13 13.27 -5.26 -18.00
CA VAL B 13 14.02 -6.52 -17.92
C VAL B 13 14.85 -6.63 -16.65
N PRO B 14 15.71 -5.67 -16.29
CA PRO B 14 16.47 -5.81 -15.04
C PRO B 14 15.58 -5.88 -13.81
N VAL B 15 14.42 -5.22 -13.82
CA VAL B 15 13.54 -5.28 -12.67
C VAL B 15 13.03 -6.70 -12.45
N PHE B 16 12.68 -7.40 -13.53
CA PHE B 16 12.25 -8.79 -13.41
C PHE B 16 13.41 -9.69 -12.98
N LEU B 17 14.56 -9.56 -13.64
CA LEU B 17 15.71 -10.38 -13.29
C LEU B 17 16.19 -10.12 -11.87
N GLY B 18 15.85 -8.97 -11.29
CA GLY B 18 16.25 -8.68 -9.93
C GLY B 18 15.19 -9.01 -8.90
N ALA B 19 13.93 -8.97 -9.30
CA ALA B 19 12.85 -9.33 -8.39
C ALA B 19 12.69 -10.84 -8.26
N THR B 20 13.13 -11.61 -9.27
CA THR B 20 13.18 -13.06 -9.08
C THR B 20 14.29 -13.45 -8.10
N LEU B 21 15.38 -12.68 -8.07
CA LEU B 21 16.49 -12.98 -7.15
C LEU B 21 16.06 -12.87 -5.70
N LEU B 22 15.28 -11.85 -5.35
CA LEU B 22 14.85 -11.69 -3.97
C LEU B 22 13.96 -12.85 -3.54
N ILE B 23 13.06 -13.29 -4.41
CA ILE B 23 12.20 -14.42 -4.07
C ILE B 23 13.03 -15.68 -3.87
N TYR B 24 13.91 -15.99 -4.82
CA TYR B 24 14.71 -17.19 -4.64
C TYR B 24 15.67 -17.09 -3.47
N GLY B 25 16.09 -15.88 -3.10
CA GLY B 25 16.94 -15.68 -1.95
C GLY B 25 16.20 -15.92 -0.66
N MET B 26 14.98 -15.39 -0.54
CA MET B 26 14.18 -15.71 0.62
C MET B 26 13.76 -17.17 0.65
N VAL B 27 13.84 -17.86 -0.49
CA VAL B 27 13.62 -19.30 -0.50
C VAL B 27 14.85 -20.06 -0.01
N PHE B 28 16.05 -19.63 -0.40
CA PHE B 28 17.26 -20.43 -0.21
C PHE B 28 18.09 -20.04 1.01
N LEU B 29 18.14 -18.76 1.39
CA LEU B 29 18.97 -18.29 2.50
C LEU B 29 18.07 -17.92 3.66
N LEU B 30 18.25 -18.61 4.79
CA LEU B 30 17.42 -18.44 5.98
C LEU B 30 18.27 -18.75 7.21
N PRO B 31 17.72 -18.64 8.44
CA PRO B 31 18.53 -18.97 9.62
C PRO B 31 18.89 -20.45 9.71
N GLY B 32 19.96 -20.82 9.02
CA GLY B 32 20.46 -22.18 8.97
C GLY B 32 20.03 -22.99 7.77
N ASP B 33 18.76 -23.40 7.70
CA ASP B 33 18.35 -24.21 6.57
C ASP B 33 16.86 -24.08 6.25
N PRO B 34 16.52 -23.43 5.14
CA PRO B 34 15.09 -23.32 4.76
C PRO B 34 14.42 -24.65 4.54
N VAL B 35 15.18 -25.72 4.27
CA VAL B 35 14.59 -27.05 4.17
C VAL B 35 13.86 -27.41 5.46
N ALA B 36 14.35 -26.91 6.60
CA ALA B 36 13.65 -27.07 7.86
C ALA B 36 12.78 -25.87 8.21
N ALA B 37 12.92 -24.76 7.49
CA ALA B 37 12.13 -23.57 7.73
C ALA B 37 10.96 -23.43 6.76
N LEU B 38 10.91 -24.23 5.69
CA LEU B 38 9.79 -24.20 4.76
C LEU B 38 8.95 -25.46 4.90
N ALA B 49 10.26 -36.83 3.70
CA ALA B 49 11.44 -35.99 3.50
C ALA B 49 11.91 -36.06 2.04
N ALA B 50 11.24 -36.91 1.25
CA ALA B 50 11.68 -37.17 -0.11
C ALA B 50 11.74 -35.92 -0.97
N GLN B 51 11.19 -34.80 -0.50
CA GLN B 51 11.33 -33.55 -1.25
C GLN B 51 12.70 -32.90 -1.11
N LEU B 52 13.69 -33.49 -0.44
CA LEU B 52 15.00 -32.86 -0.34
C LEU B 52 16.01 -33.39 -1.35
N ARG B 53 15.70 -34.47 -2.06
CA ARG B 53 16.58 -34.98 -3.11
C ARG B 53 16.02 -34.78 -4.51
N SER B 54 14.72 -35.04 -4.72
CA SER B 54 14.12 -34.79 -6.03
C SER B 54 14.07 -33.30 -6.32
N HIS B 55 13.35 -32.55 -5.48
CA HIS B 55 13.46 -31.09 -5.50
C HIS B 55 14.65 -30.65 -4.68
N TYR B 56 15.36 -29.64 -5.18
CA TYR B 56 16.63 -29.21 -4.60
C TYR B 56 17.61 -30.39 -4.56
N HIS B 57 18.06 -30.79 -5.75
CA HIS B 57 18.92 -31.96 -5.91
C HIS B 57 20.32 -31.71 -5.36
N LEU B 58 20.49 -30.63 -4.61
CA LEU B 58 21.75 -30.29 -3.93
C LEU B 58 22.81 -29.84 -4.92
N ASP B 59 22.39 -29.08 -5.93
CA ASP B 59 23.32 -28.45 -6.88
C ASP B 59 23.82 -27.16 -6.23
N ASP B 60 24.80 -27.33 -5.33
CA ASP B 60 25.38 -26.28 -4.49
C ASP B 60 25.81 -25.03 -5.25
N PRO B 61 26.20 -25.11 -6.54
CA PRO B 61 26.44 -23.88 -7.29
C PRO B 61 25.16 -23.10 -7.54
N PHE B 62 24.78 -22.30 -6.55
CA PHE B 62 23.53 -21.56 -6.46
C PHE B 62 23.05 -20.99 -7.79
N LEU B 63 23.99 -20.49 -8.61
CA LEU B 63 23.61 -19.87 -9.88
C LEU B 63 22.83 -20.84 -10.77
N VAL B 64 23.33 -22.07 -10.92
CA VAL B 64 22.65 -22.99 -11.82
C VAL B 64 21.33 -23.48 -11.22
N GLN B 65 21.25 -23.54 -9.89
CA GLN B 65 19.96 -23.82 -9.26
C GLN B 65 18.95 -22.73 -9.57
N TYR B 66 19.38 -21.47 -9.48
CA TYR B 66 18.52 -20.35 -9.87
C TYR B 66 18.11 -20.44 -11.34
N LEU B 67 19.04 -20.85 -12.20
CA LEU B 67 18.72 -20.99 -13.62
C LEU B 67 17.66 -22.04 -13.85
N ARG B 68 17.81 -23.23 -13.25
CA ARG B 68 16.80 -24.27 -13.39
C ARG B 68 15.47 -23.82 -12.80
N TYR B 69 15.51 -23.09 -11.69
CA TYR B 69 14.30 -22.58 -11.07
C TYR B 69 13.56 -21.65 -12.02
N LEU B 70 14.28 -20.73 -12.66
CA LEU B 70 13.65 -19.82 -13.60
C LEU B 70 13.12 -20.56 -14.82
N GLY B 71 13.85 -21.56 -15.30
CA GLY B 71 13.35 -22.35 -16.41
C GLY B 71 12.05 -23.05 -16.08
N GLY B 72 11.96 -23.61 -14.86
CA GLY B 72 10.73 -24.23 -14.43
C GLY B 72 9.59 -23.23 -14.31
N ILE B 73 9.87 -22.06 -13.73
CA ILE B 73 8.86 -21.01 -13.62
C ILE B 73 8.36 -20.61 -14.99
N LEU B 74 9.26 -20.54 -15.97
CA LEU B 74 8.86 -20.16 -17.32
C LEU B 74 8.00 -21.24 -17.97
N HIS B 75 8.41 -22.50 -17.86
CA HIS B 75 7.65 -23.56 -18.51
C HIS B 75 6.48 -24.03 -17.66
N GLY B 76 5.66 -23.09 -17.21
CA GLY B 76 4.40 -23.39 -16.56
C GLY B 76 4.49 -24.11 -15.22
N ASP B 77 5.67 -24.52 -14.78
CA ASP B 77 5.81 -25.28 -13.55
C ASP B 77 6.00 -24.31 -12.39
N LEU B 78 4.97 -24.15 -11.57
CA LEU B 78 5.04 -23.26 -10.43
C LEU B 78 5.41 -23.97 -9.14
N GLY B 79 4.87 -25.15 -8.91
CA GLY B 79 5.16 -25.91 -7.72
C GLY B 79 4.05 -26.89 -7.42
N ARG B 80 3.70 -27.00 -6.14
CA ARG B 80 2.67 -27.93 -5.67
C ARG B 80 1.97 -27.30 -4.48
N ALA B 81 0.66 -27.15 -4.58
CA ALA B 81 -0.10 -26.55 -3.50
C ALA B 81 -0.20 -27.52 -2.33
N TYR B 82 -0.75 -27.02 -1.23
CA TYR B 82 -0.89 -27.83 -0.01
C TYR B 82 -2.02 -28.83 -0.10
N SER B 83 -2.84 -28.77 -1.16
CA SER B 83 -3.94 -29.71 -1.35
C SER B 83 -3.61 -30.80 -2.37
N GLY B 84 -2.34 -30.96 -2.71
CA GLY B 84 -1.92 -31.99 -3.64
C GLY B 84 -2.08 -31.64 -5.10
N LEU B 85 -2.62 -30.47 -5.43
CA LEU B 85 -2.80 -30.06 -6.81
C LEU B 85 -1.72 -29.08 -7.23
N PRO B 86 -1.29 -29.11 -8.49
CA PRO B 86 -0.32 -28.11 -8.96
C PRO B 86 -0.90 -26.71 -8.85
N VAL B 87 -0.03 -25.75 -8.54
CA VAL B 87 -0.47 -24.37 -8.32
C VAL B 87 -1.16 -23.81 -9.56
N SER B 88 -0.78 -24.28 -10.75
CA SER B 88 -1.44 -23.85 -11.96
C SER B 88 -2.93 -24.15 -11.91
N ALA B 89 -3.29 -25.35 -11.45
CA ALA B 89 -4.70 -25.75 -11.42
C ALA B 89 -5.50 -24.89 -10.44
N VAL B 90 -4.98 -24.71 -9.23
CA VAL B 90 -5.74 -23.94 -8.24
C VAL B 90 -5.86 -22.49 -8.65
N LEU B 91 -4.82 -21.93 -9.29
CA LEU B 91 -4.92 -20.55 -9.73
C LEU B 91 -5.90 -20.41 -10.89
N ALA B 92 -5.84 -21.31 -11.87
CA ALA B 92 -6.78 -21.26 -12.98
C ALA B 92 -8.20 -21.51 -12.53
N HIS B 93 -8.40 -22.18 -11.40
CA HIS B 93 -9.74 -22.40 -10.89
C HIS B 93 -10.22 -21.28 -9.97
N ALA B 94 -9.32 -20.49 -9.38
CA ALA B 94 -9.72 -19.46 -8.43
C ALA B 94 -9.47 -18.04 -8.92
N PHE B 95 -9.05 -17.85 -10.17
CA PHE B 95 -8.91 -16.48 -10.67
C PHE B 95 -10.22 -15.81 -11.06
N PRO B 96 -11.15 -16.47 -11.76
CA PRO B 96 -12.40 -15.80 -12.12
C PRO B 96 -13.10 -15.11 -10.96
N VAL B 97 -13.07 -15.71 -9.76
CA VAL B 97 -13.80 -15.14 -8.63
C VAL B 97 -13.14 -13.84 -8.18
N THR B 98 -11.81 -13.83 -8.04
CA THR B 98 -11.15 -12.60 -7.61
C THR B 98 -11.20 -11.54 -8.70
N ILE B 99 -11.29 -11.95 -9.97
CA ILE B 99 -11.44 -10.96 -11.04
C ILE B 99 -12.83 -10.32 -10.97
N ARG B 100 -13.87 -11.12 -10.78
CA ARG B 100 -15.20 -10.57 -10.63
C ARG B 100 -15.36 -9.76 -9.35
N LEU B 101 -14.51 -10.01 -8.35
CA LEU B 101 -14.54 -9.19 -7.15
C LEU B 101 -13.78 -7.89 -7.34
N ALA B 102 -12.71 -7.91 -8.14
CA ALA B 102 -11.92 -6.71 -8.40
C ALA B 102 -12.55 -5.80 -9.46
N LEU B 103 -13.47 -6.32 -10.27
CA LEU B 103 -14.22 -5.45 -11.16
C LEU B 103 -15.15 -4.54 -10.36
N ILE B 104 -15.85 -5.11 -9.38
CA ILE B 104 -16.39 -4.30 -8.31
C ILE B 104 -15.23 -3.77 -7.46
N ALA B 105 -15.48 -2.69 -6.72
CA ALA B 105 -14.48 -1.95 -5.98
C ALA B 105 -13.52 -1.22 -6.91
N LEU B 106 -13.62 -1.44 -8.22
CA LEU B 106 -13.00 -0.61 -9.22
C LEU B 106 -14.02 0.11 -10.08
N ALA B 107 -15.24 -0.45 -10.21
CA ALA B 107 -16.37 0.30 -10.72
C ALA B 107 -17.00 1.19 -9.66
N VAL B 108 -16.53 1.12 -8.42
CA VAL B 108 -17.02 1.98 -7.35
C VAL B 108 -16.05 3.14 -7.16
N GLU B 109 -14.78 2.81 -6.92
CA GLU B 109 -13.75 3.83 -6.71
C GLU B 109 -13.49 4.71 -7.92
N ALA B 110 -14.01 4.32 -9.08
CA ALA B 110 -13.81 5.09 -10.30
C ALA B 110 -15.06 5.80 -10.76
N VAL B 111 -16.24 5.33 -10.38
CA VAL B 111 -17.48 6.05 -10.63
C VAL B 111 -17.76 7.05 -9.52
N LEU B 112 -17.95 6.57 -8.29
CA LEU B 112 -18.29 7.47 -7.19
C LEU B 112 -17.14 8.42 -6.88
N GLY B 113 -15.91 7.91 -6.85
CA GLY B 113 -14.77 8.77 -6.55
C GLY B 113 -14.63 9.91 -7.52
N ILE B 114 -14.67 9.61 -8.82
CA ILE B 114 -14.49 10.65 -9.83
C ILE B 114 -15.70 11.59 -9.86
N GLY B 115 -16.91 11.03 -9.78
CA GLY B 115 -18.10 11.86 -9.79
C GLY B 115 -18.22 12.78 -8.60
N PHE B 116 -17.58 12.43 -7.48
CA PHE B 116 -17.56 13.35 -6.35
C PHE B 116 -16.39 14.32 -6.44
N GLY B 117 -15.24 13.87 -6.93
CA GLY B 117 -14.09 14.74 -7.04
C GLY B 117 -14.31 15.87 -8.02
N VAL B 118 -14.93 15.57 -9.16
CA VAL B 118 -15.19 16.61 -10.15
C VAL B 118 -16.06 17.71 -9.56
N ILE B 119 -17.12 17.32 -8.85
CA ILE B 119 -18.02 18.31 -8.27
C ILE B 119 -17.32 19.10 -7.17
N ALA B 120 -16.59 18.42 -6.29
CA ALA B 120 -15.89 19.11 -5.21
C ALA B 120 -14.76 19.98 -5.72
N GLY B 121 -14.27 19.75 -6.94
CA GLY B 121 -13.26 20.60 -7.52
C GLY B 121 -13.85 21.81 -8.20
N LEU B 122 -14.93 21.61 -8.97
CA LEU B 122 -15.55 22.74 -9.65
C LEU B 122 -16.24 23.67 -8.67
N ARG B 123 -16.72 23.15 -7.55
CA ARG B 123 -17.38 23.94 -6.52
C ARG B 123 -16.56 24.04 -5.24
N GLN B 124 -15.25 24.21 -5.35
CA GLN B 124 -14.38 24.19 -4.19
C GLN B 124 -14.68 25.39 -3.29
N GLY B 125 -14.16 25.30 -2.06
CA GLY B 125 -14.42 26.31 -1.05
C GLY B 125 -15.77 26.25 -0.40
N GLY B 126 -16.56 25.21 -0.68
CA GLY B 126 -17.92 25.12 -0.20
C GLY B 126 -18.11 24.07 0.88
N ILE B 127 -19.34 24.03 1.39
CA ILE B 127 -19.70 23.07 2.43
C ILE B 127 -19.55 21.64 1.90
N PHE B 128 -19.97 21.40 0.66
CA PHE B 128 -19.84 20.08 0.08
C PHE B 128 -18.38 19.67 -0.02
N ASP B 129 -17.51 20.58 -0.46
CA ASP B 129 -16.09 20.29 -0.53
C ASP B 129 -15.53 19.94 0.84
N SER B 130 -15.83 20.78 1.84
CA SER B 130 -15.35 20.52 3.19
C SER B 130 -15.82 19.15 3.68
N ALA B 131 -17.09 18.82 3.45
CA ALA B 131 -17.64 17.56 3.93
C ALA B 131 -16.99 16.38 3.23
N VAL B 132 -16.79 16.46 1.91
CA VAL B 132 -16.21 15.31 1.22
C VAL B 132 -14.76 15.13 1.61
N LEU B 133 -14.02 16.22 1.85
CA LEU B 133 -12.64 16.07 2.31
C LEU B 133 -12.57 15.47 3.71
N VAL B 134 -13.43 15.94 4.62
CA VAL B 134 -13.37 15.42 5.98
C VAL B 134 -13.89 13.99 6.05
N THR B 135 -14.71 13.57 5.09
CA THR B 135 -15.13 12.17 5.05
C THR B 135 -14.07 11.27 4.42
N GLY B 136 -13.39 11.76 3.38
CA GLY B 136 -12.28 11.00 2.83
C GLY B 136 -11.14 10.83 3.80
N LEU B 137 -10.90 11.84 4.64
CA LEU B 137 -9.86 11.72 5.65
C LEU B 137 -10.23 10.79 6.79
N VAL B 138 -11.53 10.51 6.97
CA VAL B 138 -11.98 9.59 8.00
C VAL B 138 -11.99 8.16 7.49
N ILE B 139 -12.40 7.95 6.24
CA ILE B 139 -12.50 6.59 5.71
C ILE B 139 -11.13 5.91 5.68
N ILE B 140 -10.05 6.68 5.54
CA ILE B 140 -8.73 6.05 5.53
C ILE B 140 -8.31 5.64 6.93
N ALA B 141 -8.77 6.37 7.96
CA ALA B 141 -8.37 6.06 9.32
C ALA B 141 -8.78 4.66 9.73
N ILE B 142 -10.04 4.31 9.50
CA ILE B 142 -10.59 3.00 9.87
C ILE B 142 -9.83 1.89 9.15
N PRO B 143 -9.21 0.96 9.87
CA PRO B 143 -8.52 -0.15 9.21
C PRO B 143 -9.48 -0.99 8.39
N ILE B 144 -8.90 -1.86 7.57
CA ILE B 144 -9.70 -2.63 6.62
C ILE B 144 -10.46 -3.75 7.34
N PHE B 145 -9.81 -4.43 8.28
CA PHE B 145 -10.43 -5.60 8.89
C PHE B 145 -11.58 -5.23 9.80
N VAL B 146 -11.42 -4.16 10.59
CA VAL B 146 -12.49 -3.76 11.50
C VAL B 146 -13.67 -3.20 10.72
N LEU B 147 -13.40 -2.44 9.65
CA LEU B 147 -14.47 -1.96 8.80
C LEU B 147 -15.21 -3.12 8.14
N GLY B 148 -14.46 -4.10 7.63
CA GLY B 148 -15.08 -5.26 7.02
C GLY B 148 -15.97 -6.01 7.97
N PHE B 149 -15.47 -6.27 9.19
CA PHE B 149 -16.27 -7.04 10.14
C PHE B 149 -17.49 -6.24 10.62
N LEU B 150 -17.33 -4.92 10.78
CA LEU B 150 -18.47 -4.11 11.19
C LEU B 150 -19.55 -4.10 10.12
N ALA B 151 -19.16 -3.95 8.85
CA ALA B 151 -20.13 -4.01 7.77
C ALA B 151 -20.80 -5.38 7.71
N GLN B 152 -20.00 -6.44 7.85
CA GLN B 152 -20.55 -7.80 7.82
C GLN B 152 -21.60 -7.98 8.91
N PHE B 153 -21.25 -7.60 10.15
CA PHE B 153 -22.23 -7.67 11.23
C PHE B 153 -23.48 -6.88 10.88
N LEU B 154 -23.34 -5.56 10.71
CA LEU B 154 -24.48 -4.67 10.56
C LEU B 154 -25.40 -5.11 9.44
N PHE B 155 -24.86 -5.63 8.34
CA PHE B 155 -25.72 -5.97 7.23
C PHE B 155 -26.19 -7.42 7.25
N GLY B 156 -25.26 -8.37 7.37
CA GLY B 156 -25.67 -9.77 7.37
C GLY B 156 -26.52 -10.13 8.58
N VAL B 157 -26.01 -9.85 9.78
CA VAL B 157 -26.64 -10.38 10.99
C VAL B 157 -27.82 -9.53 11.41
N GLN B 158 -27.58 -8.25 11.66
CA GLN B 158 -28.58 -7.41 12.32
C GLN B 158 -29.76 -7.10 11.41
N LEU B 159 -29.51 -6.37 10.31
CA LEU B 159 -30.56 -6.04 9.35
C LEU B 159 -30.38 -6.97 8.15
N GLU B 160 -31.01 -8.15 8.23
CA GLU B 160 -30.69 -9.21 7.29
C GLU B 160 -31.01 -8.79 5.86
N ILE B 161 -29.98 -8.43 5.10
CA ILE B 161 -30.12 -8.00 3.71
C ILE B 161 -29.16 -8.82 2.86
N ALA B 162 -27.89 -8.78 3.21
CA ALA B 162 -26.81 -9.46 2.52
C ALA B 162 -26.48 -10.77 3.20
N PRO B 163 -25.86 -11.70 2.50
CA PRO B 163 -25.42 -12.95 3.15
C PRO B 163 -24.21 -12.70 4.02
N VAL B 164 -24.09 -13.50 5.07
CA VAL B 164 -22.98 -13.34 6.01
C VAL B 164 -21.67 -13.75 5.35
N THR B 165 -21.66 -14.86 4.64
CA THR B 165 -20.49 -15.31 3.89
C THR B 165 -20.94 -15.74 2.50
N VAL B 166 -20.07 -15.52 1.52
CA VAL B 166 -20.41 -15.86 0.15
C VAL B 166 -20.37 -17.36 -0.05
N GLY B 167 -19.21 -17.97 0.17
CA GLY B 167 -19.12 -19.42 0.25
C GLY B 167 -19.36 -20.19 -1.03
N GLU B 168 -18.47 -20.04 -2.01
CA GLU B 168 -18.37 -20.93 -3.16
C GLU B 168 -19.53 -20.75 -4.14
N ARG B 169 -20.52 -19.95 -3.76
CA ARG B 169 -21.61 -19.55 -4.66
C ARG B 169 -21.50 -18.03 -4.81
N ALA B 170 -20.68 -17.59 -5.75
CA ALA B 170 -20.28 -16.19 -5.86
C ALA B 170 -20.77 -15.63 -7.19
N SER B 171 -22.00 -15.14 -7.19
CA SER B 171 -22.49 -14.31 -8.28
C SER B 171 -22.34 -12.84 -7.90
N VAL B 172 -22.51 -11.97 -8.89
CA VAL B 172 -22.41 -10.53 -8.63
C VAL B 172 -23.50 -10.04 -7.68
N GLY B 173 -24.56 -10.81 -7.51
CA GLY B 173 -25.59 -10.48 -6.54
C GLY B 173 -25.05 -10.42 -5.12
N ARG B 174 -24.54 -11.54 -4.62
CA ARG B 174 -24.06 -11.63 -3.25
C ARG B 174 -22.58 -11.29 -3.12
N LEU B 175 -21.90 -10.92 -4.19
CA LEU B 175 -20.53 -10.46 -4.15
C LEU B 175 -20.44 -8.94 -4.11
N LEU B 176 -21.51 -8.29 -3.70
CA LEU B 176 -21.63 -6.84 -3.81
C LEU B 176 -21.20 -6.11 -2.54
N LEU B 177 -21.41 -6.72 -1.37
CA LEU B 177 -20.98 -6.13 -0.12
C LEU B 177 -19.47 -6.22 0.07
N PRO B 178 -18.84 -7.38 -0.18
CA PRO B 178 -17.37 -7.41 -0.13
C PRO B 178 -16.73 -6.43 -1.09
N GLY B 179 -17.31 -6.26 -2.29
CA GLY B 179 -16.77 -5.28 -3.22
C GLY B 179 -16.80 -3.87 -2.67
N ILE B 180 -17.93 -3.47 -2.10
CA ILE B 180 -18.05 -2.14 -1.51
C ILE B 180 -17.06 -1.97 -0.37
N VAL B 181 -16.92 -3.00 0.47
CA VAL B 181 -16.00 -2.90 1.61
C VAL B 181 -14.56 -2.76 1.12
N LEU B 182 -14.21 -3.49 0.06
CA LEU B 182 -12.85 -3.42 -0.45
C LEU B 182 -12.59 -2.12 -1.20
N GLY B 183 -13.62 -1.53 -1.77
CA GLY B 183 -13.44 -0.32 -2.57
C GLY B 183 -13.53 0.97 -1.79
N ALA B 184 -14.25 0.95 -0.66
CA ALA B 184 -14.34 2.15 0.17
C ALA B 184 -12.96 2.59 0.63
N MET B 185 -12.09 1.62 0.91
CA MET B 185 -10.67 1.92 0.99
C MET B 185 -10.16 2.11 -0.43
N SER B 186 -9.43 3.20 -0.66
CA SER B 186 -8.94 3.68 -1.95
C SER B 186 -10.04 4.37 -2.74
N PHE B 187 -11.29 4.36 -2.27
CA PHE B 187 -12.25 5.36 -2.73
C PHE B 187 -12.02 6.70 -2.05
N ALA B 188 -11.37 6.72 -0.90
CA ALA B 188 -11.01 7.95 -0.22
C ALA B 188 -9.72 8.56 -0.73
N TYR B 189 -9.08 7.92 -1.72
CA TYR B 189 -7.92 8.48 -2.41
C TYR B 189 -8.28 9.06 -3.76
N VAL B 190 -9.18 8.39 -4.49
CA VAL B 190 -9.55 8.80 -5.83
C VAL B 190 -10.66 9.84 -5.70
N VAL B 191 -10.91 10.28 -4.48
CA VAL B 191 -11.79 11.43 -4.24
C VAL B 191 -11.04 12.62 -3.68
N ARG B 192 -9.86 12.41 -3.09
CA ARG B 192 -9.01 13.50 -2.62
C ARG B 192 -7.88 13.81 -3.58
N LEU B 193 -7.66 12.98 -4.59
CA LEU B 193 -6.67 13.28 -5.62
C LEU B 193 -7.28 14.02 -6.80
N THR B 194 -8.42 13.54 -7.30
CA THR B 194 -9.03 14.20 -8.45
C THR B 194 -9.58 15.57 -8.07
N ARG B 195 -10.01 15.74 -6.83
CA ARG B 195 -10.45 17.07 -6.39
C ARG B 195 -9.29 18.05 -6.40
N SER B 196 -8.15 17.64 -5.85
CA SER B 196 -6.97 18.51 -5.83
C SER B 196 -6.39 18.73 -7.22
N ALA B 197 -6.62 17.79 -8.15
CA ALA B 197 -6.19 18.01 -9.52
C ALA B 197 -7.09 19.01 -10.24
N VAL B 198 -8.40 18.82 -10.12
CA VAL B 198 -9.35 19.69 -10.82
C VAL B 198 -9.30 21.11 -10.26
N ALA B 199 -9.24 21.25 -8.93
CA ALA B 199 -9.27 22.57 -8.34
C ALA B 199 -8.04 23.39 -8.72
N ALA B 200 -6.94 22.73 -9.04
CA ALA B 200 -5.72 23.43 -9.45
C ALA B 200 -5.58 23.53 -10.96
N ASN B 201 -6.28 22.70 -11.72
CA ASN B 201 -6.24 22.78 -13.17
C ASN B 201 -7.31 23.69 -13.74
N ALA B 202 -8.35 24.01 -12.98
CA ALA B 202 -9.40 24.90 -13.46
C ALA B 202 -9.00 26.37 -13.41
N HIS B 203 -7.77 26.68 -13.02
CA HIS B 203 -7.28 28.06 -13.01
C HIS B 203 -6.06 28.22 -13.91
N ALA B 204 -5.89 27.33 -14.89
CA ALA B 204 -4.77 27.42 -15.80
C ALA B 204 -4.97 28.60 -16.76
N ASP B 205 -4.03 28.75 -17.68
CA ASP B 205 -4.09 29.84 -18.65
C ASP B 205 -4.83 29.43 -19.92
N TYR B 206 -4.59 28.22 -20.41
CA TYR B 206 -5.31 27.77 -21.60
C TYR B 206 -6.81 27.68 -21.35
N VAL B 207 -7.23 27.49 -20.09
CA VAL B 207 -8.65 27.50 -19.78
C VAL B 207 -9.23 28.89 -19.98
N ARG B 208 -8.52 29.92 -19.53
CA ARG B 208 -8.98 31.28 -19.75
C ARG B 208 -8.98 31.63 -21.23
N THR B 209 -7.95 31.22 -21.96
CA THR B 209 -7.92 31.50 -23.39
C THR B 209 -9.02 30.76 -24.13
N ALA B 210 -9.40 29.57 -23.66
CA ALA B 210 -10.46 28.80 -24.30
C ALA B 210 -11.84 29.34 -23.97
N THR B 211 -12.02 29.88 -22.76
CA THR B 211 -13.31 30.47 -22.43
C THR B 211 -13.45 31.87 -22.97
N ALA B 212 -12.35 32.52 -23.36
CA ALA B 212 -12.40 33.86 -23.93
C ALA B 212 -12.59 33.84 -25.44
N LYS B 213 -13.03 32.73 -26.00
CA LYS B 213 -13.25 32.63 -27.44
C LYS B 213 -14.61 31.99 -27.74
N GLY B 214 -15.63 32.35 -26.97
CA GLY B 214 -16.93 31.78 -27.26
C GLY B 214 -17.28 30.56 -26.42
N LEU B 215 -16.94 29.38 -26.94
CA LEU B 215 -17.53 28.08 -26.62
C LEU B 215 -17.95 27.89 -25.16
N SER B 216 -19.14 27.31 -24.99
CA SER B 216 -19.89 27.33 -23.75
C SER B 216 -19.17 26.60 -22.62
N ARG B 217 -19.72 26.74 -21.42
CA ARG B 217 -19.09 26.19 -20.22
C ARG B 217 -19.00 24.67 -20.22
N PRO B 218 -20.04 23.90 -20.58
CA PRO B 218 -19.86 22.44 -20.63
C PRO B 218 -18.69 22.02 -21.50
N ARG B 219 -18.52 22.69 -22.63
CA ARG B 219 -17.44 22.35 -23.55
C ARG B 219 -16.08 22.60 -22.90
N VAL B 220 -15.90 23.76 -22.27
CA VAL B 220 -14.66 24.04 -21.55
C VAL B 220 -14.40 22.93 -20.54
N VAL B 221 -15.36 22.69 -19.65
CA VAL B 221 -15.15 21.73 -18.57
C VAL B 221 -14.83 20.35 -19.11
N THR B 222 -15.37 19.97 -20.26
CA THR B 222 -15.18 18.59 -20.70
C THR B 222 -13.98 18.40 -21.62
N VAL B 223 -13.50 19.46 -22.29
CA VAL B 223 -12.42 19.28 -23.26
C VAL B 223 -11.12 19.95 -22.85
N HIS B 224 -11.14 20.80 -21.81
CA HIS B 224 -9.90 21.46 -21.39
C HIS B 224 -9.53 21.20 -19.93
N ILE B 225 -10.51 20.94 -19.06
CA ILE B 225 -10.22 20.74 -17.65
C ILE B 225 -10.12 19.25 -17.35
N LEU B 226 -11.18 18.50 -17.67
CA LEU B 226 -11.20 17.07 -17.35
C LEU B 226 -10.20 16.31 -18.19
N ARG B 227 -10.12 16.61 -19.49
CA ARG B 227 -9.18 15.91 -20.36
C ARG B 227 -7.76 16.03 -19.85
N ASN B 228 -7.42 17.16 -19.22
CA ASN B 228 -6.08 17.38 -18.71
C ASN B 228 -5.88 16.90 -17.29
N SER B 229 -6.94 16.85 -16.49
CA SER B 229 -6.82 16.51 -15.08
C SER B 229 -7.15 15.06 -14.77
N LEU B 230 -7.61 14.28 -15.75
CA LEU B 230 -7.93 12.88 -15.49
C LEU B 230 -6.78 11.92 -15.80
N ILE B 231 -5.58 12.43 -16.06
CA ILE B 231 -4.43 11.56 -16.33
C ILE B 231 -3.81 11.02 -15.04
N PRO B 232 -3.54 11.87 -14.03
CA PRO B 232 -3.01 11.31 -12.77
C PRO B 232 -3.99 10.38 -12.08
N VAL B 233 -5.29 10.59 -12.27
CA VAL B 233 -6.29 9.70 -11.70
C VAL B 233 -6.14 8.30 -12.29
N VAL B 234 -5.98 8.22 -13.61
CA VAL B 234 -5.80 6.92 -14.26
C VAL B 234 -4.49 6.28 -13.84
N THR B 235 -3.42 7.09 -13.72
CA THR B 235 -2.15 6.55 -13.26
C THR B 235 -2.27 5.96 -11.87
N PHE B 236 -2.98 6.64 -10.97
CA PHE B 236 -3.11 6.14 -9.61
C PHE B 236 -4.01 4.91 -9.56
N LEU B 237 -5.06 4.88 -10.37
CA LEU B 237 -5.87 3.67 -10.46
C LEU B 237 -5.03 2.48 -10.92
N GLY B 238 -4.12 2.72 -11.86
CA GLY B 238 -3.23 1.66 -12.29
C GLY B 238 -2.28 1.21 -11.21
N ALA B 239 -1.76 2.16 -10.43
CA ALA B 239 -0.79 1.82 -9.39
C ALA B 239 -1.44 1.32 -8.10
N ASP B 240 -2.76 1.41 -7.97
CA ASP B 240 -3.44 0.98 -6.76
C ASP B 240 -3.61 -0.54 -6.66
N LEU B 241 -3.31 -1.28 -7.73
CA LEU B 241 -3.48 -2.72 -7.71
C LEU B 241 -2.63 -3.38 -6.63
N GLY B 242 -1.48 -2.79 -6.30
CA GLY B 242 -0.63 -3.37 -5.28
C GLY B 242 -1.26 -3.39 -3.91
N ALA B 243 -2.07 -2.37 -3.59
CA ALA B 243 -2.80 -2.36 -2.33
C ALA B 243 -4.13 -3.08 -2.45
N LEU B 244 -4.72 -3.12 -3.64
CA LEU B 244 -5.92 -3.92 -3.84
C LEU B 244 -5.65 -5.40 -3.57
N MET B 245 -4.52 -5.90 -4.06
CA MET B 245 -4.13 -7.28 -3.78
C MET B 245 -4.05 -7.54 -2.28
N GLY B 246 -3.39 -6.64 -1.55
CA GLY B 246 -3.24 -6.84 -0.12
C GLY B 246 -4.56 -6.77 0.63
N GLY B 247 -5.46 -5.89 0.19
CA GLY B 247 -6.76 -5.81 0.83
C GLY B 247 -7.66 -6.99 0.53
N ALA B 248 -7.47 -7.60 -0.65
CA ALA B 248 -8.28 -8.76 -1.01
C ALA B 248 -8.10 -9.90 -0.02
N ILE B 249 -6.90 -10.06 0.54
CA ILE B 249 -6.67 -11.13 1.52
C ILE B 249 -7.62 -10.96 2.71
N VAL B 250 -7.56 -9.80 3.35
CA VAL B 250 -8.36 -9.58 4.54
C VAL B 250 -9.85 -9.52 4.20
N THR B 251 -10.20 -9.14 2.97
CA THR B 251 -11.61 -9.05 2.62
C THR B 251 -12.21 -10.42 2.30
N GLU B 252 -11.43 -11.32 1.72
CA GLU B 252 -11.88 -12.67 1.44
C GLU B 252 -11.63 -13.61 2.61
N GLY B 253 -10.94 -13.16 3.64
CA GLY B 253 -10.81 -13.97 4.83
C GLY B 253 -12.06 -14.00 5.67
N ILE B 254 -12.69 -12.85 5.86
CA ILE B 254 -13.86 -12.77 6.73
C ILE B 254 -15.17 -13.04 6.02
N PHE B 255 -15.20 -12.93 4.68
CA PHE B 255 -16.40 -13.22 3.93
C PHE B 255 -16.38 -14.60 3.29
N ASN B 256 -15.30 -15.36 3.48
CA ASN B 256 -15.18 -16.74 3.00
C ASN B 256 -15.44 -16.81 1.49
N ILE B 257 -14.60 -16.12 0.74
CA ILE B 257 -14.65 -16.12 -0.71
C ILE B 257 -13.52 -17.00 -1.21
N HIS B 258 -13.82 -17.85 -2.20
CA HIS B 258 -12.85 -18.83 -2.70
C HIS B 258 -12.12 -18.26 -3.91
N GLY B 259 -11.37 -17.19 -3.67
CA GLY B 259 -10.55 -16.60 -4.71
C GLY B 259 -9.08 -16.74 -4.40
N VAL B 260 -8.23 -16.02 -5.13
CA VAL B 260 -6.80 -16.06 -4.85
C VAL B 260 -6.52 -15.51 -3.45
N GLY B 261 -7.24 -14.47 -3.06
CA GLY B 261 -7.10 -13.95 -1.71
C GLY B 261 -7.47 -14.97 -0.66
N GLY B 262 -8.57 -15.71 -0.88
CA GLY B 262 -8.96 -16.73 0.07
C GLY B 262 -7.98 -17.88 0.14
N VAL B 263 -7.44 -18.28 -1.01
CA VAL B 263 -6.44 -19.35 -1.03
C VAL B 263 -5.21 -18.92 -0.26
N LEU B 264 -4.75 -17.69 -0.48
CA LEU B 264 -3.57 -17.20 0.24
C LEU B 264 -3.87 -17.05 1.73
N TYR B 265 -5.09 -16.67 2.07
CA TYR B 265 -5.48 -16.57 3.48
C TYR B 265 -5.43 -17.93 4.15
N GLN B 266 -5.95 -18.97 3.50
CA GLN B 266 -5.88 -20.30 4.07
C GLN B 266 -4.43 -20.78 4.18
N ALA B 267 -3.62 -20.48 3.18
CA ALA B 267 -2.21 -20.88 3.22
C ALA B 267 -1.47 -20.17 4.36
N VAL B 268 -1.86 -18.94 4.67
CA VAL B 268 -1.23 -18.23 5.79
C VAL B 268 -1.74 -18.78 7.11
N THR B 269 -3.03 -19.07 7.20
CA THR B 269 -3.61 -19.52 8.47
C THR B 269 -3.11 -20.91 8.85
N ARG B 270 -3.14 -21.85 7.91
CA ARG B 270 -2.69 -23.20 8.18
C ARG B 270 -1.17 -23.35 8.19
N GLN B 271 -0.43 -22.24 8.01
CA GLN B 271 1.02 -22.23 8.08
C GLN B 271 1.64 -23.16 7.03
N GLU B 272 1.16 -23.04 5.80
CA GLU B 272 1.70 -23.80 4.67
C GLU B 272 2.64 -22.88 3.91
N THR B 273 3.91 -22.92 4.30
CA THR B 273 4.92 -22.00 3.76
C THR B 273 5.32 -22.25 2.31
N PRO B 274 5.40 -23.49 1.82
CA PRO B 274 5.80 -23.68 0.42
C PRO B 274 4.77 -23.21 -0.59
N THR B 275 3.53 -22.97 -0.19
CA THR B 275 2.49 -22.55 -1.12
C THR B 275 2.12 -21.07 -0.98
N VAL B 276 2.81 -20.33 -0.11
CA VAL B 276 2.66 -18.88 -0.09
C VAL B 276 3.64 -18.23 -1.05
N VAL B 277 4.88 -18.72 -1.07
CA VAL B 277 5.88 -18.17 -1.97
C VAL B 277 5.51 -18.47 -3.42
N SER B 278 4.91 -19.64 -3.67
CA SER B 278 4.56 -20.01 -5.04
C SER B 278 3.46 -19.12 -5.61
N ILE B 279 2.64 -18.54 -4.74
CA ILE B 279 1.59 -17.64 -5.20
C ILE B 279 2.08 -16.20 -5.27
N VAL B 280 2.93 -15.81 -4.31
CA VAL B 280 3.42 -14.44 -4.33
C VAL B 280 4.39 -14.23 -5.48
N THR B 281 5.14 -15.27 -5.88
CA THR B 281 6.02 -15.13 -7.03
C THR B 281 5.24 -15.03 -8.34
N VAL B 282 3.94 -15.27 -8.32
CA VAL B 282 3.08 -15.02 -9.48
C VAL B 282 2.44 -13.64 -9.40
N LEU B 283 2.00 -13.27 -8.19
CA LEU B 283 1.41 -11.94 -8.00
C LEU B 283 2.42 -10.85 -8.31
N VAL B 284 3.69 -11.06 -7.98
CA VAL B 284 4.71 -10.06 -8.28
C VAL B 284 4.86 -9.85 -9.79
N LEU B 285 4.90 -10.94 -10.54
CA LEU B 285 5.00 -10.81 -12.00
C LEU B 285 3.77 -10.14 -12.58
N ILE B 286 2.58 -10.47 -12.06
CA ILE B 286 1.37 -9.83 -12.54
C ILE B 286 1.43 -8.33 -12.27
N TYR B 287 1.94 -7.95 -11.10
CA TYR B 287 2.03 -6.53 -10.76
C TYR B 287 3.02 -5.81 -11.66
N LEU B 288 4.15 -6.46 -11.98
CA LEU B 288 5.10 -5.84 -12.89
C LEU B 288 4.50 -5.65 -14.28
N ILE B 289 3.78 -6.68 -14.76
CA ILE B 289 3.14 -6.58 -16.07
C ILE B 289 2.14 -5.42 -16.10
N THR B 290 1.34 -5.28 -15.05
CA THR B 290 0.35 -4.21 -15.06
C THR B 290 0.99 -2.84 -14.89
N ASN B 291 2.13 -2.77 -14.18
CA ASN B 291 2.87 -1.51 -14.11
C ASN B 291 3.33 -1.08 -15.49
N LEU B 292 3.94 -2.01 -16.24
CA LEU B 292 4.36 -1.68 -17.60
C LEU B 292 3.18 -1.29 -18.48
N LEU B 293 2.08 -2.03 -18.38
CA LEU B 293 0.93 -1.77 -19.22
C LEU B 293 0.22 -0.47 -18.84
N VAL B 294 0.43 0.03 -17.62
CA VAL B 294 -0.13 1.32 -17.25
C VAL B 294 0.79 2.46 -17.69
N ASP B 295 2.10 2.24 -17.65
CA ASP B 295 3.01 3.24 -18.18
C ASP B 295 2.82 3.41 -19.69
N LEU B 296 2.53 2.31 -20.38
CA LEU B 296 2.28 2.40 -21.82
C LEU B 296 1.01 3.15 -22.16
N LEU B 297 0.12 3.38 -21.20
CA LEU B 297 -1.05 4.22 -21.41
C LEU B 297 -0.81 5.66 -20.99
N TYR B 298 -0.10 5.84 -19.87
CA TYR B 298 0.31 7.18 -19.47
C TYR B 298 1.15 7.85 -20.55
N ALA B 299 1.89 7.05 -21.32
CA ALA B 299 2.65 7.61 -22.44
C ALA B 299 1.76 7.96 -23.62
N ALA B 300 0.60 7.31 -23.74
CA ALA B 300 -0.30 7.58 -24.85
C ALA B 300 -1.31 8.67 -24.54
N LEU B 301 -1.47 9.06 -23.28
CA LEU B 301 -2.40 10.12 -22.92
C LEU B 301 -1.73 11.47 -22.73
N ASP B 302 -0.40 11.54 -22.77
CA ASP B 302 0.29 12.81 -22.57
C ASP B 302 1.48 12.91 -23.50
N PRO B 303 1.40 13.76 -24.54
CA PRO B 303 2.47 13.79 -25.55
C PRO B 303 3.76 14.44 -25.10
N ARG B 304 3.87 14.86 -23.84
CA ARG B 304 5.12 15.48 -23.38
C ARG B 304 6.14 14.45 -22.91
N ILE B 305 5.69 13.29 -22.46
CA ILE B 305 6.62 12.21 -22.15
C ILE B 305 6.84 11.30 -23.35
N ARG B 306 5.82 11.16 -24.20
CA ARG B 306 5.95 10.36 -25.42
C ARG B 306 7.12 10.84 -26.26
N TYR B 307 7.30 12.16 -26.35
CA TYR B 307 8.43 12.77 -27.04
C TYR B 307 9.46 13.30 -26.06
N GLY B 308 9.64 12.61 -24.93
CA GLY B 308 10.61 13.02 -23.93
C GLY B 308 11.51 11.89 -23.48
N THR C 5 18.52 32.23 10.20
CA THR C 5 17.52 33.17 10.65
C THR C 5 16.30 32.46 11.22
N GLY C 6 16.33 31.13 11.18
CA GLY C 6 15.22 30.35 11.68
C GLY C 6 13.97 30.46 10.82
N PHE C 7 14.04 29.92 9.59
CA PHE C 7 12.91 29.94 8.68
C PHE C 7 11.64 29.43 9.34
N TRP C 8 11.72 28.28 10.02
CA TRP C 8 10.54 27.59 10.52
C TRP C 8 9.69 28.43 11.47
N LEU C 9 10.18 29.60 11.88
CA LEU C 9 9.37 30.47 12.75
C LEU C 9 8.15 31.00 12.02
N ASP C 10 8.33 31.50 10.79
CA ASP C 10 7.19 32.03 10.05
C ASP C 10 6.22 30.92 9.66
N ALA C 11 6.73 29.73 9.33
CA ALA C 11 5.86 28.59 9.08
C ALA C 11 5.08 28.21 10.34
N TRP C 12 5.76 28.24 11.47
CA TRP C 12 5.01 27.95 12.72
C TRP C 12 3.88 28.97 12.82
N ARG C 13 4.20 30.26 12.72
CA ARG C 13 3.16 31.26 12.91
C ARG C 13 2.03 31.09 11.90
N GLY C 14 2.36 30.63 10.69
CA GLY C 14 1.33 30.48 9.67
C GLY C 14 0.42 29.29 9.92
N LEU C 15 0.98 28.19 10.41
CA LEU C 15 0.20 26.99 10.67
C LEU C 15 -0.21 26.86 12.13
N ARG C 16 0.12 27.84 12.99
CA ARG C 16 -0.24 27.80 14.39
C ARG C 16 -1.68 28.20 14.63
N ARG C 17 -2.29 28.94 13.71
CA ARG C 17 -3.69 29.34 13.82
C ARG C 17 -4.64 28.35 13.16
N ARG C 18 -4.13 27.27 12.60
CA ARG C 18 -4.97 26.32 11.90
C ARG C 18 -5.50 25.26 12.86
N PRO C 19 -6.81 25.17 13.08
CA PRO C 19 -7.33 24.15 14.00
C PRO C 19 -7.02 22.73 13.55
N LYS C 20 -6.97 22.48 12.25
CA LYS C 20 -6.62 21.14 11.77
C LYS C 20 -5.23 20.73 12.25
N PHE C 21 -4.31 21.70 12.41
CA PHE C 21 -3.01 21.37 12.98
C PHE C 21 -3.07 21.35 14.49
N VAL C 22 -3.86 22.23 15.10
CA VAL C 22 -3.85 22.35 16.56
C VAL C 22 -4.40 21.08 17.20
N ILE C 23 -5.55 20.60 16.72
CA ILE C 23 -6.14 19.40 17.30
C ILE C 23 -5.27 18.18 17.04
N ALA C 24 -4.63 18.14 15.86
CA ALA C 24 -3.73 17.04 15.55
C ALA C 24 -2.54 17.03 16.51
N ALA C 25 -1.94 18.20 16.76
CA ALA C 25 -0.81 18.26 17.67
C ALA C 25 -1.20 17.89 19.08
N ALA C 26 -2.40 18.32 19.52
CA ALA C 26 -2.85 17.96 20.86
C ALA C 26 -3.04 16.45 20.99
N LEU C 27 -3.69 15.84 19.99
CA LEU C 27 -3.88 14.40 20.01
C LEU C 27 -2.55 13.65 19.97
N ILE C 28 -1.59 14.15 19.20
CA ILE C 28 -0.29 13.50 19.12
C ILE C 28 0.44 13.58 20.44
N LEU C 29 0.40 14.75 21.10
CA LEU C 29 1.01 14.86 22.41
C LEU C 29 0.38 13.89 23.40
N LEU C 30 -0.96 13.82 23.41
CA LEU C 30 -1.62 12.90 24.33
C LEU C 30 -1.22 11.46 24.06
N ILE C 31 -1.20 11.06 22.78
CA ILE C 31 -0.84 9.69 22.44
C ILE C 31 0.59 9.39 22.85
N LEU C 32 1.50 10.34 22.65
CA LEU C 32 2.89 10.11 23.03
C LEU C 32 3.04 9.97 24.54
N VAL C 33 2.28 10.74 25.31
CA VAL C 33 2.40 10.61 26.77
C VAL C 33 1.80 9.30 27.25
N VAL C 34 0.68 8.87 26.65
CA VAL C 34 0.11 7.57 27.02
C VAL C 34 1.07 6.44 26.66
N ALA C 35 1.78 6.58 25.53
CA ALA C 35 2.71 5.53 25.13
C ALA C 35 3.99 5.55 25.95
N ALA C 36 4.39 6.71 26.46
CA ALA C 36 5.63 6.82 27.21
C ALA C 36 5.46 6.43 28.67
N PHE C 37 4.46 6.99 29.36
CA PHE C 37 4.27 6.78 30.79
C PHE C 37 2.89 6.15 31.01
N PRO C 38 2.77 4.83 30.89
CA PRO C 38 1.47 4.21 31.08
C PRO C 38 1.01 4.17 32.53
N SER C 39 1.94 4.02 33.48
CA SER C 39 1.55 3.82 34.87
C SER C 39 0.94 5.05 35.51
N LEU C 40 0.96 6.21 34.85
CA LEU C 40 0.32 7.38 35.42
C LEU C 40 -1.19 7.31 35.33
N PHE C 41 -1.71 6.63 34.31
CA PHE C 41 -3.16 6.53 34.12
C PHE C 41 -3.76 5.32 34.81
N THR C 42 -3.08 4.18 34.76
CA THR C 42 -3.60 2.96 35.35
C THR C 42 -2.92 2.66 36.67
N ALA C 43 -3.44 1.63 37.35
CA ALA C 43 -2.82 1.13 38.57
C ALA C 43 -2.85 -0.38 38.67
N ALA C 44 -3.31 -1.09 37.64
CA ALA C 44 -3.48 -2.53 37.68
C ALA C 44 -2.66 -3.18 36.57
N ASP C 45 -2.36 -4.46 36.77
CA ASP C 45 -1.55 -5.19 35.80
C ASP C 45 -2.37 -5.50 34.56
N PRO C 46 -1.83 -5.31 33.36
CA PRO C 46 -2.60 -5.64 32.15
C PRO C 46 -2.93 -7.11 32.03
N THR C 47 -2.08 -7.99 32.57
CA THR C 47 -2.23 -9.42 32.37
C THR C 47 -3.00 -10.12 33.49
N TYR C 48 -3.21 -9.46 34.63
CA TYR C 48 -3.95 -10.08 35.72
C TYR C 48 -5.40 -10.28 35.31
N ALA C 49 -5.88 -11.51 35.48
CA ALA C 49 -7.24 -11.88 35.09
C ALA C 49 -7.93 -12.53 36.28
N ASP C 50 -8.88 -11.81 36.88
CA ASP C 50 -9.66 -12.36 37.97
C ASP C 50 -10.91 -12.98 37.36
N PRO C 51 -11.01 -14.32 37.30
CA PRO C 51 -12.14 -14.93 36.57
C PRO C 51 -13.47 -14.78 37.29
N SER C 52 -13.47 -14.40 38.56
CA SER C 52 -14.74 -14.28 39.28
C SER C 52 -15.56 -13.08 38.81
N GLN C 53 -14.94 -12.15 38.09
CA GLN C 53 -15.63 -11.02 37.47
C GLN C 53 -15.35 -11.08 35.97
N SER C 54 -16.26 -11.70 35.22
CA SER C 54 -15.97 -12.02 33.82
C SER C 54 -16.43 -10.92 32.87
N MET C 55 -17.72 -10.64 32.84
CA MET C 55 -18.26 -9.62 31.94
C MET C 55 -19.05 -8.63 32.79
N LEU C 56 -18.39 -7.56 33.21
CA LEU C 56 -18.99 -6.53 34.03
C LEU C 56 -19.25 -5.28 33.20
N ALA C 57 -20.28 -4.54 33.58
CA ALA C 57 -20.55 -3.27 32.92
C ALA C 57 -19.52 -2.23 33.35
N PRO C 58 -19.26 -1.24 32.50
CA PRO C 58 -18.36 -0.15 32.91
C PRO C 58 -18.86 0.57 34.15
N SER C 59 -18.13 0.48 35.25
CA SER C 59 -18.56 1.08 36.50
C SER C 59 -17.45 1.89 37.14
N ALA C 60 -17.66 2.34 38.38
CA ALA C 60 -16.67 3.15 39.07
C ALA C 60 -15.36 2.42 39.32
N ALA C 61 -15.35 1.09 39.26
CA ALA C 61 -14.14 0.32 39.51
C ALA C 61 -13.45 -0.13 38.23
N HIS C 62 -14.09 0.04 37.07
CA HIS C 62 -13.49 -0.25 35.78
C HIS C 62 -14.11 0.71 34.78
N TRP C 63 -13.34 1.67 34.29
CA TRP C 63 -13.91 2.71 33.44
C TRP C 63 -14.32 2.20 32.07
N PHE C 64 -13.79 1.05 31.65
CA PHE C 64 -14.14 0.49 30.35
C PHE C 64 -14.80 -0.86 30.42
N GLY C 65 -14.76 -1.55 31.56
CA GLY C 65 -15.45 -2.82 31.71
C GLY C 65 -14.48 -3.94 32.05
N THR C 66 -14.81 -5.13 31.57
CA THR C 66 -14.04 -6.34 31.87
C THR C 66 -14.37 -7.40 30.84
N ASP C 67 -13.36 -7.95 30.18
CA ASP C 67 -13.57 -8.90 29.11
C ASP C 67 -13.65 -10.33 29.66
N LEU C 68 -13.95 -11.27 28.77
CA LEU C 68 -14.40 -12.62 29.17
C LEU C 68 -13.50 -13.26 30.20
N GLN C 69 -12.17 -13.15 30.03
CA GLN C 69 -11.25 -13.82 30.94
C GLN C 69 -11.13 -13.11 32.28
N GLY C 70 -11.45 -11.83 32.35
CA GLY C 70 -11.38 -11.13 33.62
C GLY C 70 -10.55 -9.86 33.59
N HIS C 71 -9.71 -9.71 32.57
CA HIS C 71 -8.92 -8.49 32.44
C HIS C 71 -9.83 -7.28 32.38
N ASP C 72 -9.30 -6.13 32.76
CA ASP C 72 -10.00 -4.87 32.55
C ASP C 72 -9.44 -4.19 31.32
N ILE C 73 -10.34 -3.61 30.51
CA ILE C 73 -9.97 -3.17 29.18
C ILE C 73 -9.16 -1.88 29.20
N TYR C 74 -9.19 -1.13 30.30
CA TYR C 74 -8.46 0.13 30.35
C TYR C 74 -6.95 -0.09 30.22
N SER C 75 -6.39 -0.94 31.08
CA SER C 75 -4.96 -1.22 31.01
C SER C 75 -4.60 -1.92 29.70
N ARG C 76 -5.46 -2.82 29.25
CA ARG C 76 -5.19 -3.55 28.01
C ARG C 76 -5.21 -2.64 26.79
N THR C 77 -5.91 -1.51 26.86
CA THR C 77 -5.92 -0.56 25.76
C THR C 77 -4.89 0.56 25.93
N VAL C 78 -4.31 0.70 27.13
CA VAL C 78 -3.21 1.64 27.31
C VAL C 78 -1.88 1.01 26.87
N TYR C 79 -1.59 -0.19 27.37
CA TYR C 79 -0.30 -0.79 27.05
C TYR C 79 -0.23 -1.22 25.59
N GLY C 80 -1.38 -1.53 24.98
CA GLY C 80 -1.40 -1.74 23.55
C GLY C 80 -1.00 -0.49 22.79
N ALA C 81 -1.45 0.68 23.26
CA ALA C 81 -1.01 1.93 22.68
C ALA C 81 0.50 2.05 22.76
N ARG C 82 1.06 1.74 23.93
CA ARG C 82 2.52 1.76 24.07
C ARG C 82 3.19 0.94 22.98
N ALA C 83 2.79 -0.33 22.84
CA ALA C 83 3.47 -1.22 21.90
C ALA C 83 3.28 -0.76 20.46
N SER C 84 2.07 -0.36 20.08
CA SER C 84 1.81 0.01 18.70
C SER C 84 2.53 1.29 18.31
N VAL C 85 2.54 2.28 19.22
CA VAL C 85 3.28 3.51 18.93
C VAL C 85 4.77 3.22 18.79
N THR C 86 5.32 2.37 19.66
CA THR C 86 6.73 2.02 19.54
C THR C 86 7.03 1.42 18.17
N VAL C 87 6.24 0.42 17.76
CA VAL C 87 6.50 -0.25 16.49
C VAL C 87 6.35 0.72 15.33
N GLY C 88 5.34 1.58 15.38
CA GLY C 88 5.12 2.50 14.27
C GLY C 88 6.19 3.55 14.15
N LEU C 89 6.70 4.05 15.28
CA LEU C 89 7.68 5.13 15.23
C LEU C 89 9.08 4.62 14.91
N GLY C 90 9.46 3.47 15.47
CA GLY C 90 10.80 2.96 15.22
C GLY C 90 11.09 2.64 13.77
N ALA C 91 10.05 2.37 12.98
CA ALA C 91 10.23 2.02 11.58
C ALA C 91 10.32 3.25 10.70
N THR C 92 9.46 4.25 10.93
CA THR C 92 9.54 5.48 10.15
C THR C 92 10.80 6.27 10.48
N LEU C 93 11.29 6.17 11.72
CA LEU C 93 12.52 6.88 12.08
C LEU C 93 13.72 6.40 11.27
N ALA C 94 13.70 5.15 10.80
CA ALA C 94 14.75 4.61 9.95
C ALA C 94 14.45 4.75 8.48
N VAL C 95 13.19 4.60 8.09
CA VAL C 95 12.80 4.83 6.70
C VAL C 95 13.16 6.26 6.29
N PHE C 96 12.89 7.23 7.16
CA PHE C 96 13.26 8.61 6.88
C PHE C 96 14.74 8.72 6.53
N VAL C 97 15.60 8.28 7.44
CA VAL C 97 17.05 8.41 7.23
C VAL C 97 17.47 7.73 5.94
N VAL C 98 17.12 6.46 5.79
CA VAL C 98 17.63 5.68 4.66
C VAL C 98 17.11 6.24 3.33
N GLY C 99 15.79 6.36 3.20
CA GLY C 99 15.22 6.84 1.95
C GLY C 99 15.67 8.26 1.62
N GLY C 100 15.72 9.14 2.62
CA GLY C 100 16.13 10.50 2.36
C GLY C 100 17.57 10.58 1.90
N ALA C 101 18.47 9.86 2.57
CA ALA C 101 19.87 9.88 2.16
C ALA C 101 20.03 9.33 0.75
N LEU C 102 19.37 8.21 0.45
CA LEU C 102 19.54 7.61 -0.87
C LEU C 102 18.96 8.52 -1.96
N GLY C 103 17.78 9.10 -1.72
CA GLY C 103 17.20 9.98 -2.71
C GLY C 103 17.96 11.28 -2.88
N ALA C 104 18.59 11.77 -1.81
CA ALA C 104 19.41 12.97 -1.92
C ALA C 104 20.67 12.68 -2.74
N LEU C 105 21.35 11.57 -2.43
CA LEU C 105 22.52 11.20 -3.22
C LEU C 105 22.17 11.01 -4.68
N ALA C 106 21.28 10.06 -4.98
CA ALA C 106 20.84 9.83 -6.35
C ALA C 106 19.78 10.87 -6.69
N GLY C 107 20.22 11.98 -7.27
CA GLY C 107 19.34 13.09 -7.54
C GLY C 107 20.06 14.41 -7.37
N PHE C 108 21.27 14.35 -6.83
CA PHE C 108 22.17 15.49 -6.76
C PHE C 108 23.50 15.22 -7.43
N TYR C 109 23.95 13.98 -7.48
CA TYR C 109 25.21 13.61 -8.12
C TYR C 109 25.01 13.07 -9.53
N GLY C 110 23.81 13.19 -10.09
CA GLY C 110 23.59 12.80 -11.47
C GLY C 110 23.68 11.30 -11.67
N SER C 111 24.05 10.91 -12.88
CA SER C 111 24.07 9.52 -13.29
C SER C 111 25.28 8.79 -12.70
N TRP C 112 25.31 7.47 -12.94
CA TRP C 112 26.25 6.50 -12.37
C TRP C 112 25.90 6.23 -10.92
N ILE C 113 24.97 7.00 -10.34
CA ILE C 113 24.41 6.74 -9.03
C ILE C 113 22.89 6.69 -9.22
N ASP C 114 22.37 7.65 -9.99
CA ASP C 114 20.94 7.70 -10.24
C ASP C 114 20.46 6.44 -10.93
N ALA C 115 21.23 5.92 -11.89
CA ALA C 115 20.83 4.72 -12.59
C ALA C 115 20.69 3.54 -11.63
N VAL C 116 21.72 3.30 -10.83
CA VAL C 116 21.70 2.17 -9.89
C VAL C 116 20.56 2.32 -8.89
N VAL C 117 20.43 3.51 -8.29
CA VAL C 117 19.43 3.67 -7.24
C VAL C 117 18.03 3.66 -7.82
N SER C 118 17.84 4.15 -9.04
CA SER C 118 16.54 4.10 -9.66
C SER C 118 16.14 2.67 -9.99
N ARG C 119 17.10 1.86 -10.48
CA ARG C 119 16.80 0.46 -10.72
C ARG C 119 16.48 -0.26 -9.41
N VAL C 120 17.17 0.10 -8.33
CA VAL C 120 16.94 -0.58 -7.05
C VAL C 120 15.56 -0.22 -6.50
N THR C 121 15.19 1.06 -6.53
CA THR C 121 13.87 1.44 -6.04
C THR C 121 12.76 0.93 -6.97
N ASP C 122 13.07 0.76 -8.26
CA ASP C 122 12.09 0.14 -9.15
C ASP C 122 11.90 -1.33 -8.80
N VAL C 123 12.98 -2.03 -8.46
CA VAL C 123 12.87 -3.41 -8.02
C VAL C 123 12.03 -3.50 -6.76
N PHE C 124 12.32 -2.64 -5.78
CA PHE C 124 11.61 -2.70 -4.51
C PHE C 124 10.19 -2.15 -4.58
N LEU C 125 9.85 -1.40 -5.63
CA LEU C 125 8.48 -0.94 -5.80
C LEU C 125 7.59 -1.97 -6.48
N GLY C 126 8.19 -2.98 -7.11
CA GLY C 126 7.43 -4.01 -7.80
C GLY C 126 6.79 -5.04 -6.90
N LEU C 127 6.96 -4.91 -5.58
CA LEU C 127 6.37 -5.84 -4.62
C LEU C 127 5.75 -5.03 -3.49
N PRO C 128 4.47 -5.23 -3.18
CA PRO C 128 3.80 -4.36 -2.19
C PRO C 128 4.32 -4.54 -0.78
N LEU C 129 3.76 -3.77 0.15
CA LEU C 129 4.23 -3.83 1.54
C LEU C 129 3.60 -4.98 2.31
N LEU C 130 2.28 -5.14 2.19
CA LEU C 130 1.60 -6.17 2.96
C LEU C 130 2.00 -7.57 2.49
N LEU C 131 2.07 -7.78 1.18
CA LEU C 131 2.43 -9.10 0.66
C LEU C 131 3.84 -9.48 1.08
N ALA C 132 4.80 -8.58 0.89
CA ALA C 132 6.18 -8.87 1.27
C ALA C 132 6.30 -9.07 2.77
N ALA C 133 5.60 -8.26 3.56
CA ALA C 133 5.65 -8.41 5.01
C ALA C 133 5.11 -9.76 5.44
N ILE C 134 4.00 -10.19 4.85
CA ILE C 134 3.43 -11.51 5.19
C ILE C 134 4.43 -12.61 4.81
N VAL C 135 4.96 -12.55 3.59
CA VAL C 135 5.86 -13.59 3.13
C VAL C 135 7.10 -13.68 4.02
N LEU C 136 7.64 -12.53 4.42
CA LEU C 136 8.90 -12.55 5.15
C LEU C 136 8.69 -12.85 6.64
N MET C 137 7.55 -12.46 7.20
CA MET C 137 7.24 -12.82 8.58
C MET C 137 6.76 -14.26 8.69
N GLN C 138 6.37 -14.88 7.57
CA GLN C 138 6.02 -16.29 7.58
C GLN C 138 7.20 -17.13 8.08
N VAL C 139 8.32 -17.12 7.35
CA VAL C 139 9.50 -17.79 7.84
C VAL C 139 10.33 -16.83 8.69
N MET C 140 9.85 -16.56 9.89
CA MET C 140 10.57 -15.75 10.87
C MET C 140 10.29 -16.30 12.26
N HIS C 141 10.36 -17.63 12.40
CA HIS C 141 9.79 -18.39 13.51
C HIS C 141 9.89 -17.68 14.85
N HIS C 142 11.04 -17.09 15.16
CA HIS C 142 11.20 -16.27 16.36
C HIS C 142 10.96 -14.81 15.95
N ARG C 143 9.80 -14.29 16.32
CA ARG C 143 9.40 -12.93 15.97
C ARG C 143 9.26 -12.09 17.22
N THR C 144 9.57 -10.80 17.09
CA THR C 144 9.48 -9.85 18.20
C THR C 144 9.34 -8.45 17.61
N VAL C 145 9.51 -7.44 18.46
CA VAL C 145 9.25 -6.07 18.04
C VAL C 145 10.27 -5.60 17.02
N TRP C 146 11.57 -5.81 17.31
CA TRP C 146 12.61 -5.30 16.43
C TRP C 146 12.58 -5.97 15.07
N THR C 147 12.16 -7.24 15.00
CA THR C 147 12.05 -7.89 13.70
C THR C 147 10.94 -7.27 12.87
N VAL C 148 9.79 -6.96 13.49
CA VAL C 148 8.72 -6.31 12.75
C VAL C 148 9.16 -4.92 12.29
N ILE C 149 9.88 -4.19 13.16
CA ILE C 149 10.40 -2.89 12.78
C ILE C 149 11.31 -3.01 11.56
N ALA C 150 12.24 -3.97 11.59
CA ALA C 150 13.17 -4.14 10.49
C ALA C 150 12.46 -4.52 9.20
N ILE C 151 11.48 -5.42 9.29
CA ILE C 151 10.80 -5.87 8.08
C ILE C 151 9.92 -4.76 7.51
N LEU C 152 9.35 -3.91 8.36
CA LEU C 152 8.59 -2.77 7.84
C LEU C 152 9.51 -1.74 7.20
N ALA C 153 10.66 -1.47 7.82
CA ALA C 153 11.58 -0.50 7.26
C ALA C 153 12.20 -0.97 5.96
N LEU C 154 12.40 -2.28 5.82
CA LEU C 154 13.03 -2.82 4.61
C LEU C 154 12.18 -2.56 3.38
N PHE C 155 10.86 -2.45 3.54
CA PHE C 155 9.96 -2.29 2.40
C PHE C 155 9.20 -0.97 2.39
N GLY C 156 9.37 -0.12 3.40
CA GLY C 156 8.67 1.15 3.37
C GLY C 156 9.39 2.33 2.78
N TRP C 157 10.66 2.19 2.43
CA TRP C 157 11.51 3.29 1.98
C TRP C 157 11.30 3.79 0.55
N PRO C 158 11.00 2.93 -0.44
CA PRO C 158 11.08 3.39 -1.85
C PRO C 158 10.30 4.66 -2.17
N GLN C 159 9.09 4.83 -1.63
CA GLN C 159 8.34 6.04 -1.94
C GLN C 159 9.02 7.27 -1.35
N VAL C 160 9.58 7.14 -0.15
CA VAL C 160 10.29 8.26 0.47
C VAL C 160 11.53 8.61 -0.35
N ALA C 161 12.26 7.58 -0.80
CA ALA C 161 13.44 7.83 -1.62
C ALA C 161 13.08 8.52 -2.94
N ARG C 162 11.97 8.08 -3.55
CA ARG C 162 11.53 8.70 -4.79
C ARG C 162 11.17 10.17 -4.59
N ILE C 163 10.42 10.46 -3.53
CA ILE C 163 10.02 11.84 -3.26
C ILE C 163 11.24 12.70 -2.96
N ALA C 164 12.21 12.16 -2.21
CA ALA C 164 13.40 12.92 -1.88
C ALA C 164 14.23 13.23 -3.12
N ARG C 165 14.40 12.24 -4.01
CA ARG C 165 15.14 12.49 -5.24
C ARG C 165 14.43 13.54 -6.10
N GLY C 166 13.11 13.41 -6.24
CA GLY C 166 12.37 14.39 -7.02
C GLY C 166 12.47 15.79 -6.44
N ALA C 167 12.51 15.91 -5.11
CA ALA C 167 12.60 17.23 -4.49
C ALA C 167 14.01 17.80 -4.55
N VAL C 168 15.03 16.94 -4.61
CA VAL C 168 16.40 17.44 -4.64
C VAL C 168 16.81 17.85 -6.04
N LEU C 169 16.57 16.99 -7.04
CA LEU C 169 17.00 17.34 -8.39
C LEU C 169 16.30 18.59 -8.90
N GLU C 170 15.10 18.88 -8.42
CA GLU C 170 14.45 20.14 -8.75
C GLU C 170 15.15 21.32 -8.11
N VAL C 171 15.67 21.14 -6.89
CA VAL C 171 16.42 22.21 -6.25
C VAL C 171 17.73 22.48 -6.98
N ARG C 172 18.36 21.42 -7.50
CA ARG C 172 19.63 21.60 -8.22
C ARG C 172 19.49 22.49 -9.45
N ALA C 173 18.27 22.76 -9.91
CA ALA C 173 18.09 23.60 -11.08
C ALA C 173 18.22 25.08 -10.74
N SER C 174 17.60 25.52 -9.64
CA SER C 174 17.69 26.91 -9.21
C SER C 174 19.14 27.30 -8.96
N ASP C 175 19.54 28.44 -9.50
CA ASP C 175 20.96 28.78 -9.56
C ASP C 175 21.43 29.58 -8.35
N TYR C 176 21.16 29.09 -7.13
CA TYR C 176 21.97 29.50 -6.01
C TYR C 176 23.04 28.46 -5.67
N VAL C 177 22.80 27.19 -5.99
CA VAL C 177 23.87 26.21 -5.97
C VAL C 177 24.92 26.56 -7.02
N LEU C 178 24.50 27.16 -8.13
CA LEU C 178 25.45 27.60 -9.15
C LEU C 178 26.30 28.76 -8.63
N ALA C 179 25.67 29.72 -7.97
CA ALA C 179 26.42 30.82 -7.36
C ALA C 179 27.30 30.33 -6.23
N ALA C 180 26.93 29.24 -5.58
CA ALA C 180 27.75 28.68 -4.52
C ALA C 180 28.99 27.99 -5.10
N LYS C 181 28.82 27.23 -6.17
CA LYS C 181 29.97 26.58 -6.81
C LYS C 181 30.80 27.55 -7.63
N ALA C 182 30.28 28.73 -7.96
CA ALA C 182 31.06 29.73 -8.67
C ALA C 182 32.04 30.48 -7.78
N LEU C 183 32.07 30.17 -6.47
CA LEU C 183 33.00 30.81 -5.56
C LEU C 183 33.81 29.79 -4.76
N GLY C 184 33.66 28.51 -5.06
CA GLY C 184 34.50 27.47 -4.49
C GLY C 184 33.85 26.72 -3.35
N LEU C 185 33.26 25.57 -3.66
CA LEU C 185 32.64 24.72 -2.66
C LEU C 185 32.46 23.33 -3.27
N ASN C 186 33.19 22.35 -2.75
CA ASN C 186 33.07 21.00 -3.28
C ASN C 186 31.65 20.49 -3.09
N ARG C 187 31.20 19.67 -4.04
CA ARG C 187 29.79 19.35 -4.19
C ARG C 187 29.15 18.82 -2.91
N PHE C 188 29.94 18.29 -1.97
CA PHE C 188 29.34 17.75 -0.75
C PHE C 188 28.92 18.87 0.20
N GLN C 189 29.78 19.89 0.38
CA GLN C 189 29.41 21.00 1.24
C GLN C 189 28.24 21.77 0.65
N ILE C 190 28.21 21.91 -0.68
CA ILE C 190 27.05 22.51 -1.33
C ILE C 190 25.81 21.68 -1.04
N LEU C 191 25.91 20.36 -1.27
CA LEU C 191 24.81 19.45 -0.97
C LEU C 191 24.23 19.74 0.40
N LEU C 192 25.05 19.59 1.44
CA LEU C 192 24.55 19.82 2.80
C LEU C 192 23.97 21.22 2.90
N ARG C 193 24.84 22.24 2.85
CA ARG C 193 24.48 23.58 3.28
C ARG C 193 23.27 24.12 2.54
N HIS C 194 23.19 23.92 1.23
CA HIS C 194 22.10 24.51 0.49
C HIS C 194 21.00 23.52 0.15
N ALA C 195 21.35 22.33 -0.36
CA ALA C 195 20.31 21.43 -0.83
C ALA C 195 19.54 20.79 0.31
N LEU C 196 20.16 20.59 1.49
CA LEU C 196 19.40 19.84 2.48
C LEU C 196 18.32 20.69 3.17
N PRO C 197 18.62 21.90 3.64
CA PRO C 197 17.57 22.70 4.27
C PRO C 197 16.43 23.07 3.34
N ASN C 198 16.71 23.29 2.06
CA ASN C 198 15.69 23.67 1.10
C ASN C 198 14.99 22.46 0.48
N ALA C 199 15.34 21.26 0.90
CA ALA C 199 14.69 20.06 0.39
C ALA C 199 14.16 19.14 1.48
N VAL C 200 14.39 19.45 2.76
CA VAL C 200 13.75 18.66 3.79
C VAL C 200 12.37 19.26 4.07
N GLY C 201 11.47 19.06 3.13
CA GLY C 201 10.09 19.46 3.22
C GLY C 201 9.16 18.28 3.05
N PRO C 202 8.73 18.10 1.80
CA PRO C 202 7.91 16.94 1.42
C PRO C 202 8.41 15.62 1.99
N VAL C 203 9.70 15.50 2.29
CA VAL C 203 10.17 14.26 2.90
C VAL C 203 9.55 14.07 4.27
N ILE C 204 9.47 15.13 5.08
CA ILE C 204 8.78 15.03 6.36
C ILE C 204 7.28 14.91 6.13
N ALA C 205 6.75 15.66 5.17
CA ALA C 205 5.32 15.61 4.86
C ALA C 205 4.88 14.19 4.52
N VAL C 206 5.75 13.41 3.89
CA VAL C 206 5.41 12.03 3.56
C VAL C 206 5.82 11.07 4.66
N ALA C 207 6.83 11.42 5.46
CA ALA C 207 7.22 10.56 6.57
C ALA C 207 6.10 10.44 7.59
N THR C 208 5.35 11.52 7.81
CA THR C 208 4.24 11.44 8.77
C THR C 208 3.17 10.47 8.29
N VAL C 209 2.76 10.59 7.03
CA VAL C 209 1.76 9.68 6.47
C VAL C 209 2.30 8.25 6.46
N ALA C 210 3.59 8.09 6.22
CA ALA C 210 4.20 6.76 6.26
C ALA C 210 4.13 6.17 7.66
N LEU C 211 4.29 7.01 8.67
CA LEU C 211 4.16 6.53 10.05
C LEU C 211 2.74 6.05 10.33
N GLY C 212 1.75 6.83 9.89
CA GLY C 212 0.36 6.38 10.04
C GLY C 212 0.11 5.05 9.35
N ILE C 213 0.59 4.93 8.11
CA ILE C 213 0.39 3.70 7.35
C ILE C 213 1.11 2.53 8.00
N PHE C 214 2.27 2.79 8.62
CA PHE C 214 3.00 1.73 9.30
C PHE C 214 2.21 1.23 10.50
N ILE C 215 1.61 2.14 11.27
CA ILE C 215 0.76 1.71 12.38
C ILE C 215 -0.39 0.84 11.87
N VAL C 216 -1.04 1.29 10.79
CA VAL C 216 -2.17 0.53 10.25
C VAL C 216 -1.74 -0.87 9.81
N THR C 217 -0.64 -0.95 9.07
CA THR C 217 -0.24 -2.24 8.52
C THR C 217 0.27 -3.17 9.61
N GLU C 218 0.90 -2.63 10.66
CA GLU C 218 1.30 -3.50 11.75
C GLU C 218 0.08 -4.04 12.49
N ALA C 219 -0.94 -3.20 12.67
CA ALA C 219 -2.18 -3.69 13.29
C ALA C 219 -2.80 -4.81 12.47
N THR C 220 -2.97 -4.59 11.16
CA THR C 220 -3.61 -5.60 10.34
C THR C 220 -2.73 -6.83 10.13
N LEU C 221 -1.41 -6.71 10.34
CA LEU C 221 -0.55 -7.87 10.33
C LEU C 221 -0.71 -8.69 11.60
N SER C 222 -0.76 -8.02 12.75
CA SER C 222 -0.94 -8.72 14.01
C SER C 222 -2.34 -9.31 14.15
N TYR C 223 -3.31 -8.81 13.38
CA TYR C 223 -4.64 -9.40 13.41
C TYR C 223 -4.67 -10.76 12.71
N LEU C 224 -3.89 -10.90 11.63
CA LEU C 224 -3.87 -12.15 10.87
C LEU C 224 -3.10 -13.26 11.58
N GLY C 225 -2.68 -13.09 12.83
CA GLY C 225 -1.96 -14.11 13.54
C GLY C 225 -0.47 -14.09 13.35
N VAL C 226 0.03 -13.43 12.30
CA VAL C 226 1.47 -13.33 12.07
C VAL C 226 1.91 -11.88 12.29
N GLY C 227 2.37 -11.58 13.49
CA GLY C 227 2.78 -10.24 13.85
C GLY C 227 3.42 -10.20 15.22
N LEU C 228 3.07 -9.23 16.03
CA LEU C 228 3.55 -9.22 17.40
C LEU C 228 3.08 -10.49 18.12
N PRO C 229 3.89 -11.09 18.96
CA PRO C 229 3.48 -12.32 19.65
C PRO C 229 2.35 -12.08 20.63
N THR C 230 1.84 -13.15 21.23
CA THR C 230 0.76 -12.99 22.20
C THR C 230 1.25 -12.48 23.54
N SER C 231 2.55 -12.55 23.80
CA SER C 231 3.08 -12.10 25.09
C SER C 231 3.00 -10.60 25.25
N VAL C 232 2.82 -9.84 24.17
CA VAL C 232 2.64 -8.40 24.23
C VAL C 232 1.19 -8.08 23.91
N VAL C 233 0.63 -7.11 24.62
CA VAL C 233 -0.75 -6.70 24.40
C VAL C 233 -0.79 -5.69 23.25
N SER C 234 -1.80 -5.82 22.39
CA SER C 234 -1.83 -4.98 21.21
C SER C 234 -3.22 -5.00 20.58
N TRP C 235 -3.63 -3.84 20.07
CA TRP C 235 -4.80 -3.77 19.20
C TRP C 235 -4.52 -4.57 17.93
N GLY C 236 -5.41 -5.51 17.64
CA GLY C 236 -5.07 -6.57 16.71
C GLY C 236 -4.46 -7.64 17.58
N GLY C 237 -5.11 -8.79 17.68
CA GLY C 237 -4.85 -9.70 18.77
C GLY C 237 -5.68 -9.40 19.99
N ASP C 238 -6.00 -8.13 20.25
CA ASP C 238 -7.08 -7.81 21.17
C ASP C 238 -8.42 -7.73 20.46
N ILE C 239 -8.45 -7.04 19.32
CA ILE C 239 -9.64 -7.02 18.48
C ILE C 239 -9.96 -8.42 17.98
N ASN C 240 -8.91 -9.19 17.65
CA ASN C 240 -9.10 -10.52 17.09
C ASN C 240 -9.83 -11.44 18.07
N VAL C 241 -9.68 -11.22 19.38
CA VAL C 241 -10.37 -12.02 20.37
C VAL C 241 -11.64 -11.36 20.88
N ALA C 242 -11.78 -10.04 20.72
CA ALA C 242 -12.98 -9.35 21.15
C ALA C 242 -14.07 -9.35 20.10
N GLN C 243 -13.75 -9.70 18.85
CA GLN C 243 -14.76 -9.68 17.80
C GLN C 243 -15.78 -10.81 17.91
N THR C 244 -15.57 -11.77 18.80
CA THR C 244 -16.46 -12.93 18.88
C THR C 244 -17.64 -12.73 19.82
N ARG C 245 -17.60 -11.73 20.69
CA ARG C 245 -18.70 -11.46 21.61
C ARG C 245 -19.77 -10.57 21.00
N LEU C 246 -19.50 -9.97 19.83
CA LEU C 246 -20.45 -9.03 19.25
C LEU C 246 -21.78 -9.70 18.93
N ARG C 247 -21.74 -10.95 18.47
CA ARG C 247 -22.98 -11.66 18.18
C ARG C 247 -23.81 -11.85 19.44
N SER C 248 -23.16 -12.12 20.57
CA SER C 248 -23.88 -12.26 21.83
C SER C 248 -24.37 -10.92 22.34
N GLY C 249 -23.70 -9.83 21.97
CA GLY C 249 -24.21 -8.51 22.32
C GLY C 249 -23.36 -7.69 23.25
N SER C 250 -22.03 -7.86 23.18
CA SER C 250 -21.12 -7.11 24.01
C SER C 250 -20.27 -6.18 23.14
N PRO C 251 -20.34 -4.87 23.33
CA PRO C 251 -19.54 -3.97 22.50
C PRO C 251 -18.13 -3.78 23.03
N ILE C 252 -17.47 -4.88 23.40
CA ILE C 252 -16.07 -4.83 23.80
C ILE C 252 -15.18 -4.49 22.61
N LEU C 253 -15.66 -4.77 21.39
CA LEU C 253 -14.84 -4.61 20.19
C LEU C 253 -14.37 -3.18 19.99
N PHE C 254 -15.09 -2.20 20.53
CA PHE C 254 -14.94 -0.82 20.09
C PHE C 254 -13.85 -0.04 20.81
N TYR C 255 -13.42 -0.48 22.00
CA TYR C 255 -12.41 0.28 22.72
C TYR C 255 -11.03 0.15 22.05
N PRO C 256 -10.49 -1.04 21.78
CA PRO C 256 -9.23 -1.09 21.04
C PRO C 256 -9.36 -0.54 19.63
N ALA C 257 -10.45 -0.85 18.93
CA ALA C 257 -10.64 -0.34 17.58
C ALA C 257 -10.78 1.17 17.58
N GLY C 258 -11.51 1.73 18.55
CA GLY C 258 -11.63 3.17 18.65
C GLY C 258 -10.30 3.84 18.93
N ALA C 259 -9.52 3.28 19.85
CA ALA C 259 -8.20 3.83 20.13
C ALA C 259 -7.31 3.80 18.88
N LEU C 260 -7.34 2.67 18.16
CA LEU C 260 -6.52 2.57 16.95
C LEU C 260 -6.95 3.57 15.90
N ALA C 261 -8.26 3.74 15.70
CA ALA C 261 -8.75 4.67 14.70
C ALA C 261 -8.36 6.10 15.04
N ILE C 262 -8.52 6.50 16.30
CA ILE C 262 -8.10 7.84 16.70
C ILE C 262 -6.60 8.03 16.51
N THR C 263 -5.81 7.03 16.88
CA THR C 263 -4.35 7.15 16.74
C THR C 263 -3.96 7.33 15.29
N VAL C 264 -4.55 6.56 14.39
CA VAL C 264 -4.18 6.70 12.97
C VAL C 264 -4.69 8.02 12.41
N LEU C 265 -5.90 8.43 12.77
CA LEU C 265 -6.46 9.66 12.23
C LEU C 265 -5.64 10.87 12.64
N ALA C 266 -5.12 10.86 13.87
CA ALA C 266 -4.26 11.96 14.32
C ALA C 266 -3.08 12.16 13.37
N PHE C 267 -2.32 11.08 13.12
CA PHE C 267 -1.16 11.20 12.25
C PHE C 267 -1.55 11.51 10.81
N MET C 268 -2.67 10.96 10.33
CA MET C 268 -3.09 11.25 8.96
C MET C 268 -3.38 12.74 8.78
N MET C 269 -4.17 13.32 9.69
CA MET C 269 -4.52 14.73 9.51
C MET C 269 -3.33 15.64 9.83
N MET C 270 -2.42 15.20 10.70
CA MET C 270 -1.20 15.97 10.92
C MET C 270 -0.34 15.98 9.65
N GLY C 271 -0.21 14.84 8.99
CA GLY C 271 0.51 14.81 7.73
C GLY C 271 -0.14 15.67 6.67
N ASP C 272 -1.48 15.69 6.64
CA ASP C 272 -2.18 16.53 5.69
C ASP C 272 -1.90 18.02 5.95
N ALA C 273 -1.95 18.42 7.21
CA ALA C 273 -1.66 19.82 7.55
C ALA C 273 -0.21 20.18 7.21
N LEU C 274 0.73 19.29 7.53
CA LEU C 274 2.12 19.57 7.22
C LEU C 274 2.37 19.62 5.71
N ARG C 275 1.64 18.83 4.93
CA ARG C 275 1.74 18.94 3.48
C ARG C 275 1.21 20.29 3.02
N ASP C 276 0.06 20.70 3.56
CA ASP C 276 -0.54 21.98 3.21
C ASP C 276 0.38 23.15 3.55
N ALA C 277 1.20 23.01 4.59
CA ALA C 277 2.12 24.07 4.98
C ALA C 277 3.41 24.02 4.18
N LEU C 278 4.15 22.92 4.27
CA LEU C 278 5.49 22.85 3.70
C LEU C 278 5.48 22.75 2.18
N ASP C 279 4.51 22.04 1.61
CA ASP C 279 4.51 21.79 0.16
C ASP C 279 3.07 21.64 -0.32
N PRO C 280 2.35 22.75 -0.49
CA PRO C 280 0.99 22.68 -1.03
C PRO C 280 0.93 22.65 -2.56
N ALA C 281 2.08 22.65 -3.24
CA ALA C 281 2.08 22.74 -4.69
C ALA C 281 1.91 21.38 -5.34
N SER C 282 2.66 20.37 -4.88
CA SER C 282 2.60 19.04 -5.47
C SER C 282 1.43 18.28 -4.85
N ARG C 283 0.23 18.80 -5.11
CA ARG C 283 -1.00 18.20 -4.60
C ARG C 283 -1.95 17.97 -5.75
N ALA C 284 -1.41 18.06 -6.96
CA ALA C 284 -2.15 17.88 -8.22
C ALA C 284 -1.76 16.57 -8.87
N TRP C 285 -0.79 15.84 -8.34
CA TRP C 285 -0.48 14.59 -9.07
C TRP C 285 -0.02 13.49 -8.14
N ARG C 286 0.63 13.78 -7.03
CA ARG C 286 1.05 12.69 -6.21
C ARG C 286 -0.10 12.08 -5.45
N ALA C 287 -0.53 12.77 -4.40
CA ALA C 287 -1.63 12.27 -3.56
C ALA C 287 -1.39 10.80 -3.20
N ALA D 1 -12.90 -42.85 19.29
CA ALA D 1 -11.55 -42.32 18.99
C ALA D 1 -11.34 -41.00 19.74
N VAL D 2 -10.22 -40.33 19.48
CA VAL D 2 -9.90 -39.06 20.14
C VAL D 2 -10.74 -37.96 19.49
N ALA D 3 -11.34 -37.10 20.32
CA ALA D 3 -12.24 -36.08 19.84
C ALA D 3 -11.50 -35.07 18.98
N ALA D 4 -12.20 -34.46 18.04
CA ALA D 4 -11.62 -33.49 17.12
C ALA D 4 -11.25 -32.20 17.85
N ALA E 6 -20.21 58.13 -31.06
CA ALA E 6 -20.36 56.98 -30.19
C ALA E 6 -19.23 55.98 -30.40
N PRO E 7 -18.22 56.02 -29.53
CA PRO E 7 -17.10 55.10 -29.66
C PRO E 7 -17.53 53.65 -29.51
N LEU E 8 -16.58 52.75 -29.76
CA LEU E 8 -16.79 51.32 -29.67
C LEU E 8 -16.36 50.74 -28.33
N LEU E 9 -15.82 51.57 -27.45
CA LEU E 9 -15.48 51.16 -26.09
C LEU E 9 -15.33 52.45 -25.28
N SER E 10 -16.07 52.56 -24.19
CA SER E 10 -16.21 53.84 -23.52
C SER E 10 -16.06 53.71 -22.01
N VAL E 11 -14.99 53.03 -21.58
CA VAL E 11 -14.82 52.78 -20.16
C VAL E 11 -14.58 54.11 -19.45
N GLU E 12 -15.31 54.35 -18.36
CA GLU E 12 -15.08 55.55 -17.56
C GLU E 12 -15.44 55.23 -16.12
N GLY E 13 -14.47 55.43 -15.21
CA GLY E 13 -14.70 55.05 -13.84
C GLY E 13 -14.51 53.54 -13.74
N LEU E 14 -13.71 53.09 -12.79
CA LEU E 14 -13.51 51.65 -12.68
C LEU E 14 -12.73 51.38 -11.40
N GLU E 15 -12.95 50.19 -10.84
CA GLU E 15 -12.24 49.77 -9.65
C GLU E 15 -12.37 48.27 -9.54
N VAL E 16 -11.24 47.59 -9.39
CA VAL E 16 -11.19 46.13 -9.39
C VAL E 16 -10.47 45.70 -8.12
N THR E 17 -11.23 45.40 -7.07
CA THR E 17 -10.66 44.93 -5.82
C THR E 17 -10.52 43.42 -5.86
N PHE E 18 -9.44 42.92 -5.26
CA PHE E 18 -9.15 41.49 -5.25
C PHE E 18 -9.29 40.98 -3.82
N GLY E 19 -10.50 40.60 -3.44
CA GLY E 19 -10.72 39.99 -2.14
C GLY E 19 -10.48 40.94 -0.98
N THR E 20 -11.33 41.96 -0.85
CA THR E 20 -11.34 42.97 0.21
C THR E 20 -9.94 43.51 0.54
N ASP E 21 -9.03 43.52 -0.42
CA ASP E 21 -7.75 44.20 -0.27
C ASP E 21 -7.86 45.62 -0.82
N ALA E 22 -6.73 46.31 -0.90
CA ALA E 22 -6.71 47.61 -1.55
C ALA E 22 -6.96 47.45 -3.05
N PRO E 23 -7.62 48.42 -3.68
CA PRO E 23 -7.95 48.28 -5.10
C PRO E 23 -6.72 48.29 -5.98
N ALA E 24 -6.82 47.59 -7.11
CA ALA E 24 -5.78 47.58 -8.12
C ALA E 24 -5.96 48.69 -9.14
N VAL E 25 -7.19 48.86 -9.63
CA VAL E 25 -7.55 49.99 -10.49
C VAL E 25 -8.35 50.97 -9.65
N CYS E 26 -8.07 52.26 -9.82
CA CYS E 26 -8.65 53.30 -8.97
C CYS E 26 -9.15 54.47 -9.80
N GLY E 27 -9.88 54.19 -10.87
CA GLY E 27 -10.48 55.30 -11.61
C GLY E 27 -10.03 55.48 -13.05
N VAL E 28 -9.76 54.38 -13.76
CA VAL E 28 -9.32 54.48 -15.14
C VAL E 28 -10.47 54.95 -16.02
N ASP E 29 -10.12 55.59 -17.14
CA ASP E 29 -11.12 56.02 -18.11
C ASP E 29 -10.47 56.10 -19.48
N LEU E 30 -10.99 55.34 -20.43
CA LEU E 30 -10.42 55.31 -21.77
C LEU E 30 -11.53 55.04 -22.77
N ALA E 31 -11.22 55.32 -24.04
CA ALA E 31 -12.19 55.17 -25.11
C ALA E 31 -11.46 54.88 -26.41
N VAL E 32 -11.92 53.84 -27.12
CA VAL E 32 -11.41 53.50 -28.44
C VAL E 32 -12.36 54.08 -29.47
N ARG E 33 -11.81 54.77 -30.46
CA ARG E 33 -12.58 55.57 -31.41
C ARG E 33 -13.20 54.72 -32.53
N SER E 34 -13.37 53.43 -32.31
CA SER E 34 -14.07 52.54 -33.24
C SER E 34 -13.36 52.44 -34.58
N GLY E 35 -12.06 52.10 -34.55
CA GLY E 35 -11.30 51.96 -35.77
C GLY E 35 -9.87 52.41 -35.62
N GLN E 36 -9.53 52.99 -34.46
CA GLN E 36 -8.20 53.50 -34.21
C GLN E 36 -7.41 52.50 -33.37
N THR E 37 -6.16 52.87 -33.07
CA THR E 37 -5.26 52.04 -32.28
C THR E 37 -4.89 52.77 -31.01
N VAL E 38 -5.08 52.11 -29.87
CA VAL E 38 -4.86 52.73 -28.57
C VAL E 38 -3.91 51.86 -27.75
N ALA E 39 -2.99 52.49 -27.05
CA ALA E 39 -2.02 51.81 -26.20
C ALA E 39 -2.27 52.16 -24.74
N VAL E 40 -1.99 51.20 -23.86
CA VAL E 40 -2.35 51.30 -22.44
C VAL E 40 -1.08 51.28 -21.62
N VAL E 41 -0.06 51.99 -22.10
CA VAL E 41 1.29 51.98 -21.54
C VAL E 41 1.27 52.12 -20.02
N GLY E 42 2.08 51.31 -19.35
CA GLY E 42 2.19 51.39 -17.91
C GLY E 42 3.25 50.46 -17.34
N GLU E 43 3.80 50.81 -16.18
CA GLU E 43 4.79 49.97 -15.53
C GLU E 43 4.14 48.66 -15.04
N SER E 44 4.97 47.75 -14.57
CA SER E 44 4.46 46.48 -14.08
C SER E 44 3.68 46.68 -12.78
N GLY E 45 2.69 45.82 -12.58
CA GLY E 45 1.86 45.88 -11.39
C GLY E 45 1.01 47.13 -11.29
N SER E 46 0.93 47.89 -12.36
CA SER E 46 0.16 49.13 -12.39
C SER E 46 -1.31 48.90 -12.73
N GLY E 47 -1.78 47.67 -12.71
CA GLY E 47 -3.15 47.39 -13.09
C GLY E 47 -3.47 47.76 -14.52
N LYS E 48 -2.52 47.59 -15.43
CA LYS E 48 -2.74 47.87 -16.84
C LYS E 48 -3.31 46.67 -17.58
N SER E 49 -2.98 45.45 -17.15
CA SER E 49 -3.53 44.25 -17.76
C SER E 49 -4.81 43.81 -17.06
N THR E 50 -4.87 43.99 -15.74
CA THR E 50 -6.10 43.72 -14.98
C THR E 50 -7.28 44.43 -15.62
N THR E 51 -7.09 45.69 -16.00
CA THR E 51 -8.14 46.43 -16.71
C THR E 51 -8.68 45.62 -17.88
N ALA E 52 -7.79 45.11 -18.73
CA ALA E 52 -8.23 44.26 -19.84
C ALA E 52 -9.01 43.06 -19.31
N ALA E 53 -8.46 42.37 -18.31
CA ALA E 53 -9.14 41.22 -17.74
C ALA E 53 -10.47 41.60 -17.11
N ALA E 54 -10.68 42.89 -16.82
CA ALA E 54 -11.96 43.35 -16.30
C ALA E 54 -12.95 43.69 -17.41
N ILE E 55 -12.46 44.02 -18.60
CA ILE E 55 -13.37 44.33 -19.70
C ILE E 55 -13.98 43.05 -20.25
N LEU E 56 -13.16 42.03 -20.48
CA LEU E 56 -13.67 40.77 -21.02
C LEU E 56 -14.51 40.04 -19.99
N GLY E 57 -13.95 39.78 -18.82
CA GLY E 57 -14.67 39.05 -17.79
C GLY E 57 -13.79 37.98 -17.16
N LEU E 58 -12.52 37.96 -17.56
CA LEU E 58 -11.57 36.95 -17.10
C LEU E 58 -10.80 37.43 -15.86
N LEU E 59 -11.54 37.84 -14.83
CA LEU E 59 -10.89 38.30 -13.61
C LEU E 59 -10.55 37.11 -12.72
N PRO E 60 -9.29 36.93 -12.33
CA PRO E 60 -8.89 35.63 -11.76
C PRO E 60 -9.32 35.39 -10.33
N ALA E 61 -10.41 34.64 -10.18
CA ALA E 61 -10.75 33.90 -8.96
C ALA E 61 -11.05 34.77 -7.74
N GLY E 62 -10.80 36.07 -7.81
CA GLY E 62 -11.15 36.93 -6.69
C GLY E 62 -11.60 38.31 -7.08
N GLY E 63 -11.59 38.61 -8.37
CA GLY E 63 -11.87 39.96 -8.80
C GLY E 63 -13.34 40.28 -8.88
N ARG E 64 -13.64 41.57 -8.79
CA ARG E 64 -15.01 42.04 -8.94
C ARG E 64 -15.02 43.54 -9.20
N ILE E 65 -15.72 43.98 -10.24
CA ILE E 65 -15.86 45.40 -10.51
C ILE E 65 -16.69 46.04 -9.40
N THR E 66 -16.17 47.13 -8.83
CA THR E 66 -16.83 47.80 -7.72
C THR E 66 -17.22 49.24 -8.02
N ALA E 67 -16.96 49.73 -9.23
CA ALA E 67 -17.36 51.08 -9.60
C ALA E 67 -17.37 51.18 -11.12
N GLY E 68 -17.83 52.33 -11.62
CA GLY E 68 -17.87 52.60 -13.03
C GLY E 68 -18.70 51.58 -13.80
N ARG E 69 -18.57 51.66 -15.13
CA ARG E 69 -19.27 50.75 -16.02
C ARG E 69 -18.56 50.71 -17.36
N VAL E 70 -18.62 49.55 -18.02
CA VAL E 70 -18.08 49.34 -19.35
C VAL E 70 -19.24 49.28 -20.32
N VAL E 71 -19.15 50.02 -21.43
CA VAL E 71 -20.22 50.10 -22.40
C VAL E 71 -19.63 49.91 -23.80
N PHE E 72 -19.89 48.75 -24.40
CA PHE E 72 -19.36 48.38 -25.70
C PHE E 72 -20.46 48.62 -26.74
N ASP E 73 -20.35 49.73 -27.45
CA ASP E 73 -21.29 50.09 -28.52
C ASP E 73 -22.71 50.21 -27.97
N GLY E 74 -22.87 51.14 -27.02
CA GLY E 74 -24.17 51.40 -26.42
C GLY E 74 -24.65 50.44 -25.37
N ARG E 75 -24.65 49.15 -25.67
CA ARG E 75 -25.14 48.15 -24.73
C ARG E 75 -24.13 47.95 -23.61
N ASP E 76 -24.52 48.30 -22.40
CA ASP E 76 -23.65 48.10 -21.24
C ASP E 76 -23.34 46.63 -21.07
N ILE E 77 -22.09 46.33 -20.73
CA ILE E 77 -21.67 44.94 -20.50
C ILE E 77 -20.89 44.83 -19.20
N THR E 78 -20.93 45.87 -18.35
CA THR E 78 -20.24 45.76 -17.08
C THR E 78 -20.88 44.71 -16.18
N GLY E 79 -22.10 44.29 -16.49
CA GLY E 79 -22.73 43.17 -15.83
C GLY E 79 -22.48 41.90 -16.62
N ALA E 80 -21.55 41.07 -16.12
CA ALA E 80 -21.11 39.89 -16.86
C ALA E 80 -22.20 38.84 -16.81
N ASP E 81 -23.22 39.01 -17.65
CA ASP E 81 -24.28 38.02 -17.79
C ASP E 81 -23.71 36.83 -18.53
N ALA E 82 -23.27 35.81 -17.78
CA ALA E 82 -22.50 34.70 -18.35
C ALA E 82 -23.15 34.06 -19.57
N LYS E 83 -24.46 34.22 -19.72
CA LYS E 83 -25.12 33.73 -20.92
C LYS E 83 -25.11 34.75 -22.05
N ARG E 84 -25.24 36.04 -21.72
CA ARG E 84 -25.19 37.08 -22.74
C ARG E 84 -23.78 37.33 -23.24
N LEU E 85 -22.75 37.00 -22.46
CA LEU E 85 -21.38 37.24 -22.86
C LEU E 85 -20.95 36.39 -24.04
N ARG E 86 -21.71 35.36 -24.39
CA ARG E 86 -21.30 34.50 -25.49
C ARG E 86 -21.66 35.08 -26.86
N SER E 87 -22.59 36.03 -26.91
CA SER E 87 -22.83 36.74 -28.16
C SER E 87 -21.82 37.85 -28.40
N ILE E 88 -20.86 38.01 -27.49
CA ILE E 88 -19.88 39.08 -27.58
C ILE E 88 -18.46 38.58 -27.43
N ARG E 89 -18.25 37.38 -26.87
CA ARG E 89 -16.94 36.98 -26.42
C ARG E 89 -16.04 36.52 -27.56
N GLY E 90 -16.61 35.90 -28.58
CA GLY E 90 -15.77 35.39 -29.65
C GLY E 90 -15.93 36.12 -30.96
N ARG E 91 -17.15 36.55 -31.26
CA ARG E 91 -17.47 37.12 -32.56
C ARG E 91 -17.48 38.63 -32.57
N GLU E 92 -17.28 39.29 -31.43
CA GLU E 92 -17.25 40.75 -31.39
C GLU E 92 -16.11 41.35 -30.60
N ILE E 93 -15.44 40.61 -29.73
CA ILE E 93 -14.30 41.13 -28.97
C ILE E 93 -13.30 39.99 -28.82
N GLY E 94 -12.12 40.15 -29.41
CA GLY E 94 -11.10 39.13 -29.37
C GLY E 94 -10.01 39.42 -28.36
N TYR E 95 -9.27 38.37 -28.00
CA TYR E 95 -8.26 38.46 -26.95
C TYR E 95 -7.03 37.67 -27.35
N VAL E 96 -5.87 38.32 -27.29
CA VAL E 96 -4.59 37.67 -27.60
C VAL E 96 -3.75 37.64 -26.33
N PRO E 97 -3.45 36.46 -25.78
CA PRO E 97 -2.77 36.39 -24.48
C PRO E 97 -1.32 36.84 -24.53
N GLN E 98 -0.64 36.77 -23.40
CA GLN E 98 0.75 37.22 -23.28
C GLN E 98 1.73 36.06 -23.46
N ASP E 99 1.65 35.04 -22.63
CA ASP E 99 2.61 33.94 -22.67
C ASP E 99 2.28 33.01 -23.82
N PRO E 100 3.24 32.71 -24.70
CA PRO E 100 2.93 31.83 -25.85
C PRO E 100 2.99 30.36 -25.52
N MET E 101 3.70 29.95 -24.47
CA MET E 101 3.89 28.54 -24.19
C MET E 101 2.77 27.92 -23.37
N THR E 102 2.17 28.67 -22.46
CA THR E 102 1.19 28.13 -21.52
C THR E 102 -0.24 28.54 -21.84
N ASN E 103 -0.48 29.14 -23.00
CA ASN E 103 -1.83 29.56 -23.39
C ASN E 103 -2.41 28.67 -24.48
N LEU E 104 -1.96 27.43 -24.54
CA LEU E 104 -2.50 26.44 -25.47
C LEU E 104 -2.55 25.10 -24.75
N ASN E 105 -3.66 24.40 -24.89
CA ASN E 105 -3.82 23.11 -24.23
C ASN E 105 -2.76 22.15 -24.76
N PRO E 106 -1.87 21.65 -23.91
CA PRO E 106 -0.74 20.85 -24.40
C PRO E 106 -1.08 19.43 -24.81
N VAL E 107 -2.35 19.05 -24.92
CA VAL E 107 -2.71 17.69 -25.28
C VAL E 107 -3.65 17.69 -26.49
N TRP E 108 -3.72 18.81 -27.19
CA TRP E 108 -4.50 18.92 -28.41
C TRP E 108 -3.64 19.55 -29.49
N LYS E 109 -3.71 19.01 -30.70
CA LYS E 109 -3.00 19.60 -31.82
C LYS E 109 -3.50 21.01 -32.08
N VAL E 110 -2.61 21.88 -32.57
CA VAL E 110 -2.96 23.27 -32.74
C VAL E 110 -4.05 23.44 -33.80
N GLY E 111 -4.12 22.52 -34.77
CA GLY E 111 -5.18 22.59 -35.75
C GLY E 111 -6.54 22.38 -35.13
N PHE E 112 -6.64 21.46 -34.18
CA PHE E 112 -7.90 21.25 -33.47
C PHE E 112 -8.30 22.47 -32.67
N GLN E 113 -7.34 23.10 -31.98
CA GLN E 113 -7.64 24.27 -31.18
C GLN E 113 -8.02 25.46 -32.05
N VAL E 114 -7.53 25.52 -33.28
CA VAL E 114 -7.93 26.62 -34.16
C VAL E 114 -9.26 26.34 -34.85
N THR E 115 -9.56 25.08 -35.17
CA THR E 115 -10.84 24.79 -35.80
C THR E 115 -12.00 24.76 -34.82
N GLU E 116 -11.71 24.61 -33.52
CA GLU E 116 -12.79 24.69 -32.55
C GLU E 116 -13.09 26.13 -32.14
N ALA E 117 -12.28 27.09 -32.57
CA ALA E 117 -12.47 28.49 -32.22
C ALA E 117 -13.28 29.26 -33.26
N LEU E 118 -13.60 28.65 -34.39
CA LEU E 118 -14.47 29.24 -35.38
C LEU E 118 -15.75 28.44 -35.59
N ARG E 119 -15.92 27.34 -34.87
CA ARG E 119 -17.02 26.42 -35.13
C ARG E 119 -18.29 26.96 -34.49
N ALA E 120 -19.06 27.71 -35.27
CA ALA E 120 -20.45 27.99 -34.97
C ALA E 120 -21.39 27.24 -35.90
N ASN E 121 -21.09 27.22 -37.20
CA ASN E 121 -21.71 26.28 -38.10
C ASN E 121 -21.12 24.88 -37.89
N THR E 122 -21.89 23.86 -38.24
CA THR E 122 -21.48 22.48 -38.05
C THR E 122 -20.93 21.92 -39.36
N ASP E 123 -19.70 21.43 -39.32
CA ASP E 123 -19.06 20.69 -40.39
C ASP E 123 -17.69 20.23 -39.91
N GLY E 124 -17.23 19.10 -40.44
CA GLY E 124 -15.96 18.55 -40.02
C GLY E 124 -14.87 18.72 -41.05
N ARG E 125 -15.23 18.74 -42.34
CA ARG E 125 -14.27 18.79 -43.42
C ARG E 125 -14.01 20.21 -43.92
N ALA E 126 -15.04 21.05 -44.01
CA ALA E 126 -14.83 22.43 -44.43
C ALA E 126 -14.25 23.29 -43.33
N ALA E 127 -14.28 22.84 -42.08
CA ALA E 127 -13.70 23.61 -40.99
C ALA E 127 -12.22 23.29 -40.79
N ARG E 128 -11.81 22.06 -41.03
CA ARG E 128 -10.39 21.73 -41.08
C ARG E 128 -9.74 22.14 -42.38
N ARG E 129 -10.52 22.69 -43.32
CA ARG E 129 -10.00 23.31 -44.53
C ARG E 129 -10.12 24.83 -44.48
N ARG E 130 -10.51 25.36 -43.33
CA ARG E 130 -10.46 26.79 -43.06
C ARG E 130 -9.57 27.14 -41.88
N ALA E 131 -9.45 26.24 -40.90
CA ALA E 131 -8.47 26.41 -39.84
C ALA E 131 -7.04 26.28 -40.34
N VAL E 132 -6.85 25.79 -41.56
CA VAL E 132 -5.54 25.79 -42.18
C VAL E 132 -5.29 27.09 -42.95
N GLU E 133 -6.32 27.60 -43.63
CA GLU E 133 -6.17 28.88 -44.30
C GLU E 133 -6.00 30.02 -43.30
N LEU E 134 -6.61 29.92 -42.13
CA LEU E 134 -6.37 30.92 -41.08
C LEU E 134 -4.91 30.92 -40.66
N LEU E 135 -4.34 29.74 -40.44
CA LEU E 135 -2.94 29.65 -40.05
C LEU E 135 -2.02 30.07 -41.19
N ALA E 136 -2.48 29.92 -42.44
CA ALA E 136 -1.66 30.34 -43.57
C ALA E 136 -1.66 31.86 -43.71
N GLU E 137 -2.81 32.50 -43.48
CA GLU E 137 -2.89 33.95 -43.62
C GLU E 137 -2.36 34.67 -42.39
N ALA E 138 -2.34 34.03 -41.23
CA ALA E 138 -1.72 34.63 -40.05
C ALA E 138 -0.21 34.70 -40.20
N GLY E 139 0.36 33.96 -41.14
CA GLY E 139 1.79 33.93 -41.36
C GLY E 139 2.41 32.75 -40.65
N LEU E 140 2.78 31.72 -41.40
CA LEU E 140 3.34 30.53 -40.81
C LEU E 140 4.06 29.75 -41.91
N PRO E 141 5.30 29.28 -41.66
CA PRO E 141 6.12 28.71 -42.74
C PRO E 141 5.42 27.66 -43.59
N ASP E 142 4.87 26.62 -42.94
CA ASP E 142 4.21 25.52 -43.65
C ASP E 142 2.93 25.20 -42.90
N PRO E 143 1.82 25.85 -43.25
CA PRO E 143 0.57 25.64 -42.50
C PRO E 143 -0.05 24.27 -42.70
N ALA E 144 0.60 23.38 -43.44
CA ALA E 144 0.05 22.04 -43.67
C ALA E 144 0.38 21.11 -42.52
N LYS E 145 1.66 21.01 -42.17
CA LYS E 145 2.08 20.14 -41.10
C LYS E 145 2.30 20.85 -39.77
N GLN E 146 2.50 22.17 -39.78
CA GLN E 146 2.57 22.90 -38.52
C GLN E 146 1.25 22.84 -37.78
N ALA E 147 0.15 22.62 -38.49
CA ALA E 147 -1.16 22.44 -37.88
C ALA E 147 -1.41 20.99 -37.48
N GLY E 148 -0.39 20.15 -37.50
CA GLY E 148 -0.55 18.77 -37.08
C GLY E 148 0.39 18.44 -35.94
N ARG E 149 0.94 19.47 -35.31
CA ARG E 149 1.87 19.32 -34.20
C ARG E 149 1.19 19.71 -32.90
N TYR E 150 1.88 19.46 -31.81
CA TYR E 150 1.40 19.82 -30.49
C TYR E 150 1.99 21.15 -30.05
N PRO E 151 1.35 21.85 -29.12
CA PRO E 151 1.83 23.19 -28.73
C PRO E 151 3.23 23.20 -28.15
N HIS E 152 3.85 22.06 -27.91
CA HIS E 152 5.21 21.99 -27.39
C HIS E 152 6.24 21.66 -28.45
N GLN E 153 5.81 21.44 -29.70
CA GLN E 153 6.72 21.25 -30.80
C GLN E 153 6.88 22.50 -31.66
N LEU E 154 6.03 23.50 -31.48
CA LEU E 154 6.24 24.79 -32.11
C LEU E 154 7.27 25.59 -31.32
N SER E 155 7.73 26.70 -31.88
CA SER E 155 8.88 27.42 -31.33
C SER E 155 8.57 28.90 -31.15
N GLY E 156 7.96 29.24 -30.01
CA GLY E 156 8.00 30.61 -29.52
C GLY E 156 7.17 31.60 -30.30
N GLY E 157 7.58 31.86 -31.55
CA GLY E 157 6.90 32.85 -32.36
C GLY E 157 5.75 32.25 -33.14
N MET E 158 5.84 30.95 -33.45
CA MET E 158 4.74 30.29 -34.14
C MET E 158 3.56 30.08 -33.21
N CYS E 159 3.81 29.82 -31.93
CA CYS E 159 2.71 29.74 -30.98
C CYS E 159 1.95 31.05 -30.90
N GLN E 160 2.65 32.18 -30.97
CA GLN E 160 1.98 33.46 -30.94
C GLN E 160 1.28 33.76 -32.27
N ARG E 161 1.92 33.38 -33.38
CA ARG E 161 1.28 33.54 -34.68
C ARG E 161 0.03 32.68 -34.80
N ALA E 162 -0.09 31.63 -34.00
CA ALA E 162 -1.31 30.82 -33.96
C ALA E 162 -2.32 31.37 -32.99
N LEU E 163 -1.86 31.92 -31.85
CA LEU E 163 -2.77 32.59 -30.94
C LEU E 163 -3.45 33.78 -31.61
N ILE E 164 -2.74 34.47 -32.51
CA ILE E 164 -3.35 35.57 -33.23
C ILE E 164 -4.45 35.07 -34.15
N ALA E 165 -4.22 33.93 -34.81
CA ALA E 165 -5.24 33.36 -35.68
C ALA E 165 -6.45 32.90 -34.88
N ILE E 166 -6.23 32.38 -33.68
CA ILE E 166 -7.35 32.05 -32.79
C ILE E 166 -8.11 33.31 -32.42
N GLY E 167 -7.39 34.38 -32.08
CA GLY E 167 -8.03 35.61 -31.66
C GLY E 167 -8.84 36.28 -32.75
N LEU E 168 -8.41 36.14 -34.01
CA LEU E 168 -9.10 36.76 -35.13
C LEU E 168 -9.97 35.76 -35.92
N ALA E 169 -10.57 34.79 -35.23
CA ALA E 169 -11.33 33.77 -35.92
C ALA E 169 -12.73 34.23 -36.29
N GLY E 170 -13.36 35.03 -35.44
CA GLY E 170 -14.72 35.48 -35.67
C GLY E 170 -14.86 36.85 -36.29
N ARG E 171 -13.77 37.45 -36.78
CA ARG E 171 -13.77 38.78 -37.36
C ARG E 171 -14.28 39.80 -36.37
N PRO E 172 -13.58 40.03 -35.26
CA PRO E 172 -14.09 40.92 -34.22
C PRO E 172 -14.06 42.37 -34.67
N ARG E 173 -14.78 43.20 -33.91
CA ARG E 173 -14.72 44.64 -34.08
C ARG E 173 -13.74 45.29 -33.12
N LEU E 174 -13.07 44.50 -32.27
CA LEU E 174 -12.13 45.03 -31.31
C LEU E 174 -11.27 43.88 -30.81
N LEU E 175 -9.95 44.03 -30.93
CA LEU E 175 -9.00 43.06 -30.43
C LEU E 175 -8.30 43.63 -29.21
N ILE E 176 -7.98 42.77 -28.25
CA ILE E 176 -7.30 43.16 -27.02
C ILE E 176 -6.01 42.36 -26.96
N ALA E 177 -4.90 43.00 -27.28
CA ALA E 177 -3.60 42.35 -27.35
C ALA E 177 -2.88 42.58 -26.04
N ASP E 178 -3.09 41.66 -25.09
CA ASP E 178 -2.54 41.79 -23.74
C ASP E 178 -1.06 41.42 -23.77
N GLU E 179 -0.25 42.37 -24.25
CA GLU E 179 1.20 42.25 -24.23
C GLU E 179 1.64 41.04 -25.05
N PRO E 180 1.38 41.04 -26.36
CA PRO E 180 1.56 39.79 -27.12
C PRO E 180 3.01 39.43 -27.37
N THR E 181 3.89 40.41 -27.46
CA THR E 181 5.27 40.15 -27.87
C THR E 181 6.26 40.58 -26.82
N SER E 182 5.99 40.25 -25.55
CA SER E 182 6.94 40.61 -24.50
C SER E 182 8.06 39.58 -24.39
N ALA E 183 7.71 38.29 -24.43
CA ALA E 183 8.67 37.22 -24.19
C ALA E 183 9.32 36.71 -25.47
N LEU E 184 9.27 37.49 -26.55
CA LEU E 184 9.91 37.11 -27.81
C LEU E 184 11.14 37.96 -28.03
N ASP E 185 12.14 37.36 -28.69
CA ASP E 185 13.32 38.12 -29.06
C ASP E 185 12.97 39.13 -30.15
N VAL E 186 13.78 40.20 -30.23
CA VAL E 186 13.40 41.39 -30.97
C VAL E 186 13.22 41.09 -32.45
N THR E 187 14.00 40.14 -32.98
CA THR E 187 13.97 39.89 -34.42
C THR E 187 12.59 39.43 -34.88
N VAL E 188 11.91 38.60 -34.08
CA VAL E 188 10.54 38.23 -34.40
C VAL E 188 9.53 39.11 -33.68
N GLN E 189 9.94 39.75 -32.58
CA GLN E 189 9.07 40.72 -31.93
C GLN E 189 8.75 41.88 -32.85
N ARG E 190 9.55 42.10 -33.89
CA ARG E 190 9.23 43.10 -34.89
C ARG E 190 8.35 42.53 -36.00
N GLN E 191 8.63 41.31 -36.45
CA GLN E 191 7.87 40.73 -37.55
C GLN E 191 6.43 40.45 -37.14
N VAL E 192 6.23 39.86 -35.96
CA VAL E 192 4.89 39.56 -35.49
C VAL E 192 4.05 40.82 -35.40
N LEU E 193 4.63 41.90 -34.87
CA LEU E 193 3.90 43.15 -34.74
C LEU E 193 3.61 43.78 -36.10
N ASP E 194 4.60 43.76 -37.00
CA ASP E 194 4.38 44.31 -38.33
C ASP E 194 3.35 43.52 -39.11
N HIS E 195 3.15 42.24 -38.78
CA HIS E 195 2.12 41.46 -39.45
C HIS E 195 0.76 41.67 -38.81
N LEU E 196 0.71 41.78 -37.48
CA LEU E 196 -0.56 42.02 -36.79
C LEU E 196 -1.13 43.39 -37.16
N GLN E 197 -0.29 44.41 -37.15
CA GLN E 197 -0.73 45.76 -37.49
C GLN E 197 -1.07 45.91 -38.97
N GLY E 198 -0.83 44.87 -39.78
CA GLY E 198 -1.21 44.90 -41.18
C GLY E 198 -2.36 43.98 -41.46
N LEU E 199 -2.62 43.06 -40.53
CA LEU E 199 -3.78 42.20 -40.60
C LEU E 199 -5.02 42.88 -40.04
N THR E 200 -4.88 43.54 -38.89
CA THR E 200 -5.99 44.30 -38.31
C THR E 200 -6.17 45.65 -38.99
N ASP E 201 -5.53 45.88 -40.13
CA ASP E 201 -5.65 47.12 -40.87
C ASP E 201 -6.58 47.02 -42.07
N GLU E 202 -6.84 45.80 -42.55
CA GLU E 202 -7.77 45.60 -43.65
C GLU E 202 -9.12 45.07 -43.19
N LEU E 203 -9.19 44.47 -42.01
CA LEU E 203 -10.44 44.00 -41.45
C LEU E 203 -11.24 45.12 -40.79
N GLY E 204 -10.67 46.31 -40.65
CA GLY E 204 -11.30 47.37 -39.90
C GLY E 204 -11.29 47.18 -38.40
N THR E 205 -10.68 46.10 -37.92
CA THR E 205 -10.64 45.82 -36.49
C THR E 205 -9.93 46.94 -35.74
N ALA E 206 -10.44 47.27 -34.55
CA ALA E 206 -9.72 48.16 -33.66
C ALA E 206 -8.65 47.37 -32.91
N LEU E 207 -7.78 48.09 -32.20
CA LEU E 207 -6.67 47.43 -31.54
C LEU E 207 -6.29 48.18 -30.27
N LEU E 208 -6.04 47.41 -29.21
CA LEU E 208 -5.74 47.95 -27.88
C LEU E 208 -4.47 47.26 -27.38
N LEU E 209 -3.32 47.86 -27.69
CA LEU E 209 -2.05 47.34 -27.19
C LEU E 209 -1.93 47.59 -25.69
N ILE E 210 -1.34 46.64 -25.00
CA ILE E 210 -1.01 46.78 -23.58
C ILE E 210 0.47 46.44 -23.45
N THR E 211 1.32 47.45 -23.55
CA THR E 211 2.76 47.26 -23.54
C THR E 211 3.34 47.69 -22.20
N HIS E 212 4.66 47.61 -22.09
CA HIS E 212 5.39 48.21 -20.98
C HIS E 212 6.43 49.21 -21.44
N ASP E 213 6.65 49.33 -22.75
CA ASP E 213 7.50 50.36 -23.31
C ASP E 213 6.69 51.62 -23.59
N LEU E 214 7.41 52.70 -23.89
CA LEU E 214 6.78 53.94 -24.31
C LEU E 214 7.21 54.38 -25.70
N ALA E 215 8.40 53.99 -26.16
CA ALA E 215 8.82 54.29 -27.52
C ALA E 215 8.34 53.23 -28.51
N LEU E 216 7.86 52.09 -28.00
CA LEU E 216 7.25 51.10 -28.89
C LEU E 216 5.84 51.53 -29.28
N ALA E 217 5.02 51.89 -28.29
CA ALA E 217 3.66 52.33 -28.55
C ALA E 217 3.64 53.50 -29.52
N ALA E 218 4.46 54.52 -29.26
CA ALA E 218 4.51 55.69 -30.14
C ALA E 218 4.88 55.32 -31.57
N GLN E 219 5.48 54.16 -31.79
CA GLN E 219 5.76 53.71 -33.15
C GLN E 219 4.54 53.01 -33.76
N ARG E 220 3.80 52.26 -32.96
CA ARG E 220 2.67 51.47 -33.43
C ARG E 220 1.32 52.15 -33.22
N ALA E 221 1.03 52.56 -32.00
CA ALA E 221 -0.31 52.99 -31.65
C ALA E 221 -0.61 54.36 -32.23
N GLU E 222 -1.84 54.82 -31.99
CA GLU E 222 -2.30 56.13 -32.41
C GLU E 222 -2.67 57.03 -31.24
N ALA E 223 -3.23 56.49 -30.17
CA ALA E 223 -3.51 57.26 -28.96
C ALA E 223 -2.97 56.49 -27.76
N VAL E 224 -2.17 57.16 -26.94
CA VAL E 224 -1.46 56.52 -25.84
C VAL E 224 -2.09 56.96 -24.53
N VAL E 225 -2.25 56.01 -23.61
CA VAL E 225 -2.75 56.27 -22.26
C VAL E 225 -1.75 55.66 -21.28
N VAL E 226 -1.30 56.46 -20.32
CA VAL E 226 -0.28 56.04 -19.36
C VAL E 226 -0.95 55.79 -18.02
N VAL E 227 -0.59 54.68 -17.39
CA VAL E 227 -1.22 54.25 -16.14
C VAL E 227 -0.15 54.14 -15.06
N ARG E 228 -0.48 54.59 -13.85
CA ARG E 228 0.40 54.42 -12.70
C ARG E 228 -0.42 53.99 -11.49
N ARG E 229 -0.11 52.81 -10.96
CA ARG E 229 -0.66 52.33 -9.69
C ARG E 229 -2.18 52.18 -9.73
N GLY E 230 -2.79 52.42 -10.87
CA GLY E 230 -4.23 52.29 -10.98
C GLY E 230 -4.90 53.48 -11.63
N VAL E 231 -4.26 54.65 -11.56
CA VAL E 231 -4.85 55.89 -12.06
C VAL E 231 -4.20 56.27 -13.38
N VAL E 232 -5.01 56.77 -14.30
CA VAL E 232 -4.49 57.33 -15.55
C VAL E 232 -3.74 58.61 -15.22
N VAL E 233 -2.55 58.77 -15.83
CA VAL E 233 -1.68 59.89 -15.53
C VAL E 233 -1.67 60.90 -16.67
N GLU E 234 -1.64 60.43 -17.91
CA GLU E 234 -1.64 61.32 -19.07
C GLU E 234 -2.10 60.53 -20.27
N SER E 235 -2.80 61.21 -21.18
CA SER E 235 -3.37 60.53 -22.34
C SER E 235 -3.61 61.55 -23.44
N GLY E 236 -3.01 61.33 -24.59
CA GLY E 236 -3.18 62.21 -25.72
C GLY E 236 -2.73 61.56 -27.00
N ALA E 237 -2.51 62.40 -28.02
CA ALA E 237 -1.97 61.89 -29.27
C ALA E 237 -0.60 61.26 -29.05
N ALA E 238 -0.26 60.31 -29.91
CA ALA E 238 0.99 59.57 -29.73
C ALA E 238 2.20 60.44 -30.02
N GLN E 239 2.26 61.00 -31.22
CA GLN E 239 3.45 61.75 -31.65
C GLN E 239 3.62 63.06 -30.92
N SER E 240 2.78 63.38 -29.95
CA SER E 240 2.96 64.55 -29.10
C SER E 240 3.12 64.18 -27.63
N ILE E 241 3.08 62.89 -27.29
CA ILE E 241 3.29 62.46 -25.91
C ILE E 241 4.73 62.01 -25.67
N LEU E 242 5.51 61.81 -26.72
CA LEU E 242 6.91 61.42 -26.59
C LEU E 242 7.87 62.60 -26.69
N GLN E 243 7.54 63.59 -27.51
CA GLN E 243 8.41 64.74 -27.73
C GLN E 243 8.01 65.96 -26.92
N SER E 244 6.92 65.89 -26.16
CA SER E 244 6.46 67.00 -25.33
C SER E 244 5.63 66.47 -24.16
N PRO E 245 6.27 65.77 -23.23
CA PRO E 245 5.53 65.28 -22.06
C PRO E 245 5.28 66.39 -21.06
N GLN E 246 4.23 66.20 -20.26
CA GLN E 246 3.83 67.18 -19.25
C GLN E 246 4.00 66.63 -17.84
N HIS E 247 3.39 65.49 -17.53
CA HIS E 247 3.49 64.94 -16.19
C HIS E 247 4.90 64.44 -15.93
N GLU E 248 5.38 64.64 -14.69
CA GLU E 248 6.74 64.28 -14.35
C GLU E 248 7.00 62.79 -14.51
N TYR E 249 5.97 61.96 -14.34
CA TYR E 249 6.14 60.52 -14.54
C TYR E 249 6.48 60.22 -15.99
N THR E 250 5.79 60.86 -16.94
CA THR E 250 6.14 60.67 -18.34
C THR E 250 7.53 61.19 -18.64
N ARG E 251 7.97 62.25 -17.94
CA ARG E 251 9.33 62.76 -18.12
C ARG E 251 10.35 61.71 -17.71
N ARG E 252 10.23 61.17 -16.49
CA ARG E 252 11.18 60.17 -16.05
C ARG E 252 10.97 58.82 -16.72
N LEU E 253 9.89 58.67 -17.48
CA LEU E 253 9.70 57.47 -18.28
C LEU E 253 10.31 57.60 -19.68
N VAL E 254 10.37 58.81 -20.21
CA VAL E 254 11.02 59.01 -21.52
C VAL E 254 12.51 59.28 -21.39
N ALA E 255 12.97 59.78 -20.23
CA ALA E 255 14.39 60.00 -20.02
C ALA E 255 15.12 58.78 -19.51
N ALA E 256 14.41 57.67 -19.30
CA ALA E 256 15.02 56.41 -18.87
C ALA E 256 14.89 55.33 -19.93
N ALA E 257 14.42 55.68 -21.08
CA ALA E 257 14.34 54.69 -22.09
C ALA E 257 15.64 54.75 -22.78
N PRO E 258 16.21 53.58 -23.03
CA PRO E 258 17.48 53.46 -23.72
C PRO E 258 17.42 53.99 -25.13
N SER E 259 16.28 53.96 -25.82
CA SER E 259 16.06 54.51 -27.16
C SER E 259 16.31 56.01 -27.36
N LEU E 260 16.39 56.79 -26.28
CA LEU E 260 16.79 58.17 -26.40
C LEU E 260 18.27 58.15 -26.13
N THR E 261 18.58 58.01 -24.85
CA THR E 261 19.97 58.01 -24.40
C THR E 261 20.97 57.15 -25.21
N ALA E 262 20.49 56.30 -26.15
CA ALA E 262 21.48 55.67 -27.02
C ALA E 262 22.15 56.65 -27.97
N ARG E 263 21.88 57.94 -27.83
CA ARG E 263 22.48 58.99 -28.64
C ARG E 263 23.14 60.03 -27.75
N SER E 264 23.89 59.57 -26.76
CA SER E 264 24.48 60.41 -25.74
C SER E 264 25.99 60.54 -25.95
N ARG E 265 26.63 61.28 -25.06
CA ARG E 265 28.08 61.45 -25.09
C ARG E 265 28.82 60.31 -24.40
N ARG E 266 28.17 59.63 -23.45
CA ARG E 266 28.67 58.49 -22.68
C ARG E 266 30.12 58.69 -22.25
N PRO E 267 30.36 59.58 -21.29
CA PRO E 267 31.75 59.84 -20.86
C PRO E 267 32.38 58.59 -20.27
N PRO E 268 33.68 58.36 -20.55
CA PRO E 268 34.41 57.18 -20.06
C PRO E 268 34.57 57.18 -18.54
N GLN E 277 50.04 49.87 -17.02
CA GLN E 277 48.79 49.23 -17.38
C GLN E 277 48.61 49.21 -18.90
N ALA E 278 48.65 48.01 -19.47
CA ALA E 278 48.44 47.80 -20.90
C ALA E 278 47.08 47.20 -21.20
N GLY E 279 46.66 46.18 -20.44
CA GLY E 279 45.35 45.60 -20.57
C GLY E 279 45.43 44.16 -21.10
N ASP E 280 44.37 43.74 -21.76
CA ASP E 280 44.28 42.41 -22.36
C ASP E 280 44.46 41.32 -21.32
N ILE E 281 43.55 41.29 -20.35
CA ILE E 281 43.56 40.24 -19.34
C ILE E 281 43.02 38.95 -19.93
N LEU E 282 41.77 38.94 -20.35
CA LEU E 282 41.17 37.73 -20.89
C LEU E 282 41.60 37.55 -22.34
N VAL E 283 41.99 36.33 -22.69
CA VAL E 283 42.39 36.01 -24.06
C VAL E 283 41.74 34.69 -24.45
N VAL E 284 40.65 34.78 -25.18
CA VAL E 284 39.97 33.60 -25.70
C VAL E 284 40.52 33.31 -27.09
N SER E 285 40.61 32.03 -27.44
CA SER E 285 41.10 31.65 -28.76
C SER E 285 40.42 30.34 -29.16
N GLU E 286 39.52 30.41 -30.14
CA GLU E 286 38.94 29.24 -30.79
C GLU E 286 38.24 28.31 -29.79
N LEU E 287 37.37 28.89 -28.97
CA LEU E 287 36.57 28.04 -28.09
C LEU E 287 35.58 27.23 -28.92
N THR E 288 35.17 26.09 -28.37
CA THR E 288 34.28 25.19 -29.09
C THR E 288 33.57 24.30 -28.07
N LYS E 289 32.26 24.16 -28.22
CA LYS E 289 31.48 23.22 -27.42
C LYS E 289 30.62 22.40 -28.37
N ILE E 290 30.56 21.10 -28.12
CA ILE E 290 29.94 20.14 -29.03
C ILE E 290 28.96 19.30 -28.22
N TYR E 291 27.67 19.54 -28.43
CA TYR E 291 26.62 18.81 -27.73
C TYR E 291 26.08 17.69 -28.61
N ARG E 292 25.82 16.55 -28.00
CA ARG E 292 25.18 15.42 -28.66
C ARG E 292 23.93 15.03 -27.89
N GLU E 293 22.84 14.78 -28.61
CA GLU E 293 21.57 14.43 -28.02
C GLU E 293 21.18 13.02 -28.41
N SER E 294 20.62 12.27 -27.45
CA SER E 294 20.20 10.89 -27.66
C SER E 294 18.75 10.79 -28.11
N ARG E 295 18.23 11.81 -28.77
CA ARG E 295 16.85 11.79 -29.21
C ARG E 295 16.59 10.63 -30.16
N GLY E 296 15.50 9.92 -29.94
CA GLY E 296 15.17 8.79 -30.79
C GLY E 296 16.01 7.59 -30.44
N ALA E 297 16.55 6.93 -31.47
CA ALA E 297 17.35 5.74 -31.25
C ALA E 297 18.60 6.09 -30.43
N PRO E 298 19.02 5.22 -29.50
CA PRO E 298 20.16 5.56 -28.64
C PRO E 298 21.51 5.52 -29.34
N TRP E 299 21.57 5.25 -30.65
CA TRP E 299 22.82 5.22 -31.37
C TRP E 299 22.81 6.04 -32.65
N ARG E 300 21.80 6.88 -32.87
CA ARG E 300 21.80 7.82 -34.00
C ARG E 300 22.09 9.25 -33.56
N ARG E 301 23.05 9.40 -32.63
CA ARG E 301 23.35 10.68 -32.02
C ARG E 301 23.52 11.78 -33.07
N VAL E 302 23.11 12.99 -32.70
CA VAL E 302 23.14 14.14 -33.59
C VAL E 302 24.28 15.05 -33.17
N GLU E 303 24.82 15.78 -34.13
CA GLU E 303 25.89 16.74 -33.89
C GLU E 303 25.32 18.15 -33.85
N SER E 304 25.71 18.92 -32.84
CA SER E 304 25.24 20.29 -32.70
C SER E 304 26.29 21.10 -31.95
N ARG E 305 26.72 22.20 -32.54
CA ARG E 305 27.74 23.07 -31.97
C ARG E 305 27.06 24.27 -31.31
N ALA E 306 27.10 24.31 -29.98
CA ALA E 306 26.53 25.45 -29.27
C ALA E 306 27.43 26.68 -29.40
N VAL E 307 28.74 26.50 -29.25
CA VAL E 307 29.73 27.54 -29.47
C VAL E 307 30.75 27.01 -30.45
N ASP E 308 30.95 27.72 -31.56
CA ASP E 308 31.77 27.24 -32.66
C ASP E 308 32.81 28.28 -33.05
N GLY E 309 34.02 28.12 -32.55
CA GLY E 309 35.14 28.91 -32.98
C GLY E 309 35.01 30.40 -32.73
N VAL E 310 34.82 30.78 -31.47
CA VAL E 310 34.80 32.19 -31.08
C VAL E 310 36.19 32.55 -30.56
N SER E 311 36.54 33.82 -30.71
CA SER E 311 37.88 34.27 -30.35
C SER E 311 37.87 35.78 -30.24
N PHE E 312 38.40 36.29 -29.12
CA PHE E 312 38.51 37.72 -28.92
C PHE E 312 39.56 38.03 -27.87
N ARG E 313 39.62 39.29 -27.45
CA ARG E 313 40.61 39.74 -26.47
C ARG E 313 40.02 40.93 -25.74
N LEU E 314 40.05 40.89 -24.41
CA LEU E 314 39.30 41.83 -23.61
C LEU E 314 40.25 42.75 -22.86
N PRO E 315 40.31 44.04 -23.19
CA PRO E 315 41.26 44.93 -22.53
C PRO E 315 40.81 45.34 -21.14
N ARG E 316 41.80 45.61 -20.29
CA ARG E 316 41.54 45.88 -18.88
C ARG E 316 40.83 47.21 -18.70
N ALA E 317 40.08 47.31 -17.59
CA ALA E 317 39.37 48.52 -17.17
C ALA E 317 38.35 49.00 -18.19
N SER E 318 37.67 48.08 -18.87
CA SER E 318 36.75 48.42 -19.95
C SER E 318 35.55 47.48 -19.90
N THR E 319 34.77 47.48 -20.97
CA THR E 319 33.55 46.70 -21.06
C THR E 319 33.45 46.08 -22.44
N LEU E 320 32.68 45.00 -22.55
CA LEU E 320 32.48 44.33 -23.83
C LEU E 320 31.15 43.59 -23.76
N ALA E 321 30.21 43.95 -24.63
CA ALA E 321 28.88 43.38 -24.64
C ALA E 321 28.78 42.31 -25.70
N ILE E 322 28.22 41.16 -25.34
CA ILE E 322 27.99 40.05 -26.26
C ILE E 322 26.49 39.92 -26.47
N VAL E 323 26.05 40.03 -27.72
CA VAL E 323 24.62 40.03 -28.02
C VAL E 323 24.25 38.85 -28.90
N GLY E 324 22.97 38.72 -29.22
CA GLY E 324 22.49 37.60 -29.99
C GLY E 324 21.24 37.01 -29.37
N GLU E 325 20.30 36.59 -30.21
CA GLU E 325 19.04 36.02 -29.73
C GLU E 325 19.25 34.62 -29.18
N SER E 326 18.16 34.00 -28.72
CA SER E 326 18.23 32.65 -28.17
C SER E 326 18.85 31.70 -29.19
N GLY E 327 19.53 30.67 -28.68
CA GLY E 327 20.23 29.75 -29.54
C GLY E 327 21.50 30.29 -30.15
N SER E 328 22.06 31.35 -29.58
CA SER E 328 23.32 31.91 -30.04
C SER E 328 24.50 31.47 -29.19
N GLY E 329 24.27 30.62 -28.19
CA GLY E 329 25.35 30.14 -27.35
C GLY E 329 26.03 31.18 -26.52
N LYS E 330 25.44 32.37 -26.37
CA LYS E 330 26.03 33.39 -25.53
C LYS E 330 25.92 33.06 -24.06
N SER E 331 25.01 32.16 -23.68
CA SER E 331 24.92 31.70 -22.30
C SER E 331 25.81 30.51 -22.03
N THR E 332 26.12 29.70 -23.06
CA THR E 332 27.10 28.65 -22.91
C THR E 332 28.51 29.24 -22.84
N LEU E 333 28.80 30.23 -23.68
CA LEU E 333 30.07 30.93 -23.62
C LEU E 333 30.29 31.61 -22.28
N ALA E 334 29.21 31.94 -21.57
CA ALA E 334 29.36 32.55 -20.24
C ALA E 334 29.83 31.54 -19.21
N ARG E 335 29.54 30.25 -19.42
CA ARG E 335 29.99 29.23 -18.49
C ARG E 335 31.42 28.80 -18.79
N MET E 336 31.77 28.66 -20.07
CA MET E 336 33.12 28.26 -20.42
C MET E 336 34.16 29.27 -19.98
N VAL E 337 33.78 30.52 -19.76
CA VAL E 337 34.74 31.53 -19.30
C VAL E 337 34.90 31.47 -17.79
N LEU E 338 33.81 31.26 -17.06
CA LEU E 338 33.88 31.19 -15.60
C LEU E 338 34.49 29.89 -15.10
N GLY E 339 34.71 28.91 -15.97
CA GLY E 339 35.19 27.63 -15.54
C GLY E 339 34.14 26.69 -15.03
N LEU E 340 32.87 26.98 -15.26
CA LEU E 340 31.76 26.15 -14.83
C LEU E 340 31.33 25.15 -15.89
N LEU E 341 32.10 25.03 -16.98
CA LEU E 341 31.79 24.12 -18.06
C LEU E 341 33.06 23.84 -18.83
N GLN E 342 33.26 22.59 -19.22
CA GLN E 342 34.51 22.19 -19.85
C GLN E 342 34.47 22.48 -21.34
N PRO E 343 35.41 23.26 -21.88
CA PRO E 343 35.47 23.49 -23.31
C PRO E 343 36.01 22.26 -24.03
N THR E 344 36.21 22.42 -25.34
CA THR E 344 36.73 21.31 -26.14
C THR E 344 38.03 21.63 -26.83
N SER E 345 38.16 22.80 -27.46
CA SER E 345 39.39 23.09 -28.20
C SER E 345 39.81 24.54 -28.03
N GLY E 346 39.74 25.08 -26.81
CA GLY E 346 40.08 26.46 -26.58
C GLY E 346 40.82 26.66 -25.27
N THR E 347 41.39 27.86 -25.13
CA THR E 347 42.04 28.29 -23.90
C THR E 347 41.54 29.69 -23.52
N VAL E 348 41.32 29.89 -22.24
CA VAL E 348 40.76 31.14 -21.73
C VAL E 348 41.75 31.73 -20.74
N VAL E 349 43.05 31.55 -21.02
CA VAL E 349 44.10 31.85 -20.04
C VAL E 349 43.97 33.29 -19.57
N PHE E 350 43.77 33.45 -18.25
CA PHE E 350 43.66 34.75 -17.62
C PHE E 350 44.97 35.53 -17.73
N ASP E 351 45.99 35.13 -16.99
CA ASP E 351 47.35 35.62 -17.25
C ASP E 351 48.28 34.43 -17.41
N GLY E 352 48.19 33.52 -16.45
CA GLY E 352 48.85 32.23 -16.48
C GLY E 352 47.93 31.24 -15.82
N THR E 353 46.66 31.59 -15.74
CA THR E 353 45.66 30.82 -15.03
C THR E 353 44.95 29.88 -16.03
N TYR E 354 43.87 29.24 -15.60
CA TYR E 354 43.06 28.32 -16.42
C TYR E 354 43.89 27.15 -16.94
N ASP E 355 44.29 26.28 -16.01
CA ASP E 355 44.79 24.93 -16.20
C ASP E 355 46.22 24.89 -16.70
N VAL E 356 46.85 26.03 -17.00
CA VAL E 356 48.21 26.04 -17.51
C VAL E 356 49.12 26.67 -16.47
N GLY E 357 49.67 25.85 -15.58
CA GLY E 357 50.58 26.36 -14.56
C GLY E 357 49.91 26.75 -13.25
N ALA E 358 48.72 27.33 -13.31
CA ALA E 358 48.09 27.86 -12.10
C ALA E 358 46.81 27.13 -11.73
N LEU E 359 45.80 27.07 -12.61
CA LEU E 359 44.48 26.58 -12.21
C LEU E 359 44.42 25.07 -12.37
N ALA E 360 45.43 24.40 -11.81
CA ALA E 360 45.48 22.94 -11.81
C ALA E 360 44.92 22.39 -10.50
N ARG E 361 45.56 22.68 -9.38
CA ARG E 361 45.07 22.29 -8.06
C ARG E 361 45.24 23.36 -7.01
N ASP E 362 46.11 24.36 -7.25
CA ASP E 362 46.40 25.39 -6.27
C ASP E 362 45.68 26.69 -6.54
N GLN E 363 45.49 27.08 -7.79
CA GLN E 363 44.77 28.29 -8.14
C GLN E 363 43.32 27.97 -8.53
N VAL E 364 42.78 26.86 -8.03
CA VAL E 364 41.36 26.59 -8.20
C VAL E 364 40.53 27.39 -7.22
N LEU E 365 41.14 27.93 -6.17
CA LEU E 365 40.49 28.87 -5.28
C LEU E 365 41.03 30.29 -5.40
N ALA E 366 42.32 30.45 -5.66
CA ALA E 366 42.91 31.77 -5.89
C ALA E 366 42.47 32.40 -7.21
N PHE E 367 41.63 31.70 -7.98
CA PHE E 367 41.00 32.27 -9.16
C PHE E 367 39.58 32.73 -8.91
N ARG E 368 38.82 32.01 -8.07
CA ARG E 368 37.46 32.40 -7.76
C ARG E 368 37.39 33.74 -7.05
N ARG E 369 38.48 34.20 -6.44
CA ARG E 369 38.47 35.47 -5.73
C ARG E 369 38.86 36.64 -6.62
N ARG E 370 38.93 36.43 -7.94
CA ARG E 370 39.17 37.54 -8.85
C ARG E 370 38.34 37.46 -10.13
N VAL E 371 37.37 36.55 -10.21
CA VAL E 371 36.39 36.49 -11.30
C VAL E 371 35.09 35.97 -10.71
N GLN E 372 34.02 36.76 -10.80
CA GLN E 372 32.76 36.41 -10.17
C GLN E 372 31.59 36.75 -11.09
N PRO E 373 30.54 35.92 -11.09
CA PRO E 373 29.41 36.15 -11.98
C PRO E 373 28.27 36.94 -11.34
N VAL E 374 27.34 37.40 -12.18
CA VAL E 374 26.09 38.00 -11.73
C VAL E 374 24.98 37.43 -12.61
N PHE E 375 24.03 36.72 -12.01
CA PHE E 375 23.10 35.89 -12.76
C PHE E 375 21.89 36.69 -13.22
N GLN E 376 20.95 36.01 -13.89
CA GLN E 376 19.90 36.71 -14.63
C GLN E 376 18.69 37.03 -13.75
N ASN E 377 18.06 36.00 -13.19
CA ASN E 377 16.88 36.51 -12.49
C ASN E 377 17.12 36.57 -11.00
N PRO E 378 16.71 37.66 -10.35
CA PRO E 378 16.98 37.82 -8.92
C PRO E 378 16.26 36.80 -8.06
N TYR E 379 15.21 36.17 -8.55
CA TYR E 379 14.39 35.30 -7.71
C TYR E 379 14.97 33.90 -7.59
N SER E 380 15.80 33.48 -8.55
CA SER E 380 16.38 32.14 -8.47
C SER E 380 17.55 32.10 -7.50
N SER E 381 18.53 32.98 -7.68
CA SER E 381 19.66 33.05 -6.76
C SER E 381 19.18 33.55 -5.39
N LEU E 382 20.12 33.61 -4.44
CA LEU E 382 19.80 34.04 -3.08
C LEU E 382 18.75 33.14 -2.46
N ASP E 383 19.10 31.87 -2.21
CA ASP E 383 18.19 30.84 -1.73
C ASP E 383 17.28 31.33 -0.62
N PRO E 384 16.06 30.81 -0.54
CA PRO E 384 15.07 31.40 0.39
C PRO E 384 15.48 31.36 1.86
N MET E 385 16.04 30.25 2.33
CA MET E 385 16.22 30.10 3.77
C MET E 385 17.51 30.74 4.26
N TYR E 386 17.76 31.99 3.88
CA TYR E 386 18.85 32.78 4.42
C TYR E 386 18.37 34.15 4.86
N SER E 387 19.30 35.04 5.19
CA SER E 387 19.02 36.45 5.42
C SER E 387 20.00 37.26 4.60
N VAL E 388 19.68 38.55 4.41
CA VAL E 388 20.53 39.41 3.60
C VAL E 388 21.95 39.46 4.13
N PHE E 389 22.14 39.19 5.42
CA PHE E 389 23.50 39.15 5.97
C PHE E 389 24.19 37.84 5.62
N ARG E 390 23.54 36.71 5.92
CA ARG E 390 24.16 35.41 5.67
C ARG E 390 24.33 35.11 4.19
N ALA E 391 23.77 35.94 3.30
CA ALA E 391 24.01 35.78 1.87
C ALA E 391 25.23 36.54 1.40
N ILE E 392 25.50 37.70 2.01
CA ILE E 392 26.69 38.46 1.66
C ILE E 392 27.91 37.95 2.40
N GLU E 393 27.73 37.42 3.61
CA GLU E 393 28.86 36.92 4.38
C GLU E 393 29.43 35.63 3.79
N GLU E 394 28.63 34.88 3.02
CA GLU E 394 29.02 33.58 2.50
C GLU E 394 30.37 33.59 1.80
N PRO E 395 30.61 34.45 0.79
CA PRO E 395 31.91 34.42 0.10
C PRO E 395 33.09 34.78 1.00
N LEU E 396 32.85 35.24 2.23
CA LEU E 396 33.91 35.39 3.22
C LEU E 396 33.98 34.21 4.16
N ARG E 397 33.02 33.29 4.09
CA ARG E 397 33.01 32.10 4.91
C ARG E 397 33.59 30.89 4.22
N VAL E 398 33.63 30.88 2.88
CA VAL E 398 34.28 29.81 2.15
C VAL E 398 35.77 30.10 1.97
N HIS E 399 36.12 31.36 1.74
CA HIS E 399 37.45 31.87 2.01
C HIS E 399 37.52 32.18 3.49
N HIS E 400 38.58 32.87 3.91
CA HIS E 400 38.72 33.13 5.33
C HIS E 400 39.14 34.57 5.60
N VAL E 401 38.33 35.22 6.44
CA VAL E 401 38.54 36.58 6.90
C VAL E 401 38.15 36.59 8.38
N GLY E 402 38.69 37.53 9.15
CA GLY E 402 38.40 37.59 10.57
C GLY E 402 36.93 37.71 10.92
N ASP E 403 36.56 37.30 12.13
CA ASP E 403 35.17 37.25 12.56
C ASP E 403 34.67 38.62 13.01
N ARG E 404 33.62 38.64 13.82
CA ARG E 404 32.70 39.76 14.05
C ARG E 404 33.34 41.14 13.88
N ARG E 405 34.55 41.34 14.38
CA ARG E 405 35.23 42.59 14.10
C ARG E 405 35.30 42.83 12.60
N GLN E 406 35.94 41.94 11.86
CA GLN E 406 36.02 42.11 10.41
C GLN E 406 34.71 41.71 9.73
N ARG E 407 34.32 40.43 9.86
CA ARG E 407 33.28 39.87 9.00
C ARG E 407 31.94 40.57 9.16
N GLN E 408 31.74 41.29 10.26
CA GLN E 408 30.51 42.07 10.41
C GLN E 408 30.69 43.48 9.89
N ARG E 409 31.87 44.07 10.11
CA ARG E 409 32.10 45.44 9.66
C ARG E 409 32.11 45.53 8.14
N ALA E 410 32.68 44.52 7.47
CA ALA E 410 32.72 44.53 6.01
C ALA E 410 31.33 44.47 5.42
N VAL E 411 30.50 43.53 5.87
CA VAL E 411 29.20 43.32 5.26
C VAL E 411 28.33 44.57 5.35
N ARG E 412 28.37 45.28 6.47
CA ARG E 412 27.60 46.52 6.61
C ARG E 412 28.31 47.72 6.02
N GLU E 413 29.39 47.48 5.26
CA GLU E 413 30.00 48.52 4.43
C GLU E 413 29.76 48.30 2.95
N LEU E 414 29.73 47.04 2.51
CA LEU E 414 29.33 46.70 1.14
C LEU E 414 27.91 47.17 0.89
N VAL E 415 27.03 46.95 1.87
CA VAL E 415 25.62 47.35 1.80
C VAL E 415 25.54 48.84 1.49
N ASP E 416 26.50 49.62 1.96
CA ASP E 416 26.49 51.06 1.73
C ASP E 416 27.05 51.43 0.35
N GLN E 417 27.75 50.53 -0.32
CA GLN E 417 28.23 50.81 -1.67
C GLN E 417 27.15 50.60 -2.71
N VAL E 418 26.26 49.63 -2.50
CA VAL E 418 25.18 49.35 -3.45
C VAL E 418 23.93 50.11 -3.04
N ALA E 419 24.08 51.03 -2.07
CA ALA E 419 23.01 51.94 -1.67
C ALA E 419 21.78 51.18 -1.18
N LEU E 420 21.96 50.45 -0.09
CA LEU E 420 20.87 49.77 0.59
C LEU E 420 20.68 50.36 1.99
N PRO E 421 19.48 50.24 2.57
CA PRO E 421 19.19 51.00 3.80
C PRO E 421 20.01 50.58 5.00
N SER E 422 20.77 49.48 4.92
CA SER E 422 21.60 48.94 5.99
C SER E 422 20.80 48.40 7.15
N SER E 423 19.47 48.51 7.12
CA SER E 423 18.61 47.86 8.10
C SER E 423 18.07 46.54 7.61
N ILE E 424 18.25 46.22 6.32
CA ILE E 424 17.81 44.93 5.77
C ILE E 424 18.99 43.98 5.94
N LEU E 425 19.09 43.41 7.15
CA LEU E 425 20.07 42.39 7.42
C LEU E 425 19.45 41.16 8.07
N GLY E 426 18.14 41.14 8.25
CA GLY E 426 17.46 39.98 8.78
C GLY E 426 16.36 39.55 7.84
N ARG E 427 16.06 40.40 6.85
CA ARG E 427 15.03 40.09 5.88
C ARG E 427 15.43 38.88 5.05
N ARG E 428 14.58 37.87 5.02
CA ARG E 428 14.78 36.79 4.07
C ARG E 428 14.55 37.33 2.66
N PRO E 429 15.03 36.62 1.64
CA PRO E 429 14.84 37.11 0.27
C PRO E 429 13.38 37.14 -0.18
N ARG E 430 12.46 36.80 0.72
CA ARG E 430 11.05 36.81 0.36
C ARG E 430 10.51 38.23 0.28
N GLU E 431 10.68 39.00 1.36
CA GLU E 431 10.14 40.36 1.42
C GLU E 431 11.12 41.39 0.89
N LEU E 432 11.62 41.19 -0.33
CA LEU E 432 12.65 42.07 -0.87
C LEU E 432 12.28 42.80 -2.14
N SER E 433 11.19 42.42 -2.81
CA SER E 433 10.69 43.19 -3.95
C SER E 433 11.74 43.32 -5.05
N GLY E 434 12.04 42.20 -5.70
CA GLY E 434 13.10 42.08 -6.68
C GLY E 434 13.33 43.28 -7.57
N GLY E 435 14.57 43.77 -7.57
CA GLY E 435 14.93 45.04 -8.15
C GLY E 435 15.87 45.73 -7.20
N GLN E 436 15.62 45.51 -5.91
CA GLN E 436 16.64 45.68 -4.87
C GLN E 436 17.13 44.34 -4.37
N ARG E 437 16.49 43.24 -4.79
CA ARG E 437 17.03 41.91 -4.59
C ARG E 437 18.23 41.66 -5.49
N GLN E 438 18.35 42.38 -6.59
CA GLN E 438 19.52 42.29 -7.46
C GLN E 438 20.69 43.10 -6.92
N ARG E 439 20.43 44.10 -6.08
CA ARG E 439 21.52 44.81 -5.42
C ARG E 439 22.21 43.94 -4.39
N VAL E 440 21.59 42.84 -3.97
CA VAL E 440 22.25 41.90 -3.06
C VAL E 440 23.13 40.93 -3.84
N ALA E 441 22.71 40.53 -5.03
CA ALA E 441 23.56 39.68 -5.86
C ALA E 441 24.76 40.45 -6.39
N ILE E 442 24.65 41.77 -6.52
CA ILE E 442 25.79 42.57 -6.91
C ILE E 442 26.76 42.73 -5.74
N ALA E 443 26.22 42.98 -4.55
CA ALA E 443 27.07 43.14 -3.37
C ALA E 443 27.78 41.84 -3.00
N ARG E 444 27.11 40.70 -3.19
CA ARG E 444 27.77 39.43 -2.94
C ARG E 444 28.89 39.16 -3.92
N ALA E 445 28.74 39.64 -5.16
CA ALA E 445 29.77 39.40 -6.17
C ALA E 445 31.07 40.11 -5.81
N LEU E 446 30.99 41.41 -5.55
CA LEU E 446 32.19 42.19 -5.22
C LEU E 446 32.44 42.23 -3.72
N ALA E 447 32.41 41.06 -3.09
CA ALA E 447 32.75 40.95 -1.68
C ALA E 447 34.23 40.65 -1.47
N LEU E 448 34.89 40.07 -2.46
CA LEU E 448 36.32 39.78 -2.41
C LEU E 448 37.11 40.72 -3.32
N ARG E 449 36.51 41.85 -3.71
CA ARG E 449 37.00 42.83 -4.68
C ARG E 449 37.64 42.13 -5.87
N PRO E 450 36.84 41.48 -6.73
CA PRO E 450 37.40 40.88 -7.94
C PRO E 450 37.74 41.93 -8.98
N GLU E 451 38.15 41.50 -10.16
CA GLU E 451 38.47 42.42 -11.25
C GLU E 451 37.76 42.07 -12.55
N VAL E 452 36.85 41.10 -12.52
CA VAL E 452 36.05 40.74 -13.69
C VAL E 452 34.67 40.31 -13.20
N LEU E 453 33.63 40.91 -13.76
CA LEU E 453 32.27 40.47 -13.52
C LEU E 453 31.67 39.98 -14.83
N VAL E 454 30.89 38.91 -14.76
CA VAL E 454 30.23 38.37 -15.95
C VAL E 454 28.73 38.48 -15.75
N CYS E 455 28.14 39.57 -16.25
CA CYS E 455 26.71 39.83 -16.06
C CYS E 455 25.94 39.05 -17.12
N ASP E 456 25.38 37.90 -16.72
CA ASP E 456 24.65 37.04 -17.63
C ASP E 456 23.19 37.51 -17.64
N GLU E 457 22.96 38.60 -18.38
CA GLU E 457 21.63 39.22 -18.48
C GLU E 457 21.10 39.58 -17.09
N ALA E 458 21.94 40.24 -16.30
CA ALA E 458 21.59 40.55 -14.93
C ALA E 458 20.41 41.49 -14.81
N VAL E 459 20.15 42.30 -15.85
CA VAL E 459 19.16 43.36 -15.77
C VAL E 459 18.03 43.17 -16.76
N SER E 460 17.98 42.01 -17.43
CA SER E 460 16.96 41.80 -18.45
C SER E 460 15.57 41.63 -17.85
N ALA E 461 15.46 41.05 -16.66
CA ALA E 461 14.18 40.69 -16.06
C ALA E 461 13.71 41.71 -15.03
N LEU E 462 13.96 42.99 -15.25
CA LEU E 462 13.56 44.03 -14.32
C LEU E 462 12.60 45.00 -15.00
N ASP E 463 12.05 45.91 -14.19
CA ASP E 463 11.12 46.91 -14.69
C ASP E 463 11.86 47.92 -15.57
N VAL E 464 11.11 48.91 -16.07
CA VAL E 464 11.71 49.89 -16.97
C VAL E 464 12.47 50.95 -16.20
N LEU E 465 11.97 51.33 -15.02
CA LEU E 465 12.64 52.33 -14.20
C LEU E 465 13.68 51.73 -13.27
N VAL E 466 13.45 50.51 -12.79
CA VAL E 466 14.45 49.84 -11.97
C VAL E 466 15.68 49.50 -12.79
N GLN E 467 15.47 49.07 -14.05
CA GLN E 467 16.60 48.73 -14.91
C GLN E 467 17.49 49.93 -15.19
N ALA E 468 16.90 51.13 -15.31
CA ALA E 468 17.70 52.30 -15.59
C ALA E 468 18.65 52.67 -14.44
N GLN E 469 18.36 52.20 -13.23
CA GLN E 469 19.20 52.51 -12.09
C GLN E 469 20.34 51.53 -11.91
N ILE E 470 20.13 50.26 -12.24
CA ILE E 470 21.20 49.28 -12.10
C ILE E 470 22.31 49.52 -13.11
N LEU E 471 21.94 49.87 -14.35
CA LEU E 471 22.96 50.25 -15.32
C LEU E 471 23.71 51.50 -14.87
N ASP E 472 23.00 52.45 -14.28
CA ASP E 472 23.65 53.64 -13.76
C ASP E 472 24.38 53.40 -12.46
N LEU E 473 24.20 52.22 -11.85
CA LEU E 473 24.96 51.84 -10.67
C LEU E 473 26.22 51.07 -11.02
N LEU E 474 26.14 50.18 -12.01
CA LEU E 474 27.34 49.48 -12.46
C LEU E 474 28.34 50.42 -13.11
N ALA E 475 27.86 51.51 -13.71
CA ALA E 475 28.74 52.39 -14.47
C ALA E 475 29.63 53.25 -13.58
N ASP E 476 29.22 53.50 -12.33
CA ASP E 476 30.09 54.19 -11.38
C ASP E 476 30.65 53.26 -10.32
N LEU E 477 30.18 52.03 -10.23
CA LEU E 477 30.89 51.00 -9.48
C LEU E 477 32.12 50.51 -10.22
N GLN E 478 32.40 51.06 -11.40
CA GLN E 478 33.60 50.75 -12.16
C GLN E 478 34.60 51.88 -12.17
N ALA E 479 34.16 53.12 -12.34
CA ALA E 479 35.08 54.25 -12.42
C ALA E 479 35.91 54.40 -11.14
N ASP E 480 35.45 53.87 -10.01
CA ASP E 480 36.23 53.91 -8.78
C ASP E 480 37.07 52.65 -8.61
N LEU E 481 36.41 51.49 -8.54
CA LEU E 481 37.11 50.24 -8.29
C LEU E 481 38.06 49.87 -9.40
N GLY E 482 37.82 50.35 -10.62
CA GLY E 482 38.60 49.92 -11.76
C GLY E 482 38.24 48.51 -12.17
N LEU E 483 36.95 48.24 -12.26
CA LEU E 483 36.46 46.91 -12.61
C LEU E 483 36.65 46.67 -14.10
N THR E 484 36.16 45.51 -14.56
CA THR E 484 36.27 45.12 -15.95
C THR E 484 35.14 44.16 -16.26
N TYR E 485 34.12 44.65 -16.97
CA TYR E 485 32.89 43.90 -17.18
C TYR E 485 32.96 43.07 -18.46
N LEU E 486 32.18 42.00 -18.48
CA LEU E 486 31.87 41.25 -19.70
C LEU E 486 30.35 41.12 -19.71
N PHE E 487 29.69 42.15 -20.24
CA PHE E 487 28.24 42.20 -20.23
C PHE E 487 27.67 41.29 -21.30
N ILE E 488 26.58 40.61 -20.98
CA ILE E 488 25.91 39.71 -21.92
C ILE E 488 24.44 40.11 -21.98
N SER E 489 24.00 40.56 -23.14
CA SER E 489 22.64 41.02 -23.35
C SER E 489 22.01 40.25 -24.50
N HIS E 490 20.77 40.61 -24.83
CA HIS E 490 20.05 40.00 -25.94
C HIS E 490 19.47 41.02 -26.90
N ASP E 491 19.86 42.28 -26.78
CA ASP E 491 19.39 43.32 -27.69
C ASP E 491 20.35 44.49 -27.64
N LEU E 492 20.49 45.17 -28.78
CA LEU E 492 21.36 46.33 -28.88
C LEU E 492 20.79 47.55 -28.17
N ALA E 493 19.67 47.44 -27.47
CA ALA E 493 19.03 48.61 -26.90
C ALA E 493 19.88 49.23 -25.80
N VAL E 494 20.06 48.50 -24.70
CA VAL E 494 20.88 49.00 -23.61
C VAL E 494 22.33 48.58 -23.79
N ILE E 495 23.04 49.26 -24.69
CA ILE E 495 24.47 49.07 -24.85
C ILE E 495 25.16 50.42 -24.88
N ARG E 496 24.68 51.32 -25.75
CA ARG E 496 25.31 52.60 -26.03
C ARG E 496 25.70 53.35 -24.77
N GLN E 497 24.97 53.12 -23.68
CA GLN E 497 25.28 53.79 -22.42
C GLN E 497 26.62 53.31 -21.87
N ILE E 498 26.82 51.99 -21.79
CA ILE E 498 27.93 51.40 -21.05
C ILE E 498 29.01 50.85 -21.99
N ALA E 499 28.64 49.90 -22.84
CA ALA E 499 29.64 49.10 -23.55
C ALA E 499 30.55 49.97 -24.42
N ASP E 500 31.81 49.54 -24.53
CA ASP E 500 32.80 50.18 -25.38
C ASP E 500 33.27 49.29 -26.52
N ASP E 501 32.69 48.11 -26.66
CA ASP E 501 33.08 47.12 -27.67
C ASP E 501 31.98 46.07 -27.72
N VAL E 502 31.59 45.68 -28.93
CA VAL E 502 30.43 44.82 -29.13
C VAL E 502 30.83 43.59 -29.92
N LEU E 503 30.34 42.43 -29.48
CA LEU E 503 30.48 41.17 -30.19
C LEU E 503 29.10 40.60 -30.46
N VAL E 504 28.82 40.28 -31.72
CA VAL E 504 27.51 39.76 -32.13
C VAL E 504 27.67 38.28 -32.47
N MET E 505 26.67 37.48 -32.09
CA MET E 505 26.69 36.04 -32.30
C MET E 505 25.40 35.59 -32.96
N ARG E 506 25.52 34.65 -33.89
CA ARG E 506 24.36 34.02 -34.50
C ARG E 506 24.65 32.54 -34.67
N ALA E 507 23.76 31.69 -34.17
CA ALA E 507 23.86 30.24 -34.31
C ALA E 507 25.16 29.71 -33.73
N GLY E 508 25.75 30.49 -32.82
CA GLY E 508 26.98 30.08 -32.17
C GLY E 508 28.23 30.34 -32.97
N ARG E 509 28.28 31.43 -33.72
CA ARG E 509 29.47 31.82 -34.47
C ARG E 509 29.51 33.33 -34.56
N VAL E 510 30.66 33.91 -34.24
CA VAL E 510 30.80 35.36 -34.27
C VAL E 510 30.48 35.90 -35.66
N VAL E 511 29.78 37.03 -35.72
CA VAL E 511 29.38 37.65 -36.97
C VAL E 511 30.17 38.93 -37.23
N GLU E 512 30.06 39.91 -36.34
CA GLU E 512 30.85 41.13 -36.41
C GLU E 512 31.42 41.44 -35.04
N HIS E 513 32.59 42.07 -35.04
CA HIS E 513 33.25 42.48 -33.80
C HIS E 513 34.00 43.77 -34.06
N ALA E 514 33.59 44.83 -33.37
CA ALA E 514 34.21 46.15 -33.52
C ALA E 514 33.68 47.05 -32.42
N SER E 515 34.20 48.27 -32.37
CA SER E 515 33.83 49.21 -31.32
C SER E 515 32.35 49.56 -31.41
N THR E 516 31.83 50.15 -30.34
CA THR E 516 30.41 50.45 -30.24
C THR E 516 30.00 51.67 -31.06
N GLU E 517 30.92 52.27 -31.81
CA GLU E 517 30.58 53.32 -32.76
C GLU E 517 30.61 52.84 -34.20
N GLU E 518 31.55 51.95 -34.54
CA GLU E 518 31.52 51.29 -35.84
C GLU E 518 30.44 50.24 -35.94
N VAL E 519 29.56 50.15 -34.95
CA VAL E 519 28.44 49.23 -34.99
C VAL E 519 27.10 49.92 -34.85
N PHE E 520 27.03 51.08 -34.19
CA PHE E 520 25.77 51.80 -34.04
C PHE E 520 25.60 52.90 -35.07
N SER E 521 26.58 53.12 -35.93
CA SER E 521 26.48 54.13 -36.98
C SER E 521 26.92 53.65 -38.34
N ARG E 522 27.61 52.52 -38.44
CA ARG E 522 28.13 52.05 -39.71
C ARG E 522 28.43 50.55 -39.66
N PRO E 523 27.42 49.70 -39.49
CA PRO E 523 27.69 48.26 -39.47
C PRO E 523 27.93 47.71 -40.87
N ARG E 524 28.77 46.69 -40.94
CA ARG E 524 29.19 46.09 -42.20
C ARG E 524 28.74 44.64 -42.30
N HIS E 525 27.51 44.36 -41.89
CA HIS E 525 26.97 43.02 -42.04
C HIS E 525 25.45 43.10 -42.05
N GLU E 526 24.82 42.08 -42.63
CA GLU E 526 23.37 42.07 -42.76
C GLU E 526 22.71 41.84 -41.40
N TYR E 527 23.00 40.70 -40.78
CA TYR E 527 22.29 40.30 -39.56
C TYR E 527 22.47 41.29 -38.43
N THR E 528 23.53 42.09 -38.44
CA THR E 528 23.71 43.13 -37.44
C THR E 528 23.20 44.48 -37.92
N ARG E 529 22.72 44.57 -39.15
CA ARG E 529 22.04 45.76 -39.63
C ARG E 529 20.53 45.66 -39.49
N GLN E 530 20.01 44.48 -39.19
CA GLN E 530 18.61 44.31 -38.86
C GLN E 530 18.37 44.28 -37.36
N LEU E 531 19.42 44.05 -36.56
CA LEU E 531 19.31 44.28 -35.13
C LEU E 531 19.25 45.76 -34.80
N LEU E 532 19.75 46.61 -35.69
CA LEU E 532 19.62 48.06 -35.49
C LEU E 532 18.21 48.51 -35.83
N GLN E 533 17.69 48.09 -36.98
CA GLN E 533 16.32 48.42 -37.35
C GLN E 533 15.33 47.39 -36.83
N ALA E 534 15.48 47.06 -35.55
CA ALA E 534 14.49 46.25 -34.85
C ALA E 534 14.25 46.77 -33.44
N ILE E 535 14.85 47.88 -33.05
CA ILE E 535 14.59 48.54 -31.78
C ILE E 535 13.51 49.57 -32.03
N PRO E 536 12.69 49.91 -31.03
CA PRO E 536 11.53 50.79 -31.30
C PRO E 536 11.89 52.16 -31.87
N GLY E 537 13.16 52.50 -31.99
CA GLY E 537 13.54 53.75 -32.61
C GLY E 537 13.14 53.87 -34.06
C1 PLM F . -26.25 -14.88 -11.82
O2 PLM F . -27.08 -15.76 -12.11
C2 PLM F . -26.71 -13.67 -11.04
C3 PLM F . -27.50 -12.68 -11.84
C4 PLM F . -27.36 -11.26 -11.31
C5 PLM F . -27.96 -11.04 -9.95
C6 PLM F . -28.79 -9.80 -9.83
C7 PLM F . -28.00 -8.51 -9.87
C8 PLM F . -28.16 -7.64 -8.66
C9 PLM F . -27.70 -6.21 -8.85
CA PLM F . -26.26 -6.08 -9.28
C21 9XX G . -25.69 -7.61 -13.44
C23 9XX G . -24.16 -5.81 -14.23
C6 9XX G . -19.85 -3.54 -12.43
C7 9XX G . -19.03 -4.52 -13.28
C8 9XX G . -19.11 -5.92 -12.67
C11 9XX G . -19.19 -9.11 -14.72
C13 9XX G . -19.26 -11.43 -15.65
C14 9XX G . -20.36 -10.99 -16.62
C15 9XX G . -21.44 -12.07 -16.68
C16 9XX G . -22.84 -10.58 -15.53
C17 9XX G . -24.26 -10.41 -15.01
O 9XX G . -22.73 -11.79 -16.22
C10 9XX G . -19.29 -8.28 -13.46
C12 9XX G . -19.34 -10.60 -14.37
C18 9XX G . -26.23 -9.27 -15.56
C19 9XX G . -26.41 -7.76 -15.82
C20 9XX G . -26.64 -7.05 -14.50
C22 9XX G . -24.25 -7.28 -13.82
C24 9XX G . -22.89 -5.59 -15.04
C25 9XX G . -23.06 -4.33 -15.90
C26 9XX G . -22.33 -4.54 -17.23
C27 9XX G . -21.25 -3.46 -17.40
C28 9XX G . -21.92 -2.10 -17.53
C29 9XX G . -21.39 -1.17 -16.44
C30 9XX G . -21.85 0.26 -16.72
C36 9XX G . -20.43 -3.77 -18.64
C37 9XX G . -24.79 -11.75 -14.52
C5 9XX G . -20.09 -2.26 -13.23
C9 9XX G . -18.58 -6.94 -13.67
O1 9XX G . -25.09 -9.92 -16.03
O2 9XX G . -27.06 -9.87 -14.97
O6 9XX G . -21.18 -13.14 -17.11
#